data_2M4I
#
_entry.id   2M4I
#
_entity_poly.entity_id   1
_entity_poly.type   'polypeptide(L)'
_entity_poly.pdbx_seq_one_letter_code
;GSHMKTKKQQYVTIKGTKNGLTLHLDDACSFDELLDGLQNMLSIEQYTDGKGQKISVHVKLGNRFLYKEQEEQLTELIAS
KKDLFVHSIDSEVITKKEAQQIREE
;
_entity_poly.pdbx_strand_id   A
#
# COMPACT_ATOMS: atom_id res chain seq x y z
N GLY A 1 -32.74 4.51 0.50
CA GLY A 1 -33.54 3.30 0.17
C GLY A 1 -32.76 2.33 -0.71
N SER A 2 -33.46 1.36 -1.28
CA SER A 2 -32.84 0.38 -2.16
C SER A 2 -32.51 0.99 -3.52
N HIS A 3 -31.25 0.87 -3.93
CA HIS A 3 -30.81 1.40 -5.21
C HIS A 3 -29.69 0.54 -5.78
N MET A 4 -29.91 -0.01 -6.97
CA MET A 4 -28.93 -0.87 -7.61
C MET A 4 -27.73 -0.05 -8.10
N LYS A 5 -26.52 -0.53 -7.81
CA LYS A 5 -25.31 0.17 -8.19
C LYS A 5 -24.58 -0.59 -9.30
N THR A 6 -23.93 0.15 -10.18
CA THR A 6 -23.16 -0.44 -11.28
C THR A 6 -21.72 -0.68 -10.83
N LYS A 7 -20.83 -0.95 -11.78
CA LYS A 7 -19.43 -1.20 -11.44
C LYS A 7 -18.72 0.12 -11.14
N LYS A 8 -17.52 0.03 -10.60
CA LYS A 8 -16.75 1.20 -10.26
C LYS A 8 -15.48 1.28 -11.09
N GLN A 9 -14.87 2.46 -11.13
CA GLN A 9 -13.66 2.66 -11.91
C GLN A 9 -12.47 2.92 -10.99
N GLN A 10 -12.62 3.89 -10.09
CA GLN A 10 -11.55 4.24 -9.16
C GLN A 10 -12.07 4.31 -7.74
N TYR A 11 -11.77 3.29 -6.94
CA TYR A 11 -12.21 3.25 -5.56
C TYR A 11 -11.03 3.05 -4.60
N VAL A 12 -11.28 3.31 -3.34
CA VAL A 12 -10.28 3.17 -2.30
C VAL A 12 -10.88 2.53 -1.05
N THR A 13 -10.15 1.62 -0.44
CA THR A 13 -10.61 0.94 0.75
C THR A 13 -9.40 0.49 1.59
N ILE A 14 -9.50 0.66 2.90
CA ILE A 14 -8.42 0.29 3.82
C ILE A 14 -8.98 -0.46 5.03
N LYS A 15 -8.58 -1.71 5.18
CA LYS A 15 -9.05 -2.53 6.29
C LYS A 15 -7.96 -2.74 7.33
N GLY A 16 -8.15 -2.14 8.50
CA GLY A 16 -7.22 -2.27 9.59
C GLY A 16 -7.92 -2.04 10.90
N THR A 17 -8.80 -2.97 11.24
CA THR A 17 -9.57 -2.87 12.47
C THR A 17 -9.18 -3.94 13.49
N LYS A 18 -9.51 -5.19 13.21
CA LYS A 18 -9.18 -6.29 14.10
C LYS A 18 -8.26 -7.25 13.37
N ASN A 19 -7.68 -6.76 12.29
CA ASN A 19 -6.80 -7.57 11.47
C ASN A 19 -5.48 -6.84 11.24
N GLY A 20 -4.68 -7.32 10.29
CA GLY A 20 -3.42 -6.68 9.99
C GLY A 20 -3.60 -5.37 9.25
N LEU A 21 -3.47 -5.41 7.94
CA LEU A 21 -3.61 -4.22 7.11
C LEU A 21 -3.86 -4.61 5.66
N THR A 22 -5.11 -4.57 5.25
CA THR A 22 -5.48 -4.91 3.88
C THR A 22 -6.06 -3.69 3.18
N LEU A 23 -5.29 -3.09 2.28
CA LEU A 23 -5.73 -1.91 1.56
C LEU A 23 -5.61 -2.11 0.06
N HIS A 24 -6.53 -1.50 -0.67
CA HIS A 24 -6.54 -1.58 -2.12
C HIS A 24 -6.91 -0.24 -2.73
N LEU A 25 -5.97 0.36 -3.43
CA LEU A 25 -6.20 1.63 -4.09
C LEU A 25 -6.26 1.37 -5.59
N ASP A 26 -7.31 1.85 -6.24
CA ASP A 26 -7.47 1.65 -7.67
C ASP A 26 -7.59 3.01 -8.38
N ASP A 27 -6.45 3.66 -8.58
CA ASP A 27 -6.43 4.96 -9.24
C ASP A 27 -5.07 5.22 -9.87
N ALA A 28 -5.07 5.72 -11.09
CA ALA A 28 -3.83 5.99 -11.82
C ALA A 28 -3.55 7.49 -11.89
N CYS A 29 -2.27 7.84 -11.81
CA CYS A 29 -1.80 9.25 -11.86
C CYS A 29 -2.42 10.10 -10.74
N SER A 30 -2.89 9.46 -9.69
CA SER A 30 -3.49 10.17 -8.58
C SER A 30 -2.66 9.94 -7.31
N PHE A 31 -2.72 10.90 -6.40
CA PHE A 31 -1.96 10.81 -5.14
C PHE A 31 -2.65 9.85 -4.17
N ASP A 32 -1.84 9.17 -3.38
CA ASP A 32 -2.33 8.20 -2.40
C ASP A 32 -1.97 8.66 -0.99
N GLU A 33 -1.90 9.96 -0.79
CA GLU A 33 -1.57 10.53 0.52
C GLU A 33 -2.61 10.13 1.58
N LEU A 34 -3.84 9.90 1.15
CA LEU A 34 -4.90 9.50 2.07
C LEU A 34 -4.88 7.99 2.27
N LEU A 35 -3.99 7.32 1.55
CA LEU A 35 -3.86 5.88 1.63
C LEU A 35 -2.63 5.51 2.44
N ASP A 36 -1.49 6.10 2.08
CA ASP A 36 -0.22 5.82 2.77
C ASP A 36 -0.28 6.29 4.22
N GLY A 37 -1.08 7.33 4.46
CA GLY A 37 -1.23 7.86 5.81
C GLY A 37 -1.82 6.81 6.75
N LEU A 38 -2.95 6.26 6.35
CA LEU A 38 -3.63 5.23 7.15
C LEU A 38 -2.79 3.97 7.20
N GLN A 39 -2.12 3.66 6.09
CA GLN A 39 -1.27 2.49 5.98
C GLN A 39 -0.26 2.44 7.13
N ASN A 40 0.45 3.55 7.32
CA ASN A 40 1.45 3.63 8.38
C ASN A 40 0.79 3.74 9.74
N MET A 41 -0.25 4.55 9.84
CA MET A 41 -0.98 4.76 11.08
C MET A 41 -1.49 3.45 11.69
N LEU A 42 -2.13 2.64 10.86
CA LEU A 42 -2.68 1.37 11.32
C LEU A 42 -1.59 0.37 11.69
N SER A 43 -0.54 0.31 10.87
CA SER A 43 0.59 -0.60 11.12
C SER A 43 1.26 -0.29 12.47
N ILE A 44 1.36 0.99 12.80
CA ILE A 44 1.97 1.40 14.06
C ILE A 44 0.97 1.22 15.20
N GLU A 45 -0.30 1.47 14.92
CA GLU A 45 -1.35 1.37 15.92
C GLU A 45 -1.53 -0.08 16.38
N GLN A 46 -2.01 -0.94 15.48
CA GLN A 46 -2.25 -2.33 15.83
C GLN A 46 -2.46 -3.19 14.58
N TYR A 47 -1.60 -4.18 14.41
CA TYR A 47 -1.69 -5.11 13.29
C TYR A 47 -1.92 -6.51 13.83
N THR A 48 -2.36 -6.55 15.09
CA THR A 48 -2.63 -7.79 15.78
C THR A 48 -4.00 -8.36 15.39
N ASP A 49 -4.00 -9.31 14.48
CA ASP A 49 -5.23 -9.95 14.03
C ASP A 49 -5.68 -11.03 15.01
N GLY A 50 -4.77 -11.93 15.34
CA GLY A 50 -5.08 -12.99 16.28
C GLY A 50 -5.11 -14.36 15.61
N LYS A 51 -5.50 -14.39 14.34
CA LYS A 51 -5.57 -15.64 13.61
C LYS A 51 -4.53 -15.67 12.51
N GLY A 52 -4.45 -14.56 11.81
CA GLY A 52 -3.50 -14.41 10.73
C GLY A 52 -3.58 -13.03 10.11
N GLN A 53 -2.83 -12.10 10.69
CA GLN A 53 -2.82 -10.72 10.23
C GLN A 53 -2.48 -10.63 8.75
N LYS A 54 -3.47 -10.20 7.97
CA LYS A 54 -3.31 -10.06 6.54
C LYS A 54 -2.80 -8.66 6.20
N ILE A 55 -1.49 -8.55 6.03
CA ILE A 55 -0.87 -7.27 5.71
C ILE A 55 -0.53 -7.23 4.22
N SER A 56 -1.56 -7.15 3.40
CA SER A 56 -1.38 -7.12 1.96
C SER A 56 -1.65 -5.73 1.40
N VAL A 57 -0.57 -5.02 1.10
CA VAL A 57 -0.68 -3.67 0.54
C VAL A 57 -0.71 -3.77 -0.98
N HIS A 58 -1.91 -3.80 -1.54
CA HIS A 58 -2.08 -3.90 -2.97
C HIS A 58 -2.42 -2.54 -3.58
N VAL A 59 -1.38 -1.84 -4.00
CA VAL A 59 -1.53 -0.52 -4.59
C VAL A 59 -1.62 -0.63 -6.11
N LYS A 60 -2.82 -0.90 -6.60
CA LYS A 60 -3.04 -1.03 -8.03
C LYS A 60 -3.25 0.35 -8.65
N LEU A 61 -2.18 1.12 -8.67
CA LEU A 61 -2.21 2.48 -9.21
C LEU A 61 -2.12 2.44 -10.73
N GLY A 62 -0.97 2.05 -11.22
CA GLY A 62 -0.75 1.99 -12.66
C GLY A 62 0.48 2.77 -13.05
N ASN A 63 0.32 3.77 -13.91
CA ASN A 63 1.45 4.57 -14.36
C ASN A 63 1.73 5.72 -13.39
N ARG A 64 1.28 5.56 -12.15
CA ARG A 64 1.47 6.58 -11.13
C ARG A 64 2.94 6.66 -10.74
N PHE A 65 3.63 5.52 -10.82
CA PHE A 65 5.05 5.44 -10.47
C PHE A 65 5.29 5.94 -9.05
N LEU A 66 4.91 5.14 -8.09
CA LEU A 66 5.07 5.49 -6.69
C LEU A 66 6.50 5.25 -6.22
N TYR A 67 6.91 6.02 -5.24
CA TYR A 67 8.25 5.89 -4.68
C TYR A 67 8.29 4.71 -3.72
N LYS A 68 8.44 3.51 -4.30
CA LYS A 68 8.51 2.29 -3.51
C LYS A 68 9.61 2.36 -2.47
N GLU A 69 10.70 3.04 -2.82
CA GLU A 69 11.83 3.18 -1.91
C GLU A 69 11.45 3.92 -0.62
N GLN A 70 10.43 4.78 -0.70
CA GLN A 70 9.98 5.52 0.47
C GLN A 70 9.22 4.61 1.43
N GLU A 71 8.46 3.68 0.86
CA GLU A 71 7.68 2.75 1.66
C GLU A 71 8.53 1.54 2.05
N GLU A 72 9.45 1.19 1.16
CA GLU A 72 10.35 0.06 1.37
C GLU A 72 11.23 0.26 2.59
N GLN A 73 11.74 1.47 2.78
CA GLN A 73 12.62 1.77 3.92
C GLN A 73 11.89 1.55 5.24
N LEU A 74 10.60 1.87 5.30
CA LEU A 74 9.84 1.67 6.52
C LEU A 74 9.45 0.19 6.64
N THR A 75 9.28 -0.44 5.48
CA THR A 75 8.93 -1.86 5.44
C THR A 75 10.08 -2.71 5.97
N GLU A 76 11.32 -2.23 5.75
CA GLU A 76 12.51 -2.93 6.20
C GLU A 76 12.45 -3.24 7.70
N LEU A 77 11.81 -2.35 8.45
CA LEU A 77 11.67 -2.51 9.89
C LEU A 77 10.79 -3.72 10.22
N ILE A 78 9.80 -3.96 9.36
CA ILE A 78 8.89 -5.08 9.54
C ILE A 78 9.45 -6.32 8.84
N ALA A 79 10.24 -6.10 7.81
CA ALA A 79 10.86 -7.18 7.05
C ALA A 79 11.76 -8.03 7.94
N SER A 80 12.29 -7.42 8.99
CA SER A 80 13.15 -8.12 9.93
C SER A 80 12.36 -9.11 10.78
N LYS A 81 11.04 -8.99 10.74
CA LYS A 81 10.16 -9.88 11.49
C LYS A 81 8.91 -10.18 10.69
N LYS A 82 9.10 -10.37 9.39
CA LYS A 82 7.99 -10.65 8.48
C LYS A 82 7.47 -12.07 8.60
N ASP A 83 6.97 -12.42 9.78
CA ASP A 83 6.42 -13.74 10.03
C ASP A 83 4.93 -13.74 9.73
N LEU A 84 4.41 -12.53 9.55
CA LEU A 84 2.99 -12.33 9.25
C LEU A 84 2.77 -12.42 7.75
N PHE A 85 1.51 -12.35 7.32
CA PHE A 85 1.19 -12.42 5.91
C PHE A 85 1.29 -11.04 5.27
N VAL A 86 2.52 -10.59 5.08
CA VAL A 86 2.77 -9.29 4.48
C VAL A 86 3.15 -9.43 3.01
N HIS A 87 2.49 -8.65 2.16
CA HIS A 87 2.75 -8.68 0.73
C HIS A 87 2.33 -7.37 0.07
N SER A 88 3.32 -6.56 -0.28
CA SER A 88 3.06 -5.27 -0.90
C SER A 88 3.49 -5.31 -2.37
N ILE A 89 2.62 -4.81 -3.25
CA ILE A 89 2.93 -4.78 -4.67
C ILE A 89 2.09 -3.71 -5.38
N ASP A 90 2.75 -2.96 -6.24
CA ASP A 90 2.09 -1.90 -7.01
C ASP A 90 2.01 -2.29 -8.49
N SER A 91 1.96 -1.31 -9.39
CA SER A 91 1.88 -1.59 -10.82
C SER A 91 2.83 -0.70 -11.62
N GLU A 92 4.02 -0.45 -11.06
CA GLU A 92 5.03 0.39 -11.71
C GLU A 92 5.46 -0.17 -13.06
N VAL A 93 6.19 0.63 -13.81
CA VAL A 93 6.69 0.23 -15.12
C VAL A 93 8.20 0.02 -15.06
N ILE A 94 8.61 -1.22 -15.32
CA ILE A 94 10.03 -1.57 -15.30
C ILE A 94 10.83 -0.74 -16.32
N THR A 95 11.87 -0.09 -15.83
CA THR A 95 12.72 0.73 -16.68
C THR A 95 14.17 0.24 -16.65
N LYS A 96 14.66 -0.24 -17.79
CA LYS A 96 16.02 -0.74 -17.89
C LYS A 96 16.97 0.41 -18.19
N LYS A 97 17.34 1.14 -17.15
CA LYS A 97 18.23 2.28 -17.28
C LYS A 97 19.28 2.26 -16.18
N GLU A 98 20.48 2.71 -16.50
CA GLU A 98 21.56 2.78 -15.53
C GLU A 98 21.43 4.05 -14.70
N ALA A 99 20.56 4.00 -13.70
CA ALA A 99 20.36 5.13 -12.82
C ALA A 99 21.46 5.16 -11.75
N GLN A 100 22.65 5.56 -12.17
CA GLN A 100 23.79 5.63 -11.28
C GLN A 100 23.63 6.79 -10.31
N GLN A 101 23.66 6.49 -9.03
CA GLN A 101 23.53 7.50 -8.01
C GLN A 101 24.88 8.12 -7.70
N ILE A 102 25.27 9.07 -8.53
CA ILE A 102 26.52 9.78 -8.36
C ILE A 102 26.24 11.27 -8.33
N ARG A 103 26.49 11.90 -7.19
CA ARG A 103 26.24 13.31 -7.05
C ARG A 103 27.49 14.07 -6.65
N GLU A 104 27.83 15.08 -7.43
CA GLU A 104 29.00 15.91 -7.14
C GLU A 104 28.54 17.27 -6.64
N GLU A 105 27.25 17.35 -6.30
CA GLU A 105 26.66 18.58 -5.81
C GLU A 105 26.93 18.71 -4.32
N GLY A 1 -35.88 13.52 -10.94
CA GLY A 1 -35.23 13.46 -9.61
C GLY A 1 -33.79 12.99 -9.69
N SER A 2 -33.05 13.18 -8.60
CA SER A 2 -31.65 12.78 -8.54
C SER A 2 -31.51 11.26 -8.45
N HIS A 3 -30.31 10.77 -8.72
CA HIS A 3 -30.06 9.33 -8.67
C HIS A 3 -29.45 8.91 -7.34
N MET A 4 -29.35 7.61 -7.13
CA MET A 4 -28.79 7.06 -5.91
C MET A 4 -27.37 6.57 -6.17
N LYS A 5 -26.76 5.94 -5.17
CA LYS A 5 -25.41 5.42 -5.34
C LYS A 5 -25.44 4.20 -6.25
N THR A 6 -24.47 4.10 -7.15
CA THR A 6 -24.42 2.99 -8.09
C THR A 6 -23.07 2.27 -8.01
N LYS A 7 -23.01 1.10 -8.64
CA LYS A 7 -21.79 0.27 -8.68
C LYS A 7 -20.66 1.02 -9.38
N LYS A 8 -19.43 0.69 -9.00
CA LYS A 8 -18.26 1.32 -9.59
C LYS A 8 -17.14 0.31 -9.82
N GLN A 9 -16.36 0.53 -10.87
CA GLN A 9 -15.26 -0.36 -11.20
C GLN A 9 -14.04 -0.06 -10.34
N GLN A 10 -13.65 1.20 -10.30
CA GLN A 10 -12.49 1.61 -9.51
C GLN A 10 -12.94 2.35 -8.25
N TYR A 11 -12.18 2.18 -7.18
CA TYR A 11 -12.50 2.82 -5.91
C TYR A 11 -11.31 2.71 -4.94
N VAL A 12 -11.53 3.11 -3.69
CA VAL A 12 -10.51 3.04 -2.68
C VAL A 12 -11.11 2.54 -1.36
N THR A 13 -10.41 1.65 -0.68
CA THR A 13 -10.89 1.10 0.58
C THR A 13 -9.71 0.60 1.42
N ILE A 14 -9.80 0.79 2.72
CA ILE A 14 -8.75 0.37 3.65
C ILE A 14 -9.38 -0.33 4.86
N LYS A 15 -9.07 -1.60 5.04
CA LYS A 15 -9.61 -2.36 6.16
C LYS A 15 -8.53 -2.68 7.18
N GLY A 16 -8.57 -1.97 8.30
CA GLY A 16 -7.61 -2.18 9.36
C GLY A 16 -8.22 -1.94 10.72
N THR A 17 -8.79 -2.99 11.30
CA THR A 17 -9.44 -2.88 12.60
C THR A 17 -8.85 -3.89 13.60
N LYS A 18 -9.33 -5.12 13.53
CA LYS A 18 -8.86 -6.18 14.41
C LYS A 18 -8.08 -7.20 13.62
N ASN A 19 -7.53 -6.73 12.51
CA ASN A 19 -6.76 -7.56 11.61
C ASN A 19 -5.44 -6.84 11.31
N GLY A 20 -4.73 -7.28 10.28
CA GLY A 20 -3.49 -6.62 9.91
C GLY A 20 -3.75 -5.33 9.16
N LEU A 21 -3.89 -5.42 7.85
CA LEU A 21 -4.15 -4.26 7.02
C LEU A 21 -4.49 -4.67 5.59
N THR A 22 -5.74 -4.48 5.20
CA THR A 22 -6.18 -4.82 3.86
C THR A 22 -6.56 -3.56 3.10
N LEU A 23 -5.60 -2.96 2.41
CA LEU A 23 -5.84 -1.74 1.66
C LEU A 23 -5.84 -2.01 0.17
N HIS A 24 -6.70 -1.28 -0.54
CA HIS A 24 -6.80 -1.42 -1.98
C HIS A 24 -7.21 -0.10 -2.64
N LEU A 25 -6.29 0.49 -3.39
CA LEU A 25 -6.55 1.71 -4.10
C LEU A 25 -6.43 1.44 -5.59
N ASP A 26 -7.47 1.76 -6.35
CA ASP A 26 -7.47 1.52 -7.78
C ASP A 26 -7.68 2.80 -8.57
N ASP A 27 -6.62 3.57 -8.74
CA ASP A 27 -6.69 4.83 -9.49
C ASP A 27 -5.32 5.16 -10.06
N ALA A 28 -5.29 5.78 -11.23
CA ALA A 28 -4.04 6.11 -11.90
C ALA A 28 -3.76 7.61 -11.86
N CYS A 29 -2.48 7.94 -11.74
CA CYS A 29 -1.98 9.33 -11.71
C CYS A 29 -2.41 10.11 -10.47
N SER A 30 -3.19 9.49 -9.61
CA SER A 30 -3.64 10.14 -8.38
C SER A 30 -2.63 9.95 -7.26
N PHE A 31 -2.67 10.83 -6.27
CA PHE A 31 -1.75 10.75 -5.15
C PHE A 31 -2.28 9.80 -4.09
N ASP A 32 -1.38 9.02 -3.51
CA ASP A 32 -1.71 8.05 -2.48
C ASP A 32 -1.37 8.60 -1.10
N GLU A 33 -1.33 9.93 -0.98
CA GLU A 33 -1.01 10.59 0.28
C GLU A 33 -1.97 10.18 1.40
N LEU A 34 -3.25 9.99 1.09
CA LEU A 34 -4.22 9.58 2.09
C LEU A 34 -4.06 8.09 2.39
N LEU A 35 -3.75 7.34 1.35
CA LEU A 35 -3.57 5.90 1.48
C LEU A 35 -2.36 5.58 2.34
N ASP A 36 -1.21 6.13 1.95
CA ASP A 36 0.05 5.92 2.68
C ASP A 36 -0.08 6.40 4.12
N GLY A 37 -0.75 7.54 4.27
CA GLY A 37 -0.96 8.11 5.59
C GLY A 37 -1.62 7.16 6.56
N LEU A 38 -2.73 6.56 6.14
CA LEU A 38 -3.46 5.62 6.97
C LEU A 38 -2.74 4.27 7.04
N GLN A 39 -2.13 3.89 5.92
CA GLN A 39 -1.41 2.63 5.83
C GLN A 39 -0.31 2.56 6.89
N ASN A 40 0.56 3.55 6.88
CA ASN A 40 1.67 3.61 7.84
C ASN A 40 1.16 3.73 9.27
N MET A 41 0.09 4.49 9.44
CA MET A 41 -0.49 4.70 10.76
C MET A 41 -1.01 3.39 11.38
N LEU A 42 -1.85 2.68 10.63
CA LEU A 42 -2.44 1.43 11.13
C LEU A 42 -1.38 0.33 11.29
N SER A 43 -0.41 0.29 10.40
CA SER A 43 0.65 -0.72 10.46
C SER A 43 1.43 -0.66 11.78
N ILE A 44 1.43 0.50 12.42
CA ILE A 44 2.12 0.67 13.69
C ILE A 44 1.11 0.93 14.81
N GLU A 45 -0.17 0.79 14.50
CA GLU A 45 -1.22 1.01 15.48
C GLU A 45 -1.88 -0.30 15.87
N GLN A 46 -2.37 -1.02 14.89
CA GLN A 46 -3.04 -2.29 15.14
C GLN A 46 -2.75 -3.26 14.01
N TYR A 47 -1.92 -4.25 14.28
CA TYR A 47 -1.56 -5.27 13.30
C TYR A 47 -1.50 -6.63 13.99
N THR A 48 -2.33 -6.79 15.00
CA THR A 48 -2.39 -8.03 15.75
C THR A 48 -3.66 -8.80 15.45
N ASP A 49 -3.52 -10.02 14.97
CA ASP A 49 -4.66 -10.86 14.64
C ASP A 49 -4.39 -12.29 15.09
N GLY A 50 -5.30 -12.85 15.87
CA GLY A 50 -5.14 -14.20 16.38
C GLY A 50 -5.34 -15.26 15.30
N LYS A 51 -5.86 -14.85 14.15
CA LYS A 51 -6.10 -15.76 13.05
C LYS A 51 -5.09 -15.48 11.92
N GLY A 52 -4.07 -14.70 12.25
CA GLY A 52 -3.08 -14.38 11.25
C GLY A 52 -3.33 -13.03 10.61
N GLN A 53 -2.63 -12.02 11.10
CA GLN A 53 -2.78 -10.66 10.60
C GLN A 53 -2.44 -10.58 9.10
N LYS A 54 -3.44 -10.28 8.30
CA LYS A 54 -3.27 -10.16 6.86
C LYS A 54 -2.92 -8.74 6.48
N ILE A 55 -1.67 -8.50 6.12
CA ILE A 55 -1.22 -7.18 5.70
C ILE A 55 -0.99 -7.18 4.20
N SER A 56 -2.00 -6.78 3.46
CA SER A 56 -1.92 -6.76 2.01
C SER A 56 -1.90 -5.33 1.48
N VAL A 57 -0.76 -4.90 1.00
CA VAL A 57 -0.60 -3.55 0.46
C VAL A 57 -0.74 -3.59 -1.05
N HIS A 58 -1.95 -3.35 -1.54
CA HIS A 58 -2.22 -3.37 -2.97
C HIS A 58 -2.34 -1.94 -3.49
N VAL A 59 -1.22 -1.38 -3.91
CA VAL A 59 -1.17 -0.02 -4.42
C VAL A 59 -1.23 -0.01 -5.94
N LYS A 60 -2.42 -0.15 -6.50
CA LYS A 60 -2.62 -0.16 -7.94
C LYS A 60 -2.79 1.27 -8.45
N LEU A 61 -1.71 2.04 -8.34
CA LEU A 61 -1.72 3.44 -8.77
C LEU A 61 -1.35 3.58 -10.24
N GLY A 62 -0.89 2.50 -10.84
CA GLY A 62 -0.52 2.53 -12.24
C GLY A 62 0.72 3.36 -12.52
N ASN A 63 0.68 4.15 -13.59
CA ASN A 63 1.81 4.99 -13.97
C ASN A 63 1.92 6.25 -13.11
N ARG A 64 1.56 6.14 -11.84
CA ARG A 64 1.63 7.28 -10.93
C ARG A 64 3.07 7.51 -10.48
N PHE A 65 3.92 6.52 -10.73
CA PHE A 65 5.34 6.58 -10.36
C PHE A 65 5.48 6.60 -8.84
N LEU A 66 5.39 5.42 -8.24
CA LEU A 66 5.48 5.30 -6.79
C LEU A 66 6.92 5.01 -6.38
N TYR A 67 7.44 5.81 -5.46
CA TYR A 67 8.80 5.62 -4.98
C TYR A 67 8.83 4.42 -4.03
N LYS A 68 9.13 3.25 -4.59
CA LYS A 68 9.19 2.02 -3.79
C LYS A 68 10.23 2.15 -2.68
N GLU A 69 11.16 3.09 -2.86
CA GLU A 69 12.21 3.33 -1.88
C GLU A 69 11.57 3.71 -0.54
N GLN A 70 10.55 4.57 -0.62
CA GLN A 70 9.83 5.04 0.55
C GLN A 70 9.11 3.89 1.24
N GLU A 71 8.43 3.07 0.45
CA GLU A 71 7.70 1.93 0.98
C GLU A 71 8.66 0.94 1.61
N GLU A 72 9.75 0.67 0.92
CA GLU A 72 10.76 -0.28 1.39
C GLU A 72 11.40 0.17 2.70
N GLN A 73 11.81 1.44 2.76
CA GLN A 73 12.48 1.97 3.96
C GLN A 73 11.60 1.84 5.21
N LEU A 74 10.28 1.94 5.04
CA LEU A 74 9.39 1.82 6.18
C LEU A 74 9.08 0.37 6.48
N THR A 75 9.10 -0.48 5.44
CA THR A 75 8.82 -1.89 5.61
C THR A 75 10.00 -2.61 6.25
N GLU A 76 11.20 -2.07 6.05
CA GLU A 76 12.44 -2.64 6.61
C GLU A 76 12.33 -2.95 8.11
N LEU A 77 11.64 -2.07 8.85
CA LEU A 77 11.49 -2.26 10.29
C LEU A 77 10.70 -3.51 10.62
N ILE A 78 9.81 -3.90 9.72
CA ILE A 78 9.00 -5.10 9.91
C ILE A 78 9.56 -6.27 9.11
N ALA A 79 10.24 -5.97 8.00
CA ALA A 79 10.82 -6.99 7.14
C ALA A 79 11.89 -7.82 7.84
N SER A 80 12.42 -7.29 8.93
CA SER A 80 13.44 -7.98 9.70
C SER A 80 12.84 -9.11 10.54
N LYS A 81 11.52 -9.09 10.65
CA LYS A 81 10.77 -10.08 11.40
C LYS A 81 9.37 -10.21 10.83
N LYS A 82 9.29 -10.31 9.51
CA LYS A 82 8.00 -10.40 8.84
C LYS A 82 7.40 -11.80 8.90
N ASP A 83 7.10 -12.24 10.12
CA ASP A 83 6.50 -13.55 10.33
C ASP A 83 5.02 -13.47 10.01
N LEU A 84 4.52 -12.24 9.95
CA LEU A 84 3.13 -11.97 9.65
C LEU A 84 2.85 -12.18 8.16
N PHE A 85 1.58 -12.17 7.79
CA PHE A 85 1.20 -12.36 6.41
C PHE A 85 1.16 -11.03 5.67
N VAL A 86 2.35 -10.48 5.43
CA VAL A 86 2.47 -9.20 4.73
C VAL A 86 2.82 -9.42 3.27
N HIS A 87 2.06 -8.78 2.38
CA HIS A 87 2.28 -8.88 0.95
C HIS A 87 2.06 -7.54 0.28
N SER A 88 3.12 -6.86 -0.07
CA SER A 88 3.04 -5.56 -0.72
C SER A 88 3.25 -5.71 -2.22
N ILE A 89 2.42 -5.04 -3.01
CA ILE A 89 2.52 -5.10 -4.46
C ILE A 89 1.98 -3.82 -5.08
N ASP A 90 2.67 -3.35 -6.11
CA ASP A 90 2.29 -2.13 -6.82
C ASP A 90 1.81 -2.48 -8.23
N SER A 91 1.65 -1.47 -9.08
CA SER A 91 1.20 -1.68 -10.44
C SER A 91 1.82 -0.63 -11.38
N GLU A 92 3.07 -0.26 -11.11
CA GLU A 92 3.75 0.74 -11.95
C GLU A 92 4.40 0.09 -13.16
N VAL A 93 5.17 0.87 -13.92
CA VAL A 93 5.84 0.37 -15.10
C VAL A 93 7.34 0.71 -15.06
N ILE A 94 8.17 -0.32 -15.20
CA ILE A 94 9.62 -0.15 -15.17
C ILE A 94 10.08 0.76 -16.29
N THR A 95 10.68 1.88 -15.92
CA THR A 95 11.18 2.85 -16.87
C THR A 95 12.31 3.65 -16.24
N LYS A 96 13.26 4.09 -17.07
CA LYS A 96 14.38 4.86 -16.56
C LYS A 96 14.04 6.35 -16.55
N LYS A 97 13.39 6.78 -15.49
CA LYS A 97 13.01 8.18 -15.35
C LYS A 97 13.98 8.89 -14.42
N GLU A 98 14.64 9.91 -14.94
CA GLU A 98 15.60 10.69 -14.15
C GLU A 98 14.86 11.67 -13.26
N ALA A 99 14.14 11.15 -12.29
CA ALA A 99 13.38 11.97 -11.37
C ALA A 99 14.17 12.22 -10.09
N GLN A 100 14.95 13.30 -10.12
CA GLN A 100 15.75 13.68 -8.96
C GLN A 100 14.83 14.18 -7.84
N GLN A 101 15.13 13.78 -6.61
CA GLN A 101 14.31 14.18 -5.47
C GLN A 101 14.60 15.63 -5.06
N ILE A 102 14.32 16.54 -5.97
CA ILE A 102 14.52 17.96 -5.72
C ILE A 102 13.18 18.68 -5.85
N ARG A 103 12.65 19.19 -4.75
CA ARG A 103 11.38 19.87 -4.76
C ARG A 103 11.46 21.19 -3.99
N GLU A 104 10.55 22.09 -4.30
CA GLU A 104 10.50 23.38 -3.64
C GLU A 104 9.35 23.36 -2.63
N GLU A 105 8.89 22.15 -2.31
CA GLU A 105 7.80 21.95 -1.38
C GLU A 105 8.13 20.79 -0.45
N GLY A 1 -34.59 -1.80 -3.23
CA GLY A 1 -33.94 -3.05 -2.78
C GLY A 1 -32.57 -3.23 -3.39
N SER A 2 -31.86 -4.26 -2.96
CA SER A 2 -30.53 -4.55 -3.46
C SER A 2 -30.58 -4.98 -4.92
N HIS A 3 -29.65 -4.50 -5.72
CA HIS A 3 -29.59 -4.83 -7.14
C HIS A 3 -28.14 -5.05 -7.57
N MET A 4 -27.97 -5.58 -8.76
CA MET A 4 -26.65 -5.84 -9.31
C MET A 4 -26.06 -4.55 -9.88
N LYS A 5 -24.87 -4.19 -9.41
CA LYS A 5 -24.21 -2.99 -9.87
C LYS A 5 -23.29 -3.30 -11.04
N THR A 6 -22.89 -2.28 -11.76
CA THR A 6 -22.02 -2.45 -12.91
C THR A 6 -20.55 -2.51 -12.47
N LYS A 7 -19.64 -2.42 -13.43
CA LYS A 7 -18.22 -2.47 -13.14
C LYS A 7 -17.76 -1.16 -12.50
N LYS A 8 -16.67 -1.24 -11.77
CA LYS A 8 -16.12 -0.08 -11.08
C LYS A 8 -14.94 0.50 -11.84
N GLN A 9 -14.73 1.80 -11.66
CA GLN A 9 -13.61 2.49 -12.30
C GLN A 9 -12.46 2.60 -11.31
N GLN A 10 -12.69 3.32 -10.23
CA GLN A 10 -11.70 3.50 -9.18
C GLN A 10 -12.28 3.01 -7.86
N TYR A 11 -11.48 2.30 -7.08
CA TYR A 11 -11.94 1.76 -5.81
C TYR A 11 -10.94 2.07 -4.70
N VAL A 12 -11.39 1.95 -3.46
CA VAL A 12 -10.54 2.21 -2.31
C VAL A 12 -11.15 1.57 -1.04
N THR A 13 -10.32 0.84 -0.31
CA THR A 13 -10.74 0.20 0.93
C THR A 13 -9.54 -0.02 1.83
N ILE A 14 -9.73 0.19 3.12
CA ILE A 14 -8.66 0.02 4.10
C ILE A 14 -9.15 -0.80 5.29
N LYS A 15 -8.74 -2.07 5.34
CA LYS A 15 -9.13 -2.95 6.43
C LYS A 15 -8.07 -2.96 7.53
N GLY A 16 -8.40 -2.36 8.67
CA GLY A 16 -7.48 -2.32 9.79
C GLY A 16 -8.22 -2.38 11.11
N THR A 17 -9.34 -3.08 11.11
CA THR A 17 -10.17 -3.21 12.31
C THR A 17 -9.65 -4.33 13.20
N LYS A 18 -10.09 -5.55 12.93
CA LYS A 18 -9.69 -6.71 13.72
C LYS A 18 -8.67 -7.54 12.94
N ASN A 19 -8.12 -6.94 11.90
CA ASN A 19 -7.15 -7.59 11.05
C ASN A 19 -5.84 -6.81 11.10
N GLY A 20 -4.82 -7.30 10.39
CA GLY A 20 -3.55 -6.61 10.36
C GLY A 20 -3.65 -5.30 9.63
N LEU A 21 -3.61 -5.36 8.30
CA LEU A 21 -3.71 -4.17 7.47
C LEU A 21 -3.84 -4.54 6.00
N THR A 22 -5.06 -4.55 5.50
CA THR A 22 -5.30 -4.87 4.11
C THR A 22 -5.90 -3.67 3.40
N LEU A 23 -5.09 -2.99 2.61
CA LEU A 23 -5.54 -1.80 1.89
C LEU A 23 -5.45 -2.03 0.39
N HIS A 24 -6.45 -1.54 -0.32
CA HIS A 24 -6.51 -1.69 -1.77
C HIS A 24 -7.02 -0.41 -2.42
N LEU A 25 -6.23 0.15 -3.33
CA LEU A 25 -6.60 1.37 -4.04
C LEU A 25 -6.42 1.15 -5.53
N ASP A 26 -7.39 1.60 -6.31
CA ASP A 26 -7.32 1.46 -7.77
C ASP A 26 -7.51 2.81 -8.45
N ASP A 27 -6.57 3.72 -8.21
CA ASP A 27 -6.63 5.04 -8.80
C ASP A 27 -5.27 5.43 -9.36
N ALA A 28 -5.17 5.47 -10.68
CA ALA A 28 -3.92 5.82 -11.34
C ALA A 28 -3.80 7.31 -11.57
N CYS A 29 -2.56 7.79 -11.49
CA CYS A 29 -2.23 9.21 -11.71
C CYS A 29 -2.86 10.13 -10.64
N SER A 30 -2.94 9.63 -9.41
CA SER A 30 -3.51 10.41 -8.31
C SER A 30 -2.61 10.36 -7.08
N PHE A 31 -2.87 11.23 -6.13
CA PHE A 31 -2.10 11.28 -4.89
C PHE A 31 -2.75 10.38 -3.84
N ASP A 32 -2.02 9.37 -3.41
CA ASP A 32 -2.51 8.41 -2.42
C ASP A 32 -2.20 8.86 -1.00
N GLU A 33 -2.12 10.17 -0.80
CA GLU A 33 -1.81 10.74 0.51
C GLU A 33 -2.77 10.21 1.59
N LEU A 34 -4.04 10.07 1.23
CA LEU A 34 -5.05 9.58 2.16
C LEU A 34 -4.85 8.10 2.47
N LEU A 35 -4.33 7.37 1.48
CA LEU A 35 -4.10 5.95 1.64
C LEU A 35 -2.83 5.71 2.44
N ASP A 36 -1.76 6.42 2.07
CA ASP A 36 -0.48 6.30 2.75
C ASP A 36 -0.63 6.64 4.23
N GLY A 37 -1.40 7.68 4.50
CA GLY A 37 -1.62 8.10 5.87
C GLY A 37 -2.18 6.98 6.72
N LEU A 38 -3.22 6.33 6.24
CA LEU A 38 -3.84 5.22 6.95
C LEU A 38 -2.90 4.02 6.99
N GLN A 39 -2.19 3.79 5.89
CA GLN A 39 -1.24 2.69 5.80
C GLN A 39 -0.16 2.80 6.88
N ASN A 40 0.52 3.94 6.92
CA ASN A 40 1.57 4.18 7.90
C ASN A 40 1.01 4.20 9.32
N MET A 41 -0.13 4.84 9.48
CA MET A 41 -0.77 4.94 10.79
C MET A 41 -1.12 3.58 11.36
N LEU A 42 -1.91 2.81 10.62
CA LEU A 42 -2.37 1.50 11.07
C LEU A 42 -1.22 0.51 11.24
N SER A 43 -0.25 0.54 10.33
CA SER A 43 0.90 -0.37 10.39
C SER A 43 1.57 -0.36 11.76
N ILE A 44 1.69 0.82 12.35
CA ILE A 44 2.34 0.96 13.65
C ILE A 44 1.32 0.99 14.79
N GLU A 45 0.09 1.37 14.47
CA GLU A 45 -0.97 1.45 15.47
C GLU A 45 -1.37 0.08 16.02
N GLN A 46 -1.90 -0.78 15.15
CA GLN A 46 -2.35 -2.09 15.56
C GLN A 46 -2.40 -3.06 14.39
N TYR A 47 -1.72 -4.19 14.53
CA TYR A 47 -1.70 -5.22 13.51
C TYR A 47 -1.87 -6.59 14.16
N THR A 48 -2.47 -6.58 15.33
CA THR A 48 -2.69 -7.79 16.10
C THR A 48 -4.04 -8.40 15.79
N ASP A 49 -4.09 -9.20 14.71
CA ASP A 49 -5.31 -9.86 14.29
C ASP A 49 -5.68 -10.96 15.28
N GLY A 50 -4.71 -11.78 15.64
CA GLY A 50 -4.93 -12.85 16.59
C GLY A 50 -5.05 -14.22 15.94
N LYS A 51 -5.58 -14.25 14.72
CA LYS A 51 -5.76 -15.50 14.00
C LYS A 51 -4.75 -15.57 12.85
N GLY A 52 -4.63 -14.48 12.13
CA GLY A 52 -3.70 -14.42 11.01
C GLY A 52 -3.73 -13.06 10.36
N GLN A 53 -2.98 -12.13 10.93
CA GLN A 53 -2.92 -10.76 10.43
C GLN A 53 -2.51 -10.69 8.96
N LYS A 54 -3.42 -10.20 8.13
CA LYS A 54 -3.18 -10.06 6.71
C LYS A 54 -2.76 -8.63 6.41
N ILE A 55 -1.52 -8.47 5.98
CA ILE A 55 -0.98 -7.14 5.66
C ILE A 55 -0.65 -7.10 4.17
N SER A 56 -1.68 -7.06 3.35
CA SER A 56 -1.49 -7.02 1.92
C SER A 56 -1.69 -5.61 1.37
N VAL A 57 -0.58 -4.91 1.16
CA VAL A 57 -0.61 -3.57 0.63
C VAL A 57 -0.66 -3.62 -0.90
N HIS A 58 -1.86 -3.55 -1.44
CA HIS A 58 -2.05 -3.60 -2.88
C HIS A 58 -2.35 -2.22 -3.43
N VAL A 59 -1.31 -1.55 -3.92
CA VAL A 59 -1.47 -0.21 -4.46
C VAL A 59 -1.43 -0.23 -5.98
N LYS A 60 -2.59 -0.18 -6.60
CA LYS A 60 -2.69 -0.19 -8.05
C LYS A 60 -2.69 1.24 -8.57
N LEU A 61 -1.55 1.89 -8.43
CA LEU A 61 -1.39 3.28 -8.84
C LEU A 61 -1.08 3.38 -10.33
N GLY A 62 -0.73 2.26 -10.93
CA GLY A 62 -0.43 2.25 -12.36
C GLY A 62 0.85 3.00 -12.69
N ASN A 63 0.80 3.82 -13.73
CA ASN A 63 1.97 4.58 -14.17
C ASN A 63 2.18 5.83 -13.30
N ARG A 64 1.61 5.83 -12.10
CA ARG A 64 1.76 6.97 -11.20
C ARG A 64 3.24 7.20 -10.88
N PHE A 65 3.98 6.09 -10.75
CA PHE A 65 5.41 6.11 -10.46
C PHE A 65 5.65 6.76 -9.08
N LEU A 66 5.58 5.94 -8.05
CA LEU A 66 5.79 6.42 -6.69
C LEU A 66 7.18 5.99 -6.21
N TYR A 67 7.69 6.67 -5.19
CA TYR A 67 9.00 6.34 -4.63
C TYR A 67 8.89 5.09 -3.78
N LYS A 68 8.63 3.97 -4.45
CA LYS A 68 8.45 2.66 -3.81
C LYS A 68 9.58 2.35 -2.83
N GLU A 69 10.79 2.80 -3.14
CA GLU A 69 11.94 2.57 -2.28
C GLU A 69 11.79 3.31 -0.95
N GLN A 70 11.09 4.43 -0.97
CA GLN A 70 10.86 5.22 0.23
C GLN A 70 9.92 4.47 1.15
N GLU A 71 8.91 3.84 0.57
CA GLU A 71 7.96 3.07 1.35
C GLU A 71 8.61 1.78 1.83
N GLU A 72 9.45 1.21 0.98
CA GLU A 72 10.14 -0.04 1.30
C GLU A 72 11.09 0.13 2.48
N GLN A 73 11.89 1.19 2.47
CA GLN A 73 12.84 1.43 3.56
C GLN A 73 12.16 1.47 4.93
N LEU A 74 10.92 1.93 4.98
CA LEU A 74 10.21 2.00 6.26
C LEU A 74 9.49 0.67 6.54
N THR A 75 9.25 -0.09 5.48
CA THR A 75 8.59 -1.39 5.60
C THR A 75 9.62 -2.46 6.01
N GLU A 76 10.90 -2.15 5.76
CA GLU A 76 12.00 -3.05 6.10
C GLU A 76 11.99 -3.38 7.59
N LEU A 77 11.45 -2.47 8.38
CA LEU A 77 11.36 -2.63 9.83
C LEU A 77 10.60 -3.91 10.16
N ILE A 78 9.53 -4.16 9.42
CA ILE A 78 8.71 -5.35 9.63
C ILE A 78 9.24 -6.51 8.79
N ALA A 79 9.79 -6.18 7.62
CA ALA A 79 10.32 -7.17 6.70
C ALA A 79 11.46 -7.98 7.32
N SER A 80 12.13 -7.40 8.31
CA SER A 80 13.25 -8.07 8.98
C SER A 80 12.81 -9.38 9.64
N LYS A 81 11.53 -9.43 10.02
CA LYS A 81 10.95 -10.61 10.65
C LYS A 81 9.46 -10.68 10.34
N LYS A 82 9.17 -10.69 9.05
CA LYS A 82 7.79 -10.72 8.57
C LYS A 82 7.17 -12.11 8.68
N ASP A 83 6.75 -12.47 9.89
CA ASP A 83 6.10 -13.76 10.14
C ASP A 83 4.63 -13.66 9.77
N LEU A 84 4.15 -12.42 9.67
CA LEU A 84 2.76 -12.16 9.33
C LEU A 84 2.53 -12.34 7.83
N PHE A 85 1.28 -12.37 7.42
CA PHE A 85 0.95 -12.53 6.02
C PHE A 85 0.99 -11.19 5.30
N VAL A 86 2.20 -10.70 5.08
CA VAL A 86 2.41 -9.43 4.42
C VAL A 86 2.59 -9.63 2.92
N HIS A 87 2.05 -8.71 2.13
CA HIS A 87 2.15 -8.79 0.68
C HIS A 87 1.99 -7.40 0.09
N SER A 88 3.10 -6.67 -0.01
CA SER A 88 3.10 -5.32 -0.54
C SER A 88 3.52 -5.32 -2.02
N ILE A 89 2.63 -4.92 -2.90
CA ILE A 89 2.92 -4.87 -4.32
C ILE A 89 2.27 -3.65 -4.96
N ASP A 90 2.93 -3.09 -5.96
CA ASP A 90 2.41 -1.93 -6.65
C ASP A 90 2.15 -2.27 -8.12
N SER A 91 2.35 -1.33 -9.04
CA SER A 91 2.11 -1.60 -10.45
C SER A 91 3.18 -0.96 -11.32
N GLU A 92 4.32 -1.62 -11.43
CA GLU A 92 5.41 -1.11 -12.24
C GLU A 92 5.22 -1.48 -13.71
N VAL A 93 4.71 -0.51 -14.48
CA VAL A 93 4.47 -0.71 -15.91
C VAL A 93 5.80 -0.91 -16.65
N ILE A 94 6.84 -0.22 -16.20
CA ILE A 94 8.14 -0.34 -16.83
C ILE A 94 9.24 -0.30 -15.77
N THR A 95 10.04 -1.35 -15.72
CA THR A 95 11.13 -1.41 -14.75
C THR A 95 12.42 -0.91 -15.39
N LYS A 96 12.57 0.40 -15.40
CA LYS A 96 13.75 1.04 -15.97
C LYS A 96 14.83 1.21 -14.92
N LYS A 97 16.06 1.38 -15.37
CA LYS A 97 17.18 1.54 -14.46
C LYS A 97 17.24 2.98 -13.96
N GLU A 98 17.53 3.14 -12.67
CA GLU A 98 17.62 4.47 -12.07
C GLU A 98 18.99 5.09 -12.36
N ALA A 99 19.39 5.05 -13.62
CA ALA A 99 20.67 5.59 -14.04
C ALA A 99 20.59 7.10 -14.24
N GLN A 100 20.25 7.81 -13.19
CA GLN A 100 20.17 9.25 -13.23
C GLN A 100 21.22 9.85 -12.32
N GLN A 101 22.03 10.75 -12.86
CA GLN A 101 23.07 11.39 -12.07
C GLN A 101 22.46 12.46 -11.17
N ILE A 102 21.93 12.02 -10.05
CA ILE A 102 21.33 12.91 -9.08
C ILE A 102 21.92 12.64 -7.71
N ARG A 103 22.22 13.68 -6.97
CA ARG A 103 22.79 13.55 -5.65
C ARG A 103 22.54 14.81 -4.84
N GLU A 104 21.64 14.71 -3.87
CA GLU A 104 21.29 15.85 -3.02
C GLU A 104 22.19 15.89 -1.79
N GLU A 105 23.35 15.28 -1.90
CA GLU A 105 24.32 15.23 -0.81
C GLU A 105 25.15 16.50 -0.79
N GLY A 1 -36.63 -0.89 -3.48
CA GLY A 1 -37.39 -0.02 -2.53
C GLY A 1 -36.92 1.41 -2.60
N SER A 2 -35.89 1.73 -1.83
CA SER A 2 -35.36 3.09 -1.80
C SER A 2 -34.08 3.18 -2.64
N HIS A 3 -33.60 4.40 -2.85
CA HIS A 3 -32.39 4.61 -3.64
C HIS A 3 -31.14 4.24 -2.84
N MET A 4 -30.20 3.57 -3.51
CA MET A 4 -28.96 3.15 -2.88
C MET A 4 -27.78 3.41 -3.82
N LYS A 5 -26.59 3.01 -3.39
CA LYS A 5 -25.39 3.21 -4.17
C LYS A 5 -25.35 2.28 -5.39
N THR A 6 -24.64 2.69 -6.42
CA THR A 6 -24.53 1.92 -7.64
C THR A 6 -23.06 1.67 -7.96
N LYS A 7 -22.80 0.75 -8.90
CA LYS A 7 -21.45 0.40 -9.32
C LYS A 7 -20.66 1.61 -9.78
N LYS A 8 -19.34 1.53 -9.60
CA LYS A 8 -18.44 2.60 -9.99
C LYS A 8 -17.19 2.03 -10.65
N GLN A 9 -16.39 2.90 -11.27
CA GLN A 9 -15.16 2.47 -11.95
C GLN A 9 -14.11 2.06 -10.93
N GLN A 10 -13.52 3.04 -10.27
CA GLN A 10 -12.50 2.78 -9.26
C GLN A 10 -13.03 3.07 -7.88
N TYR A 11 -12.35 2.54 -6.88
CA TYR A 11 -12.73 2.73 -5.48
C TYR A 11 -11.55 2.39 -4.58
N VAL A 12 -11.62 2.82 -3.33
CA VAL A 12 -10.56 2.57 -2.38
C VAL A 12 -11.11 1.86 -1.14
N THR A 13 -10.39 0.86 -0.67
CA THR A 13 -10.81 0.12 0.51
C THR A 13 -9.63 -0.03 1.47
N ILE A 14 -9.87 0.21 2.75
CA ILE A 14 -8.85 0.11 3.77
C ILE A 14 -9.38 -0.67 4.96
N LYS A 15 -9.13 -1.97 4.95
CA LYS A 15 -9.58 -2.84 6.02
C LYS A 15 -8.55 -2.90 7.15
N GLY A 16 -8.91 -2.31 8.27
CA GLY A 16 -8.04 -2.29 9.43
C GLY A 16 -8.82 -2.53 10.70
N THR A 17 -9.90 -3.30 10.59
CA THR A 17 -10.74 -3.60 11.72
C THR A 17 -10.55 -5.04 12.19
N LYS A 18 -10.03 -5.21 13.41
CA LYS A 18 -9.79 -6.54 13.99
C LYS A 18 -8.90 -7.37 13.06
N ASN A 19 -7.87 -6.75 12.52
CA ASN A 19 -6.97 -7.42 11.61
C ASN A 19 -5.63 -6.68 11.55
N GLY A 20 -4.93 -6.81 10.44
CA GLY A 20 -3.66 -6.14 10.29
C GLY A 20 -3.78 -4.88 9.46
N LEU A 21 -3.75 -5.05 8.15
CA LEU A 21 -3.84 -3.92 7.24
C LEU A 21 -4.04 -4.40 5.80
N THR A 22 -5.29 -4.48 5.38
CA THR A 22 -5.60 -4.92 4.03
C THR A 22 -6.22 -3.77 3.24
N LEU A 23 -5.41 -3.10 2.44
CA LEU A 23 -5.87 -1.96 1.66
C LEU A 23 -5.64 -2.19 0.17
N HIS A 24 -6.47 -1.56 -0.65
CA HIS A 24 -6.36 -1.67 -2.09
C HIS A 24 -6.89 -0.41 -2.78
N LEU A 25 -6.03 0.24 -3.54
CA LEU A 25 -6.40 1.43 -4.27
C LEU A 25 -6.15 1.17 -5.75
N ASP A 26 -7.16 1.40 -6.56
CA ASP A 26 -7.03 1.18 -8.00
C ASP A 26 -7.35 2.45 -8.77
N ASP A 27 -6.42 3.40 -8.72
CA ASP A 27 -6.59 4.67 -9.43
C ASP A 27 -5.24 5.12 -9.95
N ALA A 28 -5.22 5.64 -11.18
CA ALA A 28 -3.98 6.08 -11.80
C ALA A 28 -3.87 7.59 -11.87
N CYS A 29 -2.63 8.08 -11.76
CA CYS A 29 -2.31 9.51 -11.83
C CYS A 29 -2.98 10.32 -10.73
N SER A 30 -3.29 9.68 -9.61
CA SER A 30 -3.90 10.37 -8.49
C SER A 30 -2.97 10.40 -7.29
N PHE A 31 -3.32 11.21 -6.30
CA PHE A 31 -2.51 11.33 -5.09
C PHE A 31 -2.72 10.14 -4.17
N ASP A 32 -1.68 9.74 -3.47
CA ASP A 32 -1.75 8.61 -2.55
C ASP A 32 -1.26 9.03 -1.16
N GLU A 33 -1.19 10.33 -0.93
CA GLU A 33 -0.72 10.87 0.36
C GLU A 33 -1.59 10.37 1.51
N LEU A 34 -2.90 10.25 1.27
CA LEU A 34 -3.82 9.77 2.29
C LEU A 34 -3.65 8.27 2.47
N LEU A 35 -3.43 7.58 1.37
CA LEU A 35 -3.27 6.13 1.40
C LEU A 35 -2.05 5.74 2.24
N ASP A 36 -0.93 6.42 1.99
CA ASP A 36 0.30 6.14 2.74
C ASP A 36 0.10 6.46 4.22
N GLY A 37 -0.48 7.63 4.48
CA GLY A 37 -0.73 8.05 5.86
C GLY A 37 -1.62 7.08 6.61
N LEU A 38 -2.44 6.33 5.89
CA LEU A 38 -3.33 5.36 6.51
C LEU A 38 -2.59 4.07 6.82
N GLN A 39 -1.90 3.52 5.82
CA GLN A 39 -1.17 2.27 5.97
C GLN A 39 0.04 2.43 6.91
N ASN A 40 0.67 3.61 6.85
CA ASN A 40 1.85 3.89 7.68
C ASN A 40 1.46 4.12 9.14
N MET A 41 0.17 4.16 9.40
CA MET A 41 -0.32 4.39 10.76
C MET A 41 -1.06 3.17 11.30
N LEU A 42 -1.99 2.64 10.51
CA LEU A 42 -2.79 1.48 10.92
C LEU A 42 -1.92 0.27 11.23
N SER A 43 -0.82 0.12 10.50
CA SER A 43 0.09 -1.01 10.70
C SER A 43 0.76 -0.96 12.08
N ILE A 44 0.62 0.17 12.76
CA ILE A 44 1.19 0.33 14.09
C ILE A 44 0.09 0.49 15.13
N GLU A 45 -1.03 1.08 14.70
CA GLU A 45 -2.17 1.32 15.57
C GLU A 45 -2.83 0.01 16.00
N GLN A 46 -3.27 -0.78 15.04
CA GLN A 46 -3.92 -2.04 15.33
C GLN A 46 -3.57 -3.10 14.29
N TYR A 47 -2.62 -3.96 14.64
CA TYR A 47 -2.20 -5.02 13.74
C TYR A 47 -2.10 -6.32 14.53
N THR A 48 -2.84 -6.36 15.63
CA THR A 48 -2.84 -7.52 16.50
C THR A 48 -4.10 -8.37 16.32
N ASP A 49 -3.93 -9.48 15.61
CA ASP A 49 -5.03 -10.42 15.38
C ASP A 49 -4.63 -11.78 15.96
N GLY A 50 -5.48 -12.79 15.79
CA GLY A 50 -5.19 -14.11 16.31
C GLY A 50 -4.18 -14.85 15.46
N LYS A 51 -3.01 -14.22 15.29
CA LYS A 51 -1.91 -14.78 14.51
C LYS A 51 -2.29 -14.97 13.05
N GLY A 52 -3.25 -14.17 12.60
CA GLY A 52 -3.70 -14.24 11.23
C GLY A 52 -3.89 -12.88 10.61
N GLN A 53 -3.22 -11.87 11.18
CA GLN A 53 -3.33 -10.51 10.67
C GLN A 53 -2.83 -10.42 9.24
N LYS A 54 -3.69 -9.91 8.36
CA LYS A 54 -3.35 -9.78 6.95
C LYS A 54 -2.93 -8.36 6.61
N ILE A 55 -1.65 -8.21 6.28
CA ILE A 55 -1.10 -6.91 5.92
C ILE A 55 -0.71 -6.94 4.44
N SER A 56 -1.66 -6.60 3.58
CA SER A 56 -1.42 -6.62 2.16
C SER A 56 -1.65 -5.24 1.54
N VAL A 57 -0.57 -4.55 1.23
CA VAL A 57 -0.65 -3.23 0.63
C VAL A 57 -0.76 -3.36 -0.89
N HIS A 58 -2.00 -3.33 -1.37
CA HIS A 58 -2.26 -3.45 -2.80
C HIS A 58 -2.35 -2.07 -3.44
N VAL A 59 -1.21 -1.50 -3.75
CA VAL A 59 -1.13 -0.18 -4.33
C VAL A 59 -1.11 -0.25 -5.86
N LYS A 60 -2.26 -0.54 -6.45
CA LYS A 60 -2.35 -0.63 -7.90
C LYS A 60 -2.61 0.75 -8.50
N LEU A 61 -1.66 1.64 -8.28
CA LEU A 61 -1.72 3.01 -8.76
C LEU A 61 -1.39 3.09 -10.25
N GLY A 62 -0.62 2.14 -10.73
CA GLY A 62 -0.26 2.11 -12.13
C GLY A 62 0.87 3.06 -12.47
N ASN A 63 0.66 3.89 -13.49
CA ASN A 63 1.68 4.84 -13.97
C ASN A 63 1.79 6.07 -13.08
N ARG A 64 1.48 5.93 -11.80
CA ARG A 64 1.57 7.04 -10.86
C ARG A 64 3.03 7.33 -10.55
N PHE A 65 3.88 6.31 -10.71
CA PHE A 65 5.32 6.42 -10.47
C PHE A 65 5.59 6.85 -9.03
N LEU A 66 5.23 6.00 -8.08
CA LEU A 66 5.43 6.28 -6.67
C LEU A 66 6.87 5.92 -6.28
N TYR A 67 7.43 6.68 -5.35
CA TYR A 67 8.79 6.44 -4.88
C TYR A 67 8.79 5.29 -3.89
N LYS A 68 8.56 4.08 -4.40
CA LYS A 68 8.49 2.87 -3.57
C LYS A 68 9.74 2.67 -2.71
N GLU A 69 10.82 3.36 -3.03
CA GLU A 69 12.05 3.24 -2.25
C GLU A 69 11.85 3.82 -0.84
N GLN A 70 10.87 4.70 -0.72
CA GLN A 70 10.53 5.31 0.56
C GLN A 70 9.83 4.29 1.45
N GLU A 71 8.78 3.70 0.90
CA GLU A 71 8.00 2.70 1.61
C GLU A 71 8.84 1.46 1.87
N GLU A 72 9.72 1.16 0.92
CA GLU A 72 10.60 0.00 1.03
C GLU A 72 11.46 0.07 2.28
N GLN A 73 12.07 1.22 2.52
CA GLN A 73 12.95 1.40 3.67
C GLN A 73 12.21 1.21 4.99
N LEU A 74 10.96 1.66 5.06
CA LEU A 74 10.19 1.51 6.29
C LEU A 74 9.63 0.09 6.40
N THR A 75 9.35 -0.53 5.27
CA THR A 75 8.83 -1.89 5.26
C THR A 75 9.93 -2.87 5.68
N GLU A 76 11.18 -2.50 5.42
CA GLU A 76 12.34 -3.32 5.77
C GLU A 76 12.34 -3.66 7.25
N LEU A 77 11.82 -2.74 8.07
CA LEU A 77 11.75 -2.95 9.52
C LEU A 77 10.94 -4.21 9.82
N ILE A 78 9.80 -4.33 9.17
CA ILE A 78 8.92 -5.48 9.36
C ILE A 78 9.41 -6.66 8.54
N ALA A 79 10.01 -6.36 7.39
CA ALA A 79 10.53 -7.37 6.48
C ALA A 79 11.67 -8.17 7.12
N SER A 80 12.28 -7.60 8.15
CA SER A 80 13.36 -8.26 8.86
C SER A 80 12.85 -9.50 9.58
N LYS A 81 11.55 -9.49 9.90
CA LYS A 81 10.90 -10.60 10.58
C LYS A 81 9.44 -10.67 10.15
N LYS A 82 9.24 -10.86 8.85
CA LYS A 82 7.89 -10.93 8.28
C LYS A 82 7.20 -12.25 8.63
N ASP A 83 6.76 -12.37 9.87
CA ASP A 83 6.07 -13.57 10.33
C ASP A 83 4.58 -13.46 10.03
N LEU A 84 4.08 -12.23 10.07
CA LEU A 84 2.67 -11.97 9.79
C LEU A 84 2.42 -12.12 8.30
N PHE A 85 1.15 -12.16 7.90
CA PHE A 85 0.81 -12.29 6.50
C PHE A 85 0.91 -10.93 5.82
N VAL A 86 2.15 -10.50 5.60
CA VAL A 86 2.41 -9.22 4.97
C VAL A 86 2.95 -9.40 3.56
N HIS A 87 2.42 -8.63 2.63
CA HIS A 87 2.86 -8.68 1.24
C HIS A 87 2.35 -7.46 0.48
N SER A 88 3.27 -6.64 -0.02
CA SER A 88 2.91 -5.45 -0.76
C SER A 88 3.23 -5.62 -2.24
N ILE A 89 2.41 -5.02 -3.09
CA ILE A 89 2.61 -5.09 -4.54
C ILE A 89 2.00 -3.88 -5.22
N ASP A 90 2.70 -3.35 -6.21
CA ASP A 90 2.26 -2.19 -6.97
C ASP A 90 2.20 -2.53 -8.46
N SER A 91 1.87 -1.56 -9.28
CA SER A 91 1.80 -1.78 -10.72
C SER A 91 2.68 -0.78 -11.48
N GLU A 92 3.91 -0.59 -11.00
CA GLU A 92 4.86 0.32 -11.64
C GLU A 92 5.32 -0.21 -13.00
N VAL A 93 6.29 0.46 -13.59
CA VAL A 93 6.83 0.05 -14.88
C VAL A 93 8.32 -0.22 -14.74
N ILE A 94 8.77 -1.32 -15.34
CA ILE A 94 10.18 -1.67 -15.30
C ILE A 94 10.99 -0.73 -16.18
N THR A 95 11.96 -0.06 -15.59
CA THR A 95 12.81 0.86 -16.31
C THR A 95 14.27 0.45 -16.18
N LYS A 96 14.82 -0.14 -17.23
CA LYS A 96 16.20 -0.58 -17.23
C LYS A 96 17.09 0.53 -17.80
N LYS A 97 17.30 1.57 -17.01
CA LYS A 97 18.13 2.69 -17.41
C LYS A 97 18.40 3.60 -16.22
N GLU A 98 19.64 4.06 -16.09
CA GLU A 98 20.03 4.93 -14.98
C GLU A 98 19.69 6.38 -15.30
N ALA A 99 18.45 6.64 -15.66
CA ALA A 99 18.02 7.99 -16.01
C ALA A 99 17.54 8.76 -14.79
N GLN A 100 17.55 8.10 -13.64
CA GLN A 100 17.11 8.71 -12.40
C GLN A 100 18.21 9.59 -11.80
N GLN A 101 17.90 10.87 -11.60
CA GLN A 101 18.84 11.80 -11.01
C GLN A 101 18.83 11.67 -9.50
N ILE A 102 19.78 10.93 -8.95
CA ILE A 102 19.87 10.72 -7.53
C ILE A 102 21.32 10.74 -7.06
N ARG A 103 21.55 11.24 -5.85
CA ARG A 103 22.89 11.31 -5.29
C ARG A 103 22.84 10.93 -3.82
N GLU A 104 23.93 10.38 -3.32
CA GLU A 104 24.02 9.98 -1.92
C GLU A 104 25.17 10.71 -1.25
N GLU A 105 25.65 11.75 -1.91
CA GLU A 105 26.77 12.54 -1.41
C GLU A 105 26.31 13.96 -1.14
N GLY A 1 -36.29 -0.08 -2.51
CA GLY A 1 -35.68 0.88 -3.46
C GLY A 1 -35.63 2.29 -2.91
N SER A 2 -34.56 2.61 -2.20
CA SER A 2 -34.39 3.94 -1.63
C SER A 2 -33.66 4.86 -2.61
N HIS A 3 -32.65 4.32 -3.27
CA HIS A 3 -31.86 5.08 -4.24
C HIS A 3 -31.10 4.13 -5.16
N MET A 4 -30.65 4.63 -6.30
CA MET A 4 -29.92 3.82 -7.26
C MET A 4 -28.45 4.22 -7.31
N LYS A 5 -27.59 3.24 -7.59
CA LYS A 5 -26.16 3.48 -7.68
C LYS A 5 -25.58 2.76 -8.88
N THR A 6 -24.52 3.32 -9.45
CA THR A 6 -23.88 2.72 -10.61
C THR A 6 -22.53 2.11 -10.20
N LYS A 7 -21.76 1.63 -11.17
CA LYS A 7 -20.46 1.05 -10.89
C LYS A 7 -19.44 2.16 -10.67
N LYS A 8 -18.31 1.81 -10.07
CA LYS A 8 -17.26 2.78 -9.81
C LYS A 8 -16.04 2.50 -10.66
N GLN A 9 -15.26 3.55 -10.93
CA GLN A 9 -14.06 3.43 -11.73
C GLN A 9 -12.83 3.44 -10.82
N GLN A 10 -12.77 4.44 -9.96
CA GLN A 10 -11.68 4.58 -9.02
C GLN A 10 -12.22 4.48 -7.59
N TYR A 11 -12.03 3.33 -6.99
CA TYR A 11 -12.50 3.09 -5.64
C TYR A 11 -11.36 2.72 -4.71
N VAL A 12 -11.60 2.81 -3.42
CA VAL A 12 -10.60 2.50 -2.41
C VAL A 12 -11.24 1.77 -1.24
N THR A 13 -10.51 0.84 -0.67
CA THR A 13 -10.97 0.09 0.48
C THR A 13 -9.84 -0.06 1.49
N ILE A 14 -10.15 0.17 2.77
CA ILE A 14 -9.15 0.06 3.82
C ILE A 14 -9.70 -0.75 5.00
N LYS A 15 -9.32 -2.01 5.04
CA LYS A 15 -9.75 -2.91 6.11
C LYS A 15 -8.73 -2.91 7.24
N GLY A 16 -9.01 -2.12 8.27
CA GLY A 16 -8.13 -2.04 9.40
C GLY A 16 -8.89 -2.15 10.71
N THR A 17 -9.08 -3.37 11.17
CA THR A 17 -9.79 -3.63 12.41
C THR A 17 -9.75 -5.13 12.73
N LYS A 18 -9.02 -5.48 13.80
CA LYS A 18 -8.88 -6.86 14.24
C LYS A 18 -8.21 -7.70 13.16
N ASN A 19 -7.21 -7.11 12.54
CA ASN A 19 -6.44 -7.74 11.49
C ASN A 19 -5.13 -6.98 11.34
N GLY A 20 -4.48 -7.06 10.20
CA GLY A 20 -3.24 -6.34 10.01
C GLY A 20 -3.48 -5.06 9.25
N LEU A 21 -3.42 -5.17 7.93
CA LEU A 21 -3.62 -4.03 7.05
C LEU A 21 -3.94 -4.52 5.64
N THR A 22 -5.22 -4.59 5.33
CA THR A 22 -5.66 -5.04 4.02
C THR A 22 -6.35 -3.89 3.29
N LEU A 23 -5.60 -3.20 2.43
CA LEU A 23 -6.14 -2.08 1.69
C LEU A 23 -5.85 -2.21 0.20
N HIS A 24 -6.71 -1.62 -0.61
CA HIS A 24 -6.57 -1.67 -2.05
C HIS A 24 -7.10 -0.38 -2.68
N LEU A 25 -6.25 0.28 -3.44
CA LEU A 25 -6.63 1.50 -4.14
C LEU A 25 -6.54 1.25 -5.64
N ASP A 26 -7.53 1.69 -6.38
CA ASP A 26 -7.53 1.49 -7.82
C ASP A 26 -7.65 2.81 -8.56
N ASP A 27 -6.59 3.60 -8.50
CA ASP A 27 -6.56 4.90 -9.15
C ASP A 27 -5.31 5.01 -10.01
N ALA A 28 -5.16 6.12 -10.73
CA ALA A 28 -4.00 6.33 -11.58
C ALA A 28 -3.72 7.81 -11.72
N CYS A 29 -2.43 8.16 -11.74
CA CYS A 29 -1.98 9.55 -11.86
C CYS A 29 -2.41 10.41 -10.68
N SER A 30 -2.85 9.76 -9.61
CA SER A 30 -3.29 10.48 -8.41
C SER A 30 -2.20 10.41 -7.34
N PHE A 31 -2.50 10.92 -6.16
CA PHE A 31 -1.53 10.90 -5.06
C PHE A 31 -2.10 10.13 -3.88
N ASP A 32 -1.40 9.06 -3.50
CA ASP A 32 -1.81 8.20 -2.40
C ASP A 32 -1.57 8.84 -1.02
N GLU A 33 -1.79 10.14 -0.91
CA GLU A 33 -1.57 10.83 0.36
C GLU A 33 -2.51 10.31 1.44
N LEU A 34 -3.78 10.12 1.08
CA LEU A 34 -4.77 9.61 2.02
C LEU A 34 -4.51 8.14 2.32
N LEU A 35 -4.01 7.41 1.33
CA LEU A 35 -3.73 5.99 1.48
C LEU A 35 -2.53 5.79 2.39
N ASP A 36 -1.45 6.51 2.11
CA ASP A 36 -0.22 6.43 2.90
C ASP A 36 -0.49 6.77 4.35
N GLY A 37 -1.33 7.77 4.57
CA GLY A 37 -1.67 8.18 5.92
C GLY A 37 -2.24 7.04 6.74
N LEU A 38 -3.21 6.33 6.17
CA LEU A 38 -3.84 5.21 6.87
C LEU A 38 -2.88 4.02 6.94
N GLN A 39 -2.14 3.82 5.84
CA GLN A 39 -1.18 2.71 5.76
C GLN A 39 -0.13 2.79 6.86
N ASN A 40 0.53 3.93 6.96
CA ASN A 40 1.58 4.13 7.97
C ASN A 40 0.99 4.18 9.37
N MET A 41 -0.28 4.55 9.47
CA MET A 41 -0.95 4.64 10.76
C MET A 41 -1.29 3.26 11.31
N LEU A 42 -2.05 2.50 10.54
CA LEU A 42 -2.50 1.16 10.95
C LEU A 42 -1.33 0.23 11.24
N SER A 43 -0.28 0.30 10.43
CA SER A 43 0.88 -0.57 10.59
C SER A 43 1.55 -0.39 11.96
N ILE A 44 1.40 0.79 12.56
CA ILE A 44 2.00 1.06 13.86
C ILE A 44 0.94 1.06 14.96
N GLU A 45 -0.31 1.25 14.56
CA GLU A 45 -1.42 1.29 15.50
C GLU A 45 -1.93 -0.12 15.84
N GLN A 46 -2.11 -0.94 14.83
CA GLN A 46 -2.60 -2.30 15.03
C GLN A 46 -2.14 -3.23 13.92
N TYR A 47 -1.06 -3.95 14.16
CA TYR A 47 -0.53 -4.89 13.18
C TYR A 47 -0.50 -6.31 13.76
N THR A 48 -1.09 -6.47 14.93
CA THR A 48 -1.13 -7.76 15.59
C THR A 48 -2.56 -8.14 15.94
N ASP A 49 -3.03 -9.24 15.37
CA ASP A 49 -4.38 -9.71 15.62
C ASP A 49 -4.36 -10.90 16.58
N GLY A 50 -3.70 -11.99 16.17
CA GLY A 50 -3.64 -13.17 17.01
C GLY A 50 -4.13 -14.42 16.31
N LYS A 51 -5.03 -14.24 15.35
CA LYS A 51 -5.57 -15.37 14.61
C LYS A 51 -4.94 -15.42 13.22
N GLY A 52 -4.56 -14.25 12.72
CA GLY A 52 -3.95 -14.16 11.41
C GLY A 52 -4.08 -12.78 10.81
N GLN A 53 -3.20 -11.87 11.24
CA GLN A 53 -3.21 -10.49 10.73
C GLN A 53 -2.86 -10.45 9.25
N LYS A 54 -3.85 -10.13 8.42
CA LYS A 54 -3.66 -10.04 6.98
C LYS A 54 -3.14 -8.66 6.58
N ILE A 55 -1.90 -8.63 6.10
CA ILE A 55 -1.27 -7.37 5.68
C ILE A 55 -1.01 -7.41 4.18
N SER A 56 -1.97 -6.93 3.40
CA SER A 56 -1.85 -6.93 1.96
C SER A 56 -1.95 -5.50 1.42
N VAL A 57 -0.86 -5.03 0.84
CA VAL A 57 -0.82 -3.69 0.27
C VAL A 57 -0.87 -3.78 -1.25
N HIS A 58 -2.03 -3.53 -1.82
CA HIS A 58 -2.19 -3.59 -3.27
C HIS A 58 -2.39 -2.20 -3.86
N VAL A 59 -1.30 -1.60 -4.30
CA VAL A 59 -1.35 -0.27 -4.90
C VAL A 59 -1.43 -0.38 -6.42
N LYS A 60 -2.66 -0.47 -6.92
CA LYS A 60 -2.89 -0.59 -8.35
C LYS A 60 -2.95 0.78 -9.00
N LEU A 61 -1.84 1.49 -8.95
CA LEU A 61 -1.75 2.82 -9.54
C LEU A 61 -1.39 2.76 -11.02
N GLY A 62 -0.31 2.08 -11.32
CA GLY A 62 0.14 1.94 -12.70
C GLY A 62 1.25 2.90 -13.06
N ASN A 63 0.95 3.83 -13.96
CA ASN A 63 1.94 4.80 -14.44
C ASN A 63 2.15 5.94 -13.46
N ARG A 64 1.99 5.67 -12.18
CA ARG A 64 2.18 6.69 -11.16
C ARG A 64 3.66 6.85 -10.83
N PHE A 65 4.39 5.73 -10.87
CA PHE A 65 5.82 5.71 -10.56
C PHE A 65 6.05 6.25 -9.16
N LEU A 66 5.27 5.74 -8.22
CA LEU A 66 5.38 6.15 -6.83
C LEU A 66 6.73 5.75 -6.26
N TYR A 67 7.27 6.58 -5.39
CA TYR A 67 8.56 6.31 -4.76
C TYR A 67 8.38 5.28 -3.66
N LYS A 68 8.15 4.03 -4.07
CA LYS A 68 7.93 2.91 -3.15
C LYS A 68 9.07 2.76 -2.14
N GLU A 69 10.21 3.36 -2.44
CA GLU A 69 11.36 3.31 -1.55
C GLU A 69 11.02 3.96 -0.21
N GLN A 70 10.08 4.92 -0.26
CA GLN A 70 9.64 5.63 0.94
C GLN A 70 8.89 4.69 1.86
N GLU A 71 8.12 3.80 1.26
CA GLU A 71 7.35 2.82 2.01
C GLU A 71 8.23 1.63 2.36
N GLU A 72 9.12 1.29 1.43
CA GLU A 72 10.03 0.15 1.60
C GLU A 72 10.96 0.37 2.79
N GLN A 73 11.48 1.59 2.94
CA GLN A 73 12.39 1.90 4.04
C GLN A 73 11.76 1.62 5.41
N LEU A 74 10.46 1.88 5.54
CA LEU A 74 9.78 1.64 6.80
C LEU A 74 9.36 0.17 6.90
N THR A 75 9.03 -0.42 5.76
CA THR A 75 8.62 -1.82 5.71
C THR A 75 9.79 -2.73 6.08
N GLU A 76 11.00 -2.28 5.75
CA GLU A 76 12.22 -3.04 6.03
C GLU A 76 12.35 -3.35 7.53
N LEU A 77 11.76 -2.49 8.37
CA LEU A 77 11.81 -2.69 9.82
C LEU A 77 11.05 -3.94 10.21
N ILE A 78 9.95 -4.18 9.53
CA ILE A 78 9.10 -5.34 9.80
C ILE A 78 9.49 -6.49 8.87
N ALA A 79 10.21 -6.16 7.80
CA ALA A 79 10.65 -7.17 6.82
C ALA A 79 11.53 -8.23 7.47
N SER A 80 12.31 -7.84 8.46
CA SER A 80 13.20 -8.75 9.16
C SER A 80 12.41 -9.76 9.99
N LYS A 81 11.13 -9.51 10.15
CA LYS A 81 10.25 -10.38 10.93
C LYS A 81 8.89 -10.50 10.25
N LYS A 82 8.92 -10.54 8.92
CA LYS A 82 7.68 -10.63 8.12
C LYS A 82 7.08 -12.04 8.15
N ASP A 83 6.89 -12.55 9.34
CA ASP A 83 6.30 -13.87 9.54
C ASP A 83 4.80 -13.81 9.32
N LEU A 84 4.25 -12.62 9.48
CA LEU A 84 2.82 -12.39 9.30
C LEU A 84 2.46 -12.50 7.82
N PHE A 85 1.18 -12.45 7.50
CA PHE A 85 0.74 -12.53 6.12
C PHE A 85 0.84 -11.16 5.46
N VAL A 86 2.08 -10.72 5.25
CA VAL A 86 2.34 -9.43 4.64
C VAL A 86 2.87 -9.58 3.22
N HIS A 87 2.21 -8.91 2.27
CA HIS A 87 2.61 -8.96 0.87
C HIS A 87 2.23 -7.67 0.16
N SER A 88 3.21 -6.81 -0.08
CA SER A 88 2.98 -5.54 -0.76
C SER A 88 3.33 -5.67 -2.24
N ILE A 89 2.41 -5.24 -3.10
CA ILE A 89 2.63 -5.31 -4.54
C ILE A 89 2.14 -4.03 -5.23
N ASP A 90 2.93 -3.54 -6.17
CA ASP A 90 2.60 -2.33 -6.91
C ASP A 90 2.37 -2.65 -8.39
N SER A 91 2.31 -1.63 -9.24
CA SER A 91 2.09 -1.83 -10.66
C SER A 91 3.09 -1.03 -11.52
N GLU A 92 4.36 -1.01 -11.10
CA GLU A 92 5.41 -0.29 -11.84
C GLU A 92 5.71 -0.98 -13.18
N VAL A 93 6.54 -0.33 -14.00
CA VAL A 93 6.92 -0.87 -15.29
C VAL A 93 8.44 -0.77 -15.50
N ILE A 94 9.10 0.00 -14.63
CA ILE A 94 10.54 0.17 -14.70
C ILE A 94 11.07 0.70 -13.36
N THR A 95 11.99 -0.04 -12.76
CA THR A 95 12.56 0.33 -11.48
C THR A 95 13.73 1.31 -11.68
N LYS A 96 14.34 1.74 -10.57
CA LYS A 96 15.44 2.68 -10.61
C LYS A 96 16.75 2.00 -10.25
N LYS A 97 17.85 2.62 -10.65
CA LYS A 97 19.17 2.09 -10.38
C LYS A 97 20.16 3.24 -10.22
N GLU A 98 20.50 3.57 -8.98
CA GLU A 98 21.42 4.66 -8.69
C GLU A 98 22.88 4.19 -8.80
N ALA A 99 23.22 3.62 -9.93
CA ALA A 99 24.57 3.15 -10.19
C ALA A 99 25.29 4.16 -11.06
N GLN A 100 25.92 5.14 -10.42
CA GLN A 100 26.63 6.19 -11.15
C GLN A 100 28.11 6.17 -10.82
N GLN A 101 28.92 6.59 -11.78
CA GLN A 101 30.36 6.63 -11.60
C GLN A 101 30.78 7.94 -10.93
N ILE A 102 30.73 7.95 -9.61
CA ILE A 102 31.11 9.12 -8.84
C ILE A 102 31.77 8.73 -7.53
N ARG A 103 32.99 9.21 -7.31
CA ARG A 103 33.72 8.91 -6.10
C ARG A 103 34.48 10.14 -5.62
N GLU A 104 34.63 10.26 -4.31
CA GLU A 104 35.34 11.38 -3.72
C GLU A 104 36.64 10.90 -3.09
N GLU A 105 37.23 9.90 -3.71
CA GLU A 105 38.47 9.32 -3.24
C GLU A 105 39.50 9.35 -4.36
N GLY A 1 -34.48 10.74 0.59
CA GLY A 1 -34.55 10.13 -0.77
C GLY A 1 -33.24 10.28 -1.52
N SER A 2 -32.13 10.22 -0.80
CA SER A 2 -30.82 10.36 -1.43
C SER A 2 -30.38 9.03 -2.05
N HIS A 3 -29.76 9.11 -3.21
CA HIS A 3 -29.31 7.91 -3.92
C HIS A 3 -27.79 7.84 -3.90
N MET A 4 -27.25 6.74 -4.38
CA MET A 4 -25.81 6.54 -4.43
C MET A 4 -25.38 6.07 -5.82
N LYS A 5 -24.09 5.96 -6.01
CA LYS A 5 -23.54 5.50 -7.29
C LYS A 5 -23.82 4.02 -7.47
N THR A 6 -24.32 3.64 -8.65
CA THR A 6 -24.62 2.25 -8.93
C THR A 6 -23.34 1.43 -8.99
N LYS A 7 -22.37 1.90 -9.77
CA LYS A 7 -21.10 1.22 -9.90
C LYS A 7 -20.00 2.23 -10.17
N LYS A 8 -18.76 1.84 -9.91
CA LYS A 8 -17.63 2.73 -10.12
C LYS A 8 -16.42 1.96 -10.64
N GLN A 9 -15.55 2.66 -11.35
CA GLN A 9 -14.35 2.05 -11.90
C GLN A 9 -13.18 2.25 -10.94
N GLN A 10 -13.09 3.45 -10.41
CA GLN A 10 -12.03 3.79 -9.47
C GLN A 10 -12.56 3.77 -8.05
N TYR A 11 -11.81 3.19 -7.13
CA TYR A 11 -12.24 3.11 -5.75
C TYR A 11 -11.06 2.91 -4.80
N VAL A 12 -11.36 2.88 -3.51
CA VAL A 12 -10.36 2.67 -2.48
C VAL A 12 -10.99 2.00 -1.26
N THR A 13 -10.24 1.12 -0.62
CA THR A 13 -10.71 0.42 0.56
C THR A 13 -9.57 0.17 1.53
N ILE A 14 -9.81 0.44 2.81
CA ILE A 14 -8.79 0.25 3.84
C ILE A 14 -9.40 -0.45 5.05
N LYS A 15 -8.91 -1.65 5.34
CA LYS A 15 -9.41 -2.43 6.46
C LYS A 15 -8.27 -2.87 7.38
N GLY A 16 -8.30 -2.42 8.63
CA GLY A 16 -7.28 -2.80 9.57
C GLY A 16 -7.67 -2.43 10.99
N THR A 17 -8.90 -2.74 11.34
CA THR A 17 -9.42 -2.43 12.67
C THR A 17 -9.26 -3.61 13.63
N LYS A 18 -9.39 -4.82 13.10
CA LYS A 18 -9.27 -6.02 13.92
C LYS A 18 -8.35 -7.04 13.28
N ASN A 19 -7.68 -6.62 12.23
CA ASN A 19 -6.76 -7.47 11.48
C ASN A 19 -5.48 -6.71 11.18
N GLY A 20 -4.55 -7.34 10.46
CA GLY A 20 -3.30 -6.69 10.11
C GLY A 20 -3.50 -5.39 9.34
N LEU A 21 -3.61 -5.49 8.02
CA LEU A 21 -3.79 -4.31 7.18
C LEU A 21 -4.14 -4.71 5.75
N THR A 22 -5.38 -4.48 5.35
CA THR A 22 -5.82 -4.80 4.01
C THR A 22 -6.26 -3.53 3.29
N LEU A 23 -5.41 -3.01 2.42
CA LEU A 23 -5.72 -1.78 1.68
C LEU A 23 -5.62 -2.02 0.17
N HIS A 24 -6.42 -1.28 -0.57
CA HIS A 24 -6.44 -1.39 -2.03
C HIS A 24 -6.96 -0.10 -2.66
N LEU A 25 -6.17 0.46 -3.58
CA LEU A 25 -6.53 1.68 -4.28
C LEU A 25 -6.31 1.47 -5.77
N ASP A 26 -7.30 1.79 -6.58
CA ASP A 26 -7.19 1.62 -8.03
C ASP A 26 -7.42 2.94 -8.73
N ASP A 27 -6.37 3.76 -8.82
CA ASP A 27 -6.45 5.05 -9.49
C ASP A 27 -5.06 5.53 -9.90
N ALA A 28 -4.91 5.86 -11.17
CA ALA A 28 -3.64 6.32 -11.70
C ALA A 28 -3.60 7.83 -11.78
N CYS A 29 -2.39 8.38 -11.83
CA CYS A 29 -2.16 9.83 -11.92
C CYS A 29 -2.57 10.57 -10.65
N SER A 30 -2.84 9.83 -9.59
CA SER A 30 -3.23 10.43 -8.33
C SER A 30 -2.20 10.15 -7.25
N PHE A 31 -2.31 10.86 -6.14
CA PHE A 31 -1.39 10.70 -5.02
C PHE A 31 -1.97 9.73 -4.00
N ASP A 32 -1.12 8.89 -3.44
CA ASP A 32 -1.53 7.90 -2.46
C ASP A 32 -1.32 8.39 -1.03
N GLU A 33 -1.20 9.70 -0.85
CA GLU A 33 -0.99 10.26 0.48
C GLU A 33 -2.17 9.94 1.40
N LEU A 34 -3.38 9.93 0.84
CA LEU A 34 -4.58 9.64 1.60
C LEU A 34 -4.67 8.15 1.93
N LEU A 35 -3.87 7.36 1.24
CA LEU A 35 -3.83 5.93 1.43
C LEU A 35 -2.79 5.56 2.48
N ASP A 36 -1.59 6.11 2.30
CA ASP A 36 -0.48 5.85 3.22
C ASP A 36 -0.80 6.39 4.61
N GLY A 37 -1.69 7.38 4.67
CA GLY A 37 -2.08 7.94 5.94
C GLY A 37 -2.58 6.88 6.91
N LEU A 38 -3.48 6.03 6.42
CA LEU A 38 -4.02 4.95 7.24
C LEU A 38 -3.08 3.77 7.22
N GLN A 39 -2.38 3.59 6.11
CA GLN A 39 -1.43 2.50 5.93
C GLN A 39 -0.37 2.54 7.02
N ASN A 40 0.18 3.72 7.25
CA ASN A 40 1.22 3.92 8.24
C ASN A 40 0.63 4.09 9.64
N MET A 41 -0.68 4.21 9.71
CA MET A 41 -1.36 4.40 11.00
C MET A 41 -1.77 3.07 11.62
N LEU A 42 -2.58 2.31 10.90
CA LEU A 42 -3.10 1.04 11.40
C LEU A 42 -1.99 0.04 11.74
N SER A 43 -0.94 0.01 10.92
CA SER A 43 0.19 -0.90 11.13
C SER A 43 0.82 -0.68 12.50
N ILE A 44 0.97 0.58 12.87
CA ILE A 44 1.56 0.94 14.16
C ILE A 44 0.51 0.90 15.27
N GLU A 45 -0.71 1.26 14.91
CA GLU A 45 -1.82 1.26 15.86
C GLU A 45 -2.07 -0.12 16.44
N GLN A 46 -2.36 -1.10 15.58
CA GLN A 46 -2.63 -2.44 16.06
C GLN A 46 -2.62 -3.46 14.92
N TYR A 47 -1.56 -4.25 14.84
CA TYR A 47 -1.44 -5.28 13.83
C TYR A 47 -1.58 -6.65 14.49
N THR A 48 -2.15 -6.65 15.67
CA THR A 48 -2.35 -7.87 16.44
C THR A 48 -3.62 -8.60 15.99
N ASP A 49 -3.44 -9.66 15.22
CA ASP A 49 -4.57 -10.44 14.73
C ASP A 49 -4.38 -11.92 15.07
N GLY A 50 -5.35 -12.48 15.76
CA GLY A 50 -5.29 -13.87 16.15
C GLY A 50 -5.65 -14.81 15.01
N LYS A 51 -6.20 -14.24 13.95
CA LYS A 51 -6.60 -15.03 12.79
C LYS A 51 -5.50 -14.98 11.74
N GLY A 52 -4.43 -14.26 12.05
CA GLY A 52 -3.33 -14.11 11.14
C GLY A 52 -3.33 -12.74 10.52
N GLN A 53 -2.55 -11.83 11.09
CA GLN A 53 -2.47 -10.46 10.61
C GLN A 53 -1.99 -10.39 9.16
N LYS A 54 -2.94 -10.23 8.25
CA LYS A 54 -2.63 -10.14 6.84
C LYS A 54 -2.40 -8.68 6.45
N ILE A 55 -1.17 -8.36 6.10
CA ILE A 55 -0.81 -7.01 5.70
C ILE A 55 -0.58 -6.99 4.19
N SER A 56 -1.61 -6.61 3.45
CA SER A 56 -1.54 -6.57 2.00
C SER A 56 -1.64 -5.14 1.47
N VAL A 57 -0.51 -4.60 1.05
CA VAL A 57 -0.46 -3.27 0.49
C VAL A 57 -0.67 -3.35 -1.02
N HIS A 58 -1.93 -3.32 -1.44
CA HIS A 58 -2.25 -3.41 -2.86
C HIS A 58 -2.39 -2.02 -3.48
N VAL A 59 -1.26 -1.48 -3.91
CA VAL A 59 -1.22 -0.16 -4.53
C VAL A 59 -1.29 -0.28 -6.04
N LYS A 60 -2.44 -0.71 -6.55
CA LYS A 60 -2.62 -0.87 -7.98
C LYS A 60 -3.02 0.48 -8.60
N LEU A 61 -2.14 1.45 -8.43
CA LEU A 61 -2.36 2.79 -8.94
C LEU A 61 -2.17 2.84 -10.45
N GLY A 62 -0.93 2.68 -10.90
CA GLY A 62 -0.66 2.70 -12.32
C GLY A 62 0.49 3.62 -12.68
N ASN A 63 0.35 4.33 -13.79
CA ASN A 63 1.37 5.25 -14.29
C ASN A 63 1.51 6.52 -13.43
N ARG A 64 1.24 6.41 -12.14
CA ARG A 64 1.35 7.56 -11.24
C ARG A 64 2.80 7.73 -10.83
N PHE A 65 3.62 6.74 -11.19
CA PHE A 65 5.04 6.71 -10.87
C PHE A 65 5.23 6.61 -9.36
N LEU A 66 5.10 5.39 -8.86
CA LEU A 66 5.24 5.14 -7.43
C LEU A 66 6.70 4.93 -7.07
N TYR A 67 7.04 5.18 -5.82
CA TYR A 67 8.40 5.02 -5.35
C TYR A 67 8.49 3.82 -4.42
N LYS A 68 8.86 2.67 -4.98
CA LYS A 68 8.99 1.44 -4.19
C LYS A 68 10.02 1.62 -3.07
N GLU A 69 10.87 2.63 -3.23
CA GLU A 69 11.90 2.93 -2.24
C GLU A 69 11.23 3.34 -0.92
N GLN A 70 10.10 4.03 -1.04
CA GLN A 70 9.34 4.49 0.11
C GLN A 70 8.72 3.32 0.86
N GLU A 71 8.14 2.39 0.12
CA GLU A 71 7.52 1.21 0.72
C GLU A 71 8.60 0.32 1.31
N GLU A 72 9.67 0.14 0.56
CA GLU A 72 10.80 -0.68 0.97
C GLU A 72 11.39 -0.21 2.31
N GLN A 73 11.70 1.08 2.40
CA GLN A 73 12.30 1.63 3.61
C GLN A 73 11.41 1.45 4.85
N LEU A 74 10.10 1.63 4.69
CA LEU A 74 9.19 1.47 5.83
C LEU A 74 9.00 0.00 6.17
N THR A 75 9.06 -0.85 5.14
CA THR A 75 8.89 -2.28 5.33
C THR A 75 10.11 -2.87 6.03
N GLU A 76 11.29 -2.29 5.77
CA GLU A 76 12.54 -2.77 6.37
C GLU A 76 12.46 -2.88 7.89
N LEU A 77 11.64 -2.05 8.52
CA LEU A 77 11.49 -2.08 9.97
C LEU A 77 10.84 -3.39 10.42
N ILE A 78 9.89 -3.87 9.63
CA ILE A 78 9.18 -5.10 9.94
C ILE A 78 9.78 -6.29 9.16
N ALA A 79 10.51 -6.00 8.10
CA ALA A 79 11.12 -7.03 7.25
C ALA A 79 12.11 -7.91 8.03
N SER A 80 12.76 -7.32 9.02
CA SER A 80 13.73 -8.04 9.85
C SER A 80 13.03 -9.15 10.64
N LYS A 81 11.75 -8.95 10.88
CA LYS A 81 10.95 -9.90 11.63
C LYS A 81 9.61 -10.09 10.92
N LYS A 82 9.70 -10.42 9.64
CA LYS A 82 8.52 -10.61 8.80
C LYS A 82 7.78 -11.90 9.10
N ASP A 83 7.39 -12.08 10.34
CA ASP A 83 6.62 -13.25 10.75
C ASP A 83 5.18 -13.06 10.32
N LEU A 84 4.79 -11.79 10.26
CA LEU A 84 3.44 -11.42 9.86
C LEU A 84 3.26 -11.69 8.36
N PHE A 85 2.04 -11.95 7.96
CA PHE A 85 1.74 -12.24 6.56
C PHE A 85 1.61 -10.96 5.75
N VAL A 86 2.74 -10.45 5.28
CA VAL A 86 2.76 -9.22 4.50
C VAL A 86 2.94 -9.53 3.01
N HIS A 87 2.21 -8.81 2.17
CA HIS A 87 2.29 -8.98 0.73
C HIS A 87 1.84 -7.71 0.02
N SER A 88 2.79 -6.98 -0.53
CA SER A 88 2.51 -5.74 -1.24
C SER A 88 2.62 -5.95 -2.74
N ILE A 89 1.92 -5.13 -3.50
CA ILE A 89 1.95 -5.21 -4.95
C ILE A 89 1.60 -3.84 -5.55
N ASP A 90 2.54 -3.28 -6.27
CA ASP A 90 2.38 -1.98 -6.90
C ASP A 90 2.36 -2.13 -8.41
N SER A 91 2.31 -1.01 -9.10
CA SER A 91 2.30 -0.99 -10.56
C SER A 91 3.23 0.11 -11.07
N GLU A 92 4.52 -0.14 -10.98
CA GLU A 92 5.53 0.83 -11.41
C GLU A 92 5.82 0.69 -12.89
N VAL A 93 6.55 1.68 -13.42
CA VAL A 93 6.93 1.70 -14.81
C VAL A 93 8.45 1.74 -14.91
N ILE A 94 9.02 0.79 -15.65
CA ILE A 94 10.46 0.69 -15.82
C ILE A 94 11.14 0.26 -14.52
N THR A 95 11.17 -1.04 -14.29
CA THR A 95 11.77 -1.60 -13.09
C THR A 95 13.29 -1.56 -13.17
N LYS A 96 13.94 -1.37 -12.03
CA LYS A 96 15.39 -1.33 -11.97
C LYS A 96 15.94 -2.64 -11.40
N LYS A 97 17.25 -2.79 -11.43
CA LYS A 97 17.89 -3.98 -10.92
C LYS A 97 18.44 -3.75 -9.51
N GLU A 98 18.37 -4.77 -8.67
CA GLU A 98 18.86 -4.65 -7.30
C GLU A 98 20.36 -4.89 -7.24
N ALA A 99 21.10 -3.98 -7.83
CA ALA A 99 22.55 -4.06 -7.86
C ALA A 99 23.15 -3.53 -6.57
N GLN A 100 22.99 -4.31 -5.50
CA GLN A 100 23.50 -3.92 -4.20
C GLN A 100 24.08 -5.14 -3.48
N GLN A 101 25.17 -4.94 -2.76
CA GLN A 101 25.80 -6.03 -2.02
C GLN A 101 25.23 -6.10 -0.60
N ILE A 102 24.04 -6.64 -0.48
CA ILE A 102 23.37 -6.76 0.81
C ILE A 102 23.32 -8.23 1.23
N ARG A 103 23.64 -8.49 2.49
CA ARG A 103 23.62 -9.85 3.00
C ARG A 103 23.15 -9.85 4.45
N GLU A 104 22.07 -10.55 4.73
CA GLU A 104 21.52 -10.62 6.08
C GLU A 104 22.08 -11.82 6.83
N GLU A 105 23.23 -12.31 6.37
CA GLU A 105 23.88 -13.44 7.00
C GLU A 105 24.86 -12.97 8.06
N GLY A 1 -31.68 15.73 -13.57
CA GLY A 1 -32.32 15.78 -12.24
C GLY A 1 -31.41 15.23 -11.16
N SER A 2 -31.60 15.70 -9.93
CA SER A 2 -30.79 15.24 -8.81
C SER A 2 -31.07 13.78 -8.47
N HIS A 3 -30.11 12.92 -8.76
CA HIS A 3 -30.25 11.49 -8.48
C HIS A 3 -29.01 10.98 -7.77
N MET A 4 -29.19 10.06 -6.85
CA MET A 4 -28.06 9.50 -6.09
C MET A 4 -27.20 8.62 -6.98
N LYS A 5 -25.90 8.62 -6.73
CA LYS A 5 -24.97 7.81 -7.49
C LYS A 5 -24.90 6.40 -6.91
N THR A 6 -25.26 5.40 -7.70
CA THR A 6 -25.26 4.02 -7.26
C THR A 6 -23.86 3.58 -6.85
N LYS A 7 -22.95 3.61 -7.81
CA LYS A 7 -21.57 3.20 -7.58
C LYS A 7 -20.67 3.76 -8.67
N LYS A 8 -19.38 3.52 -8.54
CA LYS A 8 -18.42 4.00 -9.51
C LYS A 8 -17.33 2.96 -9.75
N GLN A 9 -16.47 3.22 -10.73
CA GLN A 9 -15.39 2.29 -11.06
C GLN A 9 -14.18 2.55 -10.17
N GLN A 10 -13.87 3.82 -9.98
CA GLN A 10 -12.74 4.23 -9.16
C GLN A 10 -13.18 4.44 -7.73
N TYR A 11 -12.52 3.74 -6.81
CA TYR A 11 -12.85 3.84 -5.40
C TYR A 11 -11.66 3.39 -4.54
N VAL A 12 -11.86 3.42 -3.24
CA VAL A 12 -10.82 3.02 -2.29
C VAL A 12 -11.45 2.35 -1.07
N THR A 13 -10.84 1.27 -0.61
CA THR A 13 -11.32 0.55 0.55
C THR A 13 -10.16 0.25 1.50
N ILE A 14 -10.37 0.49 2.79
CA ILE A 14 -9.35 0.26 3.80
C ILE A 14 -9.96 -0.38 5.05
N LYS A 15 -9.42 -1.51 5.46
CA LYS A 15 -9.91 -2.20 6.66
C LYS A 15 -8.75 -2.74 7.48
N GLY A 16 -8.82 -2.52 8.79
CA GLY A 16 -7.77 -3.01 9.67
C GLY A 16 -8.26 -3.19 11.09
N THR A 17 -9.53 -3.55 11.23
CA THR A 17 -10.11 -3.75 12.55
C THR A 17 -10.06 -5.23 12.93
N LYS A 18 -9.29 -5.54 13.98
CA LYS A 18 -9.12 -6.92 14.45
C LYS A 18 -8.48 -7.79 13.38
N ASN A 19 -7.90 -7.14 12.39
CA ASN A 19 -7.23 -7.81 11.29
C ASN A 19 -5.86 -7.20 11.08
N GLY A 20 -5.10 -7.74 10.14
CA GLY A 20 -3.78 -7.20 9.86
C GLY A 20 -3.86 -5.85 9.17
N LEU A 21 -4.01 -5.88 7.85
CA LEU A 21 -4.10 -4.66 7.08
C LEU A 21 -4.49 -4.97 5.63
N THR A 22 -5.71 -4.61 5.26
CA THR A 22 -6.19 -4.85 3.92
C THR A 22 -6.75 -3.56 3.31
N LEU A 23 -6.07 -3.06 2.29
CA LEU A 23 -6.50 -1.83 1.63
C LEU A 23 -6.30 -1.94 0.14
N HIS A 24 -7.11 -1.18 -0.61
CA HIS A 24 -7.03 -1.19 -2.06
C HIS A 24 -7.46 0.15 -2.63
N LEU A 25 -6.63 0.72 -3.50
CA LEU A 25 -6.91 1.99 -4.15
C LEU A 25 -6.88 1.79 -5.66
N ASP A 26 -7.93 2.22 -6.34
CA ASP A 26 -8.02 2.06 -7.79
C ASP A 26 -8.00 3.41 -8.50
N ASP A 27 -6.86 3.77 -9.07
CA ASP A 27 -6.71 5.03 -9.78
C ASP A 27 -5.42 5.00 -10.61
N ALA A 28 -4.96 6.16 -11.07
CA ALA A 28 -3.75 6.25 -11.85
C ALA A 28 -3.25 7.69 -11.89
N CYS A 29 -1.92 7.86 -11.85
CA CYS A 29 -1.31 9.19 -11.84
C CYS A 29 -1.76 9.99 -10.62
N SER A 30 -2.03 9.29 -9.53
CA SER A 30 -2.48 9.91 -8.30
C SER A 30 -1.52 9.57 -7.17
N PHE A 31 -1.51 10.41 -6.15
CA PHE A 31 -0.63 10.21 -4.99
C PHE A 31 -1.27 9.28 -3.97
N ASP A 32 -0.42 8.66 -3.16
CA ASP A 32 -0.86 7.72 -2.14
C ASP A 32 -0.77 8.35 -0.75
N GLU A 33 -0.69 9.67 -0.71
CA GLU A 33 -0.56 10.39 0.57
C GLU A 33 -1.66 10.02 1.57
N LEU A 34 -2.89 9.90 1.09
CA LEU A 34 -4.01 9.57 1.96
C LEU A 34 -4.17 8.05 2.11
N LEU A 35 -3.28 7.32 1.47
CA LEU A 35 -3.31 5.87 1.53
C LEU A 35 -2.22 5.36 2.47
N ASP A 36 -1.00 5.84 2.24
CA ASP A 36 0.15 5.46 3.05
C ASP A 36 -0.10 5.80 4.52
N GLY A 37 -0.57 7.01 4.77
CA GLY A 37 -0.84 7.46 6.13
C GLY A 37 -1.76 6.51 6.89
N LEU A 38 -2.63 5.83 6.17
CA LEU A 38 -3.57 4.90 6.79
C LEU A 38 -2.88 3.57 7.10
N GLN A 39 -2.33 2.94 6.07
CA GLN A 39 -1.67 1.64 6.23
C GLN A 39 -0.46 1.74 7.17
N ASN A 40 0.24 2.86 7.09
CA ASN A 40 1.42 3.09 7.92
C ASN A 40 1.06 3.12 9.40
N MET A 41 0.11 3.98 9.75
CA MET A 41 -0.32 4.11 11.14
C MET A 41 -0.98 2.85 11.67
N LEU A 42 -1.83 2.22 10.86
CA LEU A 42 -2.55 1.01 11.26
C LEU A 42 -1.58 -0.12 11.65
N SER A 43 -0.54 -0.32 10.85
CA SER A 43 0.44 -1.37 11.10
C SER A 43 1.22 -1.11 12.40
N ILE A 44 1.13 0.10 12.92
CA ILE A 44 1.83 0.45 14.14
C ILE A 44 0.90 0.38 15.36
N GLU A 45 -0.31 0.91 15.21
CA GLU A 45 -1.27 0.93 16.30
C GLU A 45 -1.85 -0.45 16.58
N GLN A 46 -2.06 -1.26 15.54
CA GLN A 46 -2.63 -2.58 15.74
C GLN A 46 -2.37 -3.50 14.55
N TYR A 47 -1.34 -4.32 14.64
CA TYR A 47 -1.02 -5.26 13.58
C TYR A 47 -1.21 -6.68 14.10
N THR A 48 -1.76 -6.78 15.30
CA THR A 48 -2.00 -8.06 15.94
C THR A 48 -3.41 -8.55 15.69
N ASP A 49 -3.58 -9.30 14.61
CA ASP A 49 -4.88 -9.85 14.25
C ASP A 49 -5.28 -10.93 15.26
N GLY A 50 -4.41 -11.91 15.46
CA GLY A 50 -4.69 -12.97 16.42
C GLY A 50 -4.84 -14.33 15.77
N LYS A 51 -5.27 -14.33 14.51
CA LYS A 51 -5.48 -15.57 13.77
C LYS A 51 -4.58 -15.62 12.54
N GLY A 52 -4.62 -14.57 11.75
CA GLY A 52 -3.82 -14.48 10.56
C GLY A 52 -3.81 -13.08 9.99
N GLN A 53 -2.97 -12.23 10.56
CA GLN A 53 -2.88 -10.84 10.12
C GLN A 53 -2.43 -10.73 8.67
N LYS A 54 -3.40 -10.52 7.80
CA LYS A 54 -3.13 -10.38 6.38
C LYS A 54 -2.84 -8.92 6.07
N ILE A 55 -1.56 -8.60 5.92
CA ILE A 55 -1.13 -7.24 5.62
C ILE A 55 -0.78 -7.16 4.13
N SER A 56 -1.80 -7.12 3.29
CA SER A 56 -1.58 -7.07 1.86
C SER A 56 -2.00 -5.73 1.27
N VAL A 57 -1.02 -4.85 1.06
CA VAL A 57 -1.27 -3.55 0.47
C VAL A 57 -1.30 -3.69 -1.05
N HIS A 58 -2.49 -3.97 -1.57
CA HIS A 58 -2.66 -4.15 -3.01
C HIS A 58 -3.20 -2.88 -3.66
N VAL A 59 -2.31 -2.11 -4.25
CA VAL A 59 -2.71 -0.87 -4.91
C VAL A 59 -2.82 -1.08 -6.41
N LYS A 60 -3.65 -0.28 -7.06
CA LYS A 60 -3.84 -0.41 -8.50
C LYS A 60 -3.74 0.96 -9.15
N LEU A 61 -2.54 1.49 -9.19
CA LEU A 61 -2.27 2.79 -9.80
C LEU A 61 -1.56 2.59 -11.14
N GLY A 62 -0.47 1.83 -11.08
CA GLY A 62 0.30 1.56 -12.28
C GLY A 62 1.31 2.63 -12.59
N ASN A 63 0.86 3.66 -13.30
CA ASN A 63 1.73 4.77 -13.69
C ASN A 63 1.81 5.81 -12.57
N ARG A 64 2.03 5.33 -11.35
CA ARG A 64 2.13 6.21 -10.19
C ARG A 64 3.52 6.82 -10.09
N PHE A 65 4.50 6.14 -10.69
CA PHE A 65 5.90 6.58 -10.68
C PHE A 65 6.37 6.94 -9.27
N LEU A 66 6.10 6.06 -8.32
CA LEU A 66 6.49 6.30 -6.94
C LEU A 66 7.78 5.55 -6.61
N TYR A 67 8.67 6.22 -5.91
CA TYR A 67 9.95 5.64 -5.53
C TYR A 67 9.75 4.51 -4.52
N LYS A 68 10.11 3.30 -4.90
CA LYS A 68 9.97 2.13 -4.04
C LYS A 68 10.93 2.21 -2.86
N GLU A 69 11.98 3.00 -3.04
CA GLU A 69 12.99 3.19 -2.01
C GLU A 69 12.38 3.86 -0.79
N GLN A 70 11.36 4.69 -1.04
CA GLN A 70 10.68 5.39 0.03
C GLN A 70 9.79 4.43 0.81
N GLU A 71 9.28 3.42 0.12
CA GLU A 71 8.45 2.40 0.75
C GLU A 71 9.35 1.50 1.59
N GLU A 72 10.52 1.21 1.04
CA GLU A 72 11.51 0.35 1.68
C GLU A 72 11.97 0.92 3.03
N GLN A 73 12.25 2.23 3.05
CA GLN A 73 12.75 2.88 4.28
C GLN A 73 11.75 2.81 5.44
N LEU A 74 10.46 2.66 5.15
CA LEU A 74 9.47 2.58 6.21
C LEU A 74 9.16 1.12 6.53
N THR A 75 9.16 0.29 5.50
CA THR A 75 8.87 -1.13 5.67
C THR A 75 10.04 -1.85 6.34
N GLU A 76 11.22 -1.24 6.28
CA GLU A 76 12.43 -1.81 6.89
C GLU A 76 12.21 -2.16 8.36
N LEU A 77 11.44 -1.33 9.06
CA LEU A 77 11.16 -1.56 10.48
C LEU A 77 10.33 -2.82 10.68
N ILE A 78 9.57 -3.18 9.66
CA ILE A 78 8.73 -4.38 9.72
C ILE A 78 9.43 -5.56 9.05
N ALA A 79 10.25 -5.28 8.04
CA ALA A 79 10.98 -6.31 7.30
C ALA A 79 11.84 -7.18 8.21
N SER A 80 12.35 -6.60 9.28
CA SER A 80 13.19 -7.33 10.23
C SER A 80 12.38 -8.35 11.02
N LYS A 81 11.06 -8.22 10.97
CA LYS A 81 10.16 -9.12 11.67
C LYS A 81 8.90 -9.35 10.86
N LYS A 82 9.06 -9.45 9.53
CA LYS A 82 7.94 -9.65 8.63
C LYS A 82 7.52 -11.12 8.59
N ASP A 83 7.29 -11.68 9.76
CA ASP A 83 6.89 -13.07 9.87
C ASP A 83 5.38 -13.20 9.67
N LEU A 84 4.76 -12.09 9.33
CA LEU A 84 3.32 -12.05 9.09
C LEU A 84 3.04 -12.16 7.60
N PHE A 85 1.76 -12.29 7.25
CA PHE A 85 1.37 -12.41 5.87
C PHE A 85 1.28 -11.03 5.22
N VAL A 86 2.42 -10.34 5.17
CA VAL A 86 2.50 -9.02 4.58
C VAL A 86 2.99 -9.09 3.14
N HIS A 87 2.38 -8.31 2.27
CA HIS A 87 2.76 -8.29 0.86
C HIS A 87 2.14 -7.08 0.15
N SER A 88 2.97 -6.10 -0.19
CA SER A 88 2.50 -4.90 -0.88
C SER A 88 2.88 -4.97 -2.37
N ILE A 89 2.05 -4.37 -3.22
CA ILE A 89 2.31 -4.37 -4.66
C ILE A 89 1.36 -3.44 -5.40
N ASP A 90 1.79 -2.99 -6.57
CA ASP A 90 1.01 -2.11 -7.44
C ASP A 90 1.09 -2.64 -8.86
N SER A 91 0.15 -2.25 -9.71
CA SER A 91 0.14 -2.72 -11.09
C SER A 91 1.15 -1.94 -11.93
N GLU A 92 2.41 -2.00 -11.53
CA GLU A 92 3.49 -1.32 -12.22
C GLU A 92 3.61 -1.83 -13.66
N VAL A 93 3.89 -0.91 -14.57
CA VAL A 93 4.03 -1.27 -15.98
C VAL A 93 5.50 -1.35 -16.38
N ILE A 94 6.11 -2.47 -16.01
CA ILE A 94 7.51 -2.76 -16.34
C ILE A 94 8.45 -1.65 -15.84
N THR A 95 8.51 -1.48 -14.53
CA THR A 95 9.36 -0.46 -13.93
C THR A 95 10.76 -1.00 -13.69
N LYS A 96 11.42 -1.37 -14.77
CA LYS A 96 12.78 -1.90 -14.70
C LYS A 96 13.79 -0.80 -15.00
N LYS A 97 14.46 -0.33 -13.96
CA LYS A 97 15.45 0.72 -14.10
C LYS A 97 16.51 0.60 -13.02
N GLU A 98 17.77 0.67 -13.42
CA GLU A 98 18.87 0.55 -12.48
C GLU A 98 19.27 1.93 -11.96
N ALA A 99 18.53 2.40 -10.97
CA ALA A 99 18.80 3.70 -10.38
C ALA A 99 19.88 3.60 -9.31
N GLN A 100 21.13 3.65 -9.74
CA GLN A 100 22.26 3.56 -8.82
C GLN A 100 22.41 4.88 -8.07
N GLN A 101 22.01 4.88 -6.81
CA GLN A 101 22.08 6.07 -5.97
C GLN A 101 23.52 6.39 -5.61
N ILE A 102 24.14 7.25 -6.40
CA ILE A 102 25.51 7.67 -6.18
C ILE A 102 25.68 9.12 -6.60
N ARG A 103 26.27 9.93 -5.73
CA ARG A 103 26.49 11.33 -6.03
C ARG A 103 27.93 11.72 -5.78
N GLU A 104 28.43 12.65 -6.58
CA GLU A 104 29.80 13.13 -6.45
C GLU A 104 29.83 14.39 -5.59
N GLU A 105 28.71 15.08 -5.55
CA GLU A 105 28.57 16.32 -4.80
C GLU A 105 27.89 16.06 -3.45
N GLY A 1 -30.65 16.04 -13.39
CA GLY A 1 -31.67 15.77 -12.36
C GLY A 1 -31.08 15.20 -11.10
N SER A 2 -31.81 15.31 -10.00
CA SER A 2 -31.33 14.81 -8.71
C SER A 2 -31.42 13.28 -8.65
N HIS A 3 -30.26 12.62 -8.77
CA HIS A 3 -30.20 11.17 -8.71
C HIS A 3 -29.14 10.74 -7.71
N MET A 4 -29.30 9.57 -7.14
CA MET A 4 -28.34 9.04 -6.18
C MET A 4 -27.25 8.25 -6.89
N LYS A 5 -26.07 8.25 -6.30
CA LYS A 5 -24.93 7.55 -6.88
C LYS A 5 -25.01 6.06 -6.54
N THR A 6 -25.28 5.23 -7.53
CA THR A 6 -25.36 3.80 -7.31
C THR A 6 -23.99 3.24 -6.99
N LYS A 7 -23.04 3.42 -7.92
CA LYS A 7 -21.68 2.92 -7.74
C LYS A 7 -20.76 3.57 -8.76
N LYS A 8 -19.46 3.33 -8.62
CA LYS A 8 -18.46 3.89 -9.52
C LYS A 8 -17.29 2.93 -9.67
N GLN A 9 -16.40 3.22 -10.59
CA GLN A 9 -15.24 2.36 -10.84
C GLN A 9 -14.05 2.79 -9.98
N GLN A 10 -13.77 4.09 -9.96
CA GLN A 10 -12.65 4.62 -9.17
C GLN A 10 -13.07 4.83 -7.73
N TYR A 11 -12.48 4.07 -6.82
CA TYR A 11 -12.79 4.18 -5.39
C TYR A 11 -11.64 3.63 -4.55
N VAL A 12 -11.77 3.75 -3.24
CA VAL A 12 -10.75 3.27 -2.32
C VAL A 12 -11.39 2.55 -1.14
N THR A 13 -10.70 1.56 -0.60
CA THR A 13 -11.20 0.80 0.53
C THR A 13 -10.05 0.41 1.46
N ILE A 14 -10.23 0.65 2.75
CA ILE A 14 -9.21 0.32 3.75
C ILE A 14 -9.87 -0.28 4.98
N LYS A 15 -9.50 -1.50 5.34
CA LYS A 15 -10.06 -2.14 6.53
C LYS A 15 -8.96 -2.74 7.39
N GLY A 16 -9.08 -2.57 8.70
CA GLY A 16 -8.09 -3.10 9.61
C GLY A 16 -8.59 -3.12 11.03
N THR A 17 -9.79 -3.63 11.23
CA THR A 17 -10.37 -3.72 12.57
C THR A 17 -10.22 -5.13 13.13
N LYS A 18 -9.32 -5.26 14.11
CA LYS A 18 -9.04 -6.55 14.77
C LYS A 18 -8.44 -7.54 13.78
N ASN A 19 -8.00 -7.01 12.64
CA ASN A 19 -7.40 -7.82 11.59
C ASN A 19 -6.06 -7.21 11.20
N GLY A 20 -5.38 -7.81 10.24
CA GLY A 20 -4.09 -7.28 9.81
C GLY A 20 -4.22 -5.93 9.13
N LEU A 21 -4.27 -5.94 7.80
CA LEU A 21 -4.39 -4.70 7.04
C LEU A 21 -4.72 -5.01 5.58
N THR A 22 -5.99 -4.85 5.23
CA THR A 22 -6.42 -5.10 3.87
C THR A 22 -6.94 -3.80 3.25
N LEU A 23 -6.27 -3.34 2.20
CA LEU A 23 -6.67 -2.11 1.54
C LEU A 23 -6.47 -2.21 0.04
N HIS A 24 -7.24 -1.42 -0.70
CA HIS A 24 -7.16 -1.42 -2.16
C HIS A 24 -7.57 -0.06 -2.70
N LEU A 25 -6.82 0.45 -3.66
CA LEU A 25 -7.11 1.74 -4.28
C LEU A 25 -7.06 1.61 -5.80
N ASP A 26 -8.14 2.00 -6.46
CA ASP A 26 -8.20 1.94 -7.92
C ASP A 26 -8.09 3.32 -8.53
N ASP A 27 -6.95 3.61 -9.15
CA ASP A 27 -6.72 4.92 -9.77
C ASP A 27 -5.44 4.88 -10.61
N ALA A 28 -4.96 6.04 -11.02
CA ALA A 28 -3.75 6.11 -11.84
C ALA A 28 -3.23 7.55 -11.91
N CYS A 29 -1.91 7.71 -11.84
CA CYS A 29 -1.26 9.02 -11.90
C CYS A 29 -1.67 9.89 -10.71
N SER A 30 -2.09 9.25 -9.63
CA SER A 30 -2.51 9.97 -8.44
C SER A 30 -1.56 9.69 -7.29
N PHE A 31 -1.68 10.48 -6.23
CA PHE A 31 -0.83 10.34 -5.07
C PHE A 31 -1.45 9.35 -4.08
N ASP A 32 -0.61 8.58 -3.43
CA ASP A 32 -1.05 7.58 -2.48
C ASP A 32 -0.73 7.99 -1.04
N GLU A 33 -0.45 9.28 -0.85
CA GLU A 33 -0.09 9.78 0.48
C GLU A 33 -1.21 9.51 1.50
N LEU A 34 -2.46 9.62 1.05
CA LEU A 34 -3.60 9.38 1.93
C LEU A 34 -3.75 7.89 2.22
N LEU A 35 -3.15 7.08 1.36
CA LEU A 35 -3.21 5.63 1.52
C LEU A 35 -2.09 5.18 2.45
N ASP A 36 -0.90 5.75 2.23
CA ASP A 36 0.28 5.44 3.04
C ASP A 36 0.03 5.75 4.51
N GLY A 37 -0.51 6.94 4.76
CA GLY A 37 -0.79 7.36 6.13
C GLY A 37 -1.69 6.39 6.87
N LEU A 38 -2.58 5.73 6.13
CA LEU A 38 -3.50 4.76 6.72
C LEU A 38 -2.79 3.45 7.05
N GLN A 39 -2.12 2.87 6.05
CA GLN A 39 -1.43 1.61 6.23
C GLN A 39 -0.29 1.72 7.24
N ASN A 40 0.41 2.85 7.21
CA ASN A 40 1.53 3.07 8.12
C ASN A 40 1.06 3.11 9.57
N MET A 41 0.02 3.89 9.83
CA MET A 41 -0.53 4.04 11.17
C MET A 41 -1.06 2.73 11.73
N LEU A 42 -1.88 2.04 10.94
CA LEU A 42 -2.49 0.78 11.37
C LEU A 42 -1.43 -0.27 11.71
N SER A 43 -0.46 -0.45 10.83
CA SER A 43 0.59 -1.45 11.03
C SER A 43 1.48 -1.14 12.24
N ILE A 44 1.37 0.07 12.77
CA ILE A 44 2.19 0.45 13.92
C ILE A 44 1.49 0.19 15.25
N GLU A 45 0.24 0.61 15.37
CA GLU A 45 -0.48 0.44 16.62
C GLU A 45 -1.33 -0.84 16.69
N GLN A 46 -1.79 -1.35 15.55
CA GLN A 46 -2.62 -2.55 15.59
C GLN A 46 -2.36 -3.46 14.39
N TYR A 47 -1.35 -4.31 14.52
CA TYR A 47 -1.02 -5.25 13.45
C TYR A 47 -1.12 -6.68 13.97
N THR A 48 -1.70 -6.83 15.15
CA THR A 48 -1.87 -8.14 15.77
C THR A 48 -3.28 -8.67 15.59
N ASP A 49 -3.45 -9.55 14.61
CA ASP A 49 -4.75 -10.14 14.32
C ASP A 49 -5.01 -11.31 15.25
N GLY A 50 -4.01 -12.16 15.43
CA GLY A 50 -4.14 -13.30 16.30
C GLY A 50 -4.27 -14.60 15.54
N LYS A 51 -5.08 -14.60 14.48
CA LYS A 51 -5.28 -15.79 13.68
C LYS A 51 -4.43 -15.72 12.42
N GLY A 52 -4.44 -14.56 11.79
CA GLY A 52 -3.67 -14.36 10.58
C GLY A 52 -3.78 -12.93 10.09
N GLN A 53 -2.85 -12.09 10.52
CA GLN A 53 -2.85 -10.69 10.12
C GLN A 53 -2.52 -10.55 8.63
N LYS A 54 -3.56 -10.47 7.83
CA LYS A 54 -3.40 -10.33 6.39
C LYS A 54 -3.09 -8.88 6.05
N ILE A 55 -1.80 -8.58 6.01
CA ILE A 55 -1.34 -7.23 5.69
C ILE A 55 -1.00 -7.17 4.21
N SER A 56 -2.00 -6.92 3.39
CA SER A 56 -1.80 -6.87 1.95
C SER A 56 -2.11 -5.50 1.38
N VAL A 57 -1.06 -4.72 1.13
CA VAL A 57 -1.21 -3.41 0.55
C VAL A 57 -1.32 -3.55 -0.97
N HIS A 58 -2.55 -3.62 -1.45
CA HIS A 58 -2.79 -3.78 -2.87
C HIS A 58 -3.15 -2.46 -3.54
N VAL A 59 -2.14 -1.84 -4.14
CA VAL A 59 -2.35 -0.58 -4.84
C VAL A 59 -2.59 -0.87 -6.31
N LYS A 60 -3.57 -0.20 -6.89
CA LYS A 60 -3.87 -0.38 -8.30
C LYS A 60 -3.75 0.95 -9.02
N LEU A 61 -2.56 1.51 -8.99
CA LEU A 61 -2.29 2.79 -9.63
C LEU A 61 -1.58 2.56 -10.96
N GLY A 62 -0.54 1.76 -10.92
CA GLY A 62 0.22 1.47 -12.11
C GLY A 62 1.31 2.49 -12.34
N ASN A 63 1.02 3.48 -13.17
CA ASN A 63 1.99 4.52 -13.48
C ASN A 63 1.89 5.65 -12.45
N ARG A 64 2.13 5.28 -11.19
CA ARG A 64 2.10 6.24 -10.10
C ARG A 64 3.45 6.96 -10.00
N PHE A 65 4.46 6.31 -10.59
CA PHE A 65 5.83 6.82 -10.61
C PHE A 65 6.32 7.19 -9.22
N LEU A 66 6.29 6.24 -8.32
CA LEU A 66 6.74 6.46 -6.95
C LEU A 66 7.98 5.60 -6.70
N TYR A 67 8.92 6.16 -5.96
CA TYR A 67 10.16 5.46 -5.65
C TYR A 67 9.94 4.39 -4.60
N LYS A 68 10.26 3.14 -4.95
CA LYS A 68 10.09 2.02 -4.03
C LYS A 68 10.99 2.19 -2.81
N GLU A 69 12.07 2.94 -3.00
CA GLU A 69 13.01 3.22 -1.91
C GLU A 69 12.30 3.94 -0.78
N GLN A 70 11.35 4.80 -1.13
CA GLN A 70 10.59 5.57 -0.14
C GLN A 70 9.66 4.65 0.63
N GLU A 71 9.28 3.55 0.01
CA GLU A 71 8.41 2.57 0.64
C GLU A 71 9.24 1.61 1.47
N GLU A 72 10.36 1.17 0.90
CA GLU A 72 11.25 0.24 1.58
C GLU A 72 11.81 0.84 2.87
N GLN A 73 12.03 2.15 2.86
CA GLN A 73 12.56 2.84 4.04
C GLN A 73 11.63 2.67 5.24
N LEU A 74 10.32 2.66 5.00
CA LEU A 74 9.36 2.50 6.09
C LEU A 74 9.08 1.02 6.33
N THR A 75 9.29 0.22 5.28
CA THR A 75 9.08 -1.22 5.38
C THR A 75 10.17 -1.83 6.26
N GLU A 76 11.28 -1.12 6.41
CA GLU A 76 12.41 -1.57 7.23
C GLU A 76 11.96 -1.84 8.66
N LEU A 77 10.95 -1.10 9.13
CA LEU A 77 10.43 -1.25 10.48
C LEU A 77 9.71 -2.59 10.62
N ILE A 78 9.14 -3.06 9.51
CA ILE A 78 8.43 -4.32 9.50
C ILE A 78 9.35 -5.45 9.03
N ALA A 79 10.36 -5.12 8.23
CA ALA A 79 11.31 -6.10 7.71
C ALA A 79 12.01 -6.88 8.82
N SER A 80 12.14 -6.27 9.99
CA SER A 80 12.79 -6.92 11.12
C SER A 80 11.88 -8.01 11.71
N LYS A 81 10.61 -7.95 11.36
CA LYS A 81 9.63 -8.91 11.85
C LYS A 81 8.58 -9.19 10.78
N LYS A 82 9.03 -9.35 9.55
CA LYS A 82 8.12 -9.60 8.43
C LYS A 82 7.78 -11.09 8.33
N ASP A 83 7.44 -11.68 9.47
CA ASP A 83 7.08 -13.09 9.51
C ASP A 83 5.58 -13.26 9.37
N LEU A 84 4.89 -12.12 9.25
CA LEU A 84 3.44 -12.12 9.11
C LEU A 84 3.07 -12.12 7.62
N PHE A 85 1.78 -12.21 7.34
CA PHE A 85 1.31 -12.21 5.96
C PHE A 85 1.29 -10.80 5.39
N VAL A 86 2.47 -10.27 5.10
CA VAL A 86 2.58 -8.92 4.55
C VAL A 86 3.03 -8.96 3.09
N HIS A 87 2.26 -8.32 2.22
CA HIS A 87 2.58 -8.28 0.80
C HIS A 87 2.03 -7.03 0.14
N SER A 88 2.91 -6.16 -0.31
CA SER A 88 2.51 -4.93 -0.99
C SER A 88 2.78 -5.05 -2.48
N ILE A 89 1.88 -4.52 -3.31
CA ILE A 89 2.06 -4.61 -4.76
C ILE A 89 1.22 -3.55 -5.48
N ASP A 90 1.74 -3.06 -6.60
CA ASP A 90 1.05 -2.05 -7.42
C ASP A 90 1.00 -2.55 -8.86
N SER A 91 0.18 -1.93 -9.69
CA SER A 91 0.04 -2.33 -11.08
C SER A 91 1.16 -1.74 -11.95
N GLU A 92 2.40 -1.81 -11.45
CA GLU A 92 3.55 -1.28 -12.17
C GLU A 92 3.71 -1.95 -13.54
N VAL A 93 4.07 -1.17 -14.54
CA VAL A 93 4.23 -1.69 -15.89
C VAL A 93 5.71 -1.93 -16.23
N ILE A 94 6.24 -3.05 -15.74
CA ILE A 94 7.63 -3.44 -15.98
C ILE A 94 8.60 -2.29 -15.67
N THR A 95 8.53 -1.79 -14.44
CA THR A 95 9.37 -0.70 -14.02
C THR A 95 10.74 -1.21 -13.59
N LYS A 96 11.54 -1.59 -14.58
CA LYS A 96 12.88 -2.11 -14.32
C LYS A 96 13.92 -1.05 -14.65
N LYS A 97 13.99 -0.03 -13.80
CA LYS A 97 14.93 1.06 -14.00
C LYS A 97 16.17 0.86 -13.14
N GLU A 98 17.34 1.05 -13.71
CA GLU A 98 18.58 0.90 -12.99
C GLU A 98 18.88 2.16 -12.18
N ALA A 99 18.10 2.36 -11.12
CA ALA A 99 18.24 3.52 -10.26
C ALA A 99 19.47 3.40 -9.37
N GLN A 100 20.61 3.80 -9.90
CA GLN A 100 21.86 3.75 -9.16
C GLN A 100 22.04 5.04 -8.38
N GLN A 101 21.87 4.96 -7.08
CA GLN A 101 22.02 6.12 -6.21
C GLN A 101 23.49 6.49 -6.08
N ILE A 102 23.91 7.49 -6.83
CA ILE A 102 25.29 7.97 -6.80
C ILE A 102 25.35 9.46 -7.09
N ARG A 103 26.14 10.18 -6.33
CA ARG A 103 26.30 11.62 -6.51
C ARG A 103 27.76 12.02 -6.42
N GLU A 104 28.14 13.01 -7.20
CA GLU A 104 29.50 13.52 -7.18
C GLU A 104 29.48 14.99 -6.79
N GLU A 105 28.53 15.32 -5.94
CA GLU A 105 28.34 16.68 -5.46
C GLU A 105 28.28 16.69 -3.94
N GLY A 1 -35.06 14.38 -11.61
CA GLY A 1 -35.27 13.30 -10.62
C GLY A 1 -33.99 12.99 -9.86
N SER A 2 -34.13 12.37 -8.70
CA SER A 2 -32.98 12.02 -7.89
C SER A 2 -32.32 10.76 -8.45
N HIS A 3 -31.02 10.61 -8.20
CA HIS A 3 -30.29 9.45 -8.69
C HIS A 3 -29.47 8.81 -7.59
N MET A 4 -29.73 7.54 -7.35
CA MET A 4 -29.03 6.80 -6.30
C MET A 4 -27.61 6.48 -6.74
N LYS A 5 -26.82 5.93 -5.83
CA LYS A 5 -25.44 5.59 -6.11
C LYS A 5 -25.32 4.14 -6.60
N THR A 6 -24.65 3.95 -7.72
CA THR A 6 -24.45 2.63 -8.28
C THR A 6 -23.03 2.15 -8.05
N LYS A 7 -22.75 0.91 -8.42
CA LYS A 7 -21.42 0.34 -8.25
C LYS A 7 -20.46 0.92 -9.29
N LYS A 8 -19.16 0.78 -9.04
CA LYS A 8 -18.15 1.29 -9.93
C LYS A 8 -17.03 0.28 -10.12
N GLN A 9 -16.11 0.57 -11.03
CA GLN A 9 -14.99 -0.32 -11.32
C GLN A 9 -13.81 -0.02 -10.39
N GLN A 10 -13.30 1.20 -10.50
CA GLN A 10 -12.18 1.62 -9.68
C GLN A 10 -12.69 2.33 -8.42
N TYR A 11 -12.01 2.12 -7.31
CA TYR A 11 -12.39 2.73 -6.04
C TYR A 11 -11.28 2.57 -5.01
N VAL A 12 -11.57 2.90 -3.77
CA VAL A 12 -10.60 2.79 -2.69
C VAL A 12 -11.22 2.07 -1.48
N THR A 13 -10.43 1.26 -0.79
CA THR A 13 -10.90 0.55 0.38
C THR A 13 -9.74 0.28 1.34
N ILE A 14 -10.00 0.42 2.64
CA ILE A 14 -9.00 0.20 3.67
C ILE A 14 -9.61 -0.56 4.84
N LYS A 15 -8.98 -1.67 5.23
CA LYS A 15 -9.45 -2.48 6.35
C LYS A 15 -8.29 -2.78 7.30
N GLY A 16 -8.30 -2.11 8.45
CA GLY A 16 -7.26 -2.31 9.44
C GLY A 16 -7.76 -1.98 10.84
N THR A 17 -8.47 -2.92 11.43
CA THR A 17 -9.02 -2.72 12.76
C THR A 17 -8.72 -3.90 13.67
N LYS A 18 -9.36 -5.03 13.40
CA LYS A 18 -9.16 -6.24 14.17
C LYS A 18 -8.42 -7.26 13.33
N ASN A 19 -7.44 -6.76 12.59
CA ASN A 19 -6.63 -7.56 11.69
C ASN A 19 -5.32 -6.83 11.41
N GLY A 20 -4.60 -7.21 10.37
CA GLY A 20 -3.36 -6.53 10.03
C GLY A 20 -3.61 -5.24 9.30
N LEU A 21 -3.56 -5.29 7.97
CA LEU A 21 -3.78 -4.13 7.14
C LEU A 21 -4.07 -4.54 5.70
N THR A 22 -5.34 -4.51 5.34
CA THR A 22 -5.76 -4.89 4.00
C THR A 22 -6.37 -3.69 3.29
N LEU A 23 -5.59 -3.06 2.42
CA LEU A 23 -6.06 -1.89 1.69
C LEU A 23 -5.70 -2.00 0.22
N HIS A 24 -6.47 -1.32 -0.61
CA HIS A 24 -6.26 -1.34 -2.06
C HIS A 24 -6.79 -0.05 -2.69
N LEU A 25 -5.95 0.59 -3.48
CA LEU A 25 -6.33 1.80 -4.18
C LEU A 25 -6.27 1.54 -5.67
N ASP A 26 -7.31 1.94 -6.39
CA ASP A 26 -7.36 1.75 -7.82
C ASP A 26 -7.58 3.09 -8.50
N ASP A 27 -6.51 3.87 -8.58
CA ASP A 27 -6.58 5.19 -9.19
C ASP A 27 -5.22 5.56 -9.77
N ALA A 28 -5.19 5.95 -11.04
CA ALA A 28 -3.95 6.31 -11.70
C ALA A 28 -3.82 7.83 -11.79
N CYS A 29 -2.58 8.31 -11.87
CA CYS A 29 -2.30 9.74 -11.96
C CYS A 29 -2.79 10.50 -10.73
N SER A 30 -2.86 9.81 -9.60
CA SER A 30 -3.32 10.41 -8.37
C SER A 30 -2.31 10.18 -7.26
N PHE A 31 -2.36 11.01 -6.22
CA PHE A 31 -1.46 10.88 -5.10
C PHE A 31 -2.09 10.01 -4.02
N ASP A 32 -1.35 9.00 -3.58
CA ASP A 32 -1.82 8.07 -2.55
C ASP A 32 -1.57 8.62 -1.15
N GLU A 33 -1.69 9.94 -1.00
CA GLU A 33 -1.49 10.58 0.29
C GLU A 33 -2.48 10.05 1.33
N LEU A 34 -3.69 9.76 0.87
CA LEU A 34 -4.75 9.24 1.74
C LEU A 34 -4.61 7.74 1.94
N LEU A 35 -3.65 7.14 1.24
CA LEU A 35 -3.43 5.71 1.35
C LEU A 35 -2.21 5.42 2.21
N ASP A 36 -1.08 6.04 1.87
CA ASP A 36 0.17 5.84 2.61
C ASP A 36 0.01 6.35 4.05
N GLY A 37 -0.76 7.42 4.22
CA GLY A 37 -1.00 7.98 5.54
C GLY A 37 -1.66 6.99 6.47
N LEU A 38 -2.65 6.26 5.96
CA LEU A 38 -3.36 5.28 6.77
C LEU A 38 -2.58 3.97 6.83
N GLN A 39 -1.84 3.68 5.76
CA GLN A 39 -1.03 2.47 5.68
C GLN A 39 -0.03 2.43 6.83
N ASN A 40 0.75 3.50 6.96
CA ASN A 40 1.75 3.59 8.00
C ASN A 40 1.10 3.71 9.37
N MET A 41 -0.03 4.40 9.42
CA MET A 41 -0.75 4.60 10.67
C MET A 41 -1.22 3.28 11.27
N LEU A 42 -1.97 2.51 10.50
CA LEU A 42 -2.52 1.24 10.98
C LEU A 42 -1.43 0.21 11.28
N SER A 43 -0.37 0.20 10.47
CA SER A 43 0.74 -0.74 10.66
C SER A 43 1.42 -0.53 12.02
N ILE A 44 1.25 0.66 12.59
CA ILE A 44 1.83 0.97 13.89
C ILE A 44 0.74 0.95 14.97
N GLU A 45 -0.44 1.36 14.59
CA GLU A 45 -1.58 1.43 15.51
C GLU A 45 -2.04 0.05 15.97
N GLN A 46 -2.40 -0.81 15.03
CA GLN A 46 -2.88 -2.13 15.37
C GLN A 46 -2.66 -3.11 14.22
N TYR A 47 -1.86 -4.14 14.48
CA TYR A 47 -1.59 -5.17 13.50
C TYR A 47 -1.42 -6.52 14.19
N THR A 48 -2.04 -6.65 15.35
CA THR A 48 -1.94 -7.86 16.15
C THR A 48 -3.21 -8.72 16.05
N ASP A 49 -3.27 -9.52 15.01
CA ASP A 49 -4.40 -10.41 14.79
C ASP A 49 -4.09 -11.79 15.34
N GLY A 50 -5.11 -12.45 15.85
CA GLY A 50 -4.95 -13.79 16.38
C GLY A 50 -5.31 -14.83 15.33
N LYS A 51 -5.87 -14.36 14.22
CA LYS A 51 -6.28 -15.22 13.12
C LYS A 51 -5.32 -15.07 11.96
N GLY A 52 -4.15 -14.52 12.24
CA GLY A 52 -3.16 -14.31 11.20
C GLY A 52 -3.36 -12.96 10.54
N GLN A 53 -2.67 -11.96 11.07
CA GLN A 53 -2.76 -10.59 10.55
C GLN A 53 -2.45 -10.52 9.07
N LYS A 54 -3.44 -10.11 8.29
CA LYS A 54 -3.29 -9.99 6.85
C LYS A 54 -2.86 -8.57 6.48
N ILE A 55 -1.62 -8.42 6.07
CA ILE A 55 -1.09 -7.12 5.68
C ILE A 55 -0.80 -7.10 4.18
N SER A 56 -1.86 -7.18 3.39
CA SER A 56 -1.72 -7.18 1.93
C SER A 56 -1.89 -5.78 1.36
N VAL A 57 -0.79 -5.06 1.24
CA VAL A 57 -0.82 -3.71 0.69
C VAL A 57 -0.84 -3.77 -0.83
N HIS A 58 -2.01 -3.54 -1.41
CA HIS A 58 -2.15 -3.58 -2.87
C HIS A 58 -2.30 -2.17 -3.44
N VAL A 59 -1.18 -1.59 -3.84
CA VAL A 59 -1.16 -0.24 -4.40
C VAL A 59 -1.19 -0.32 -5.93
N LYS A 60 -2.39 -0.49 -6.46
CA LYS A 60 -2.54 -0.59 -7.91
C LYS A 60 -2.87 0.77 -8.51
N LEU A 61 -1.87 1.63 -8.60
CA LEU A 61 -2.07 2.95 -9.16
C LEU A 61 -2.02 2.88 -10.68
N GLY A 62 -0.86 2.54 -11.22
CA GLY A 62 -0.72 2.42 -12.66
C GLY A 62 0.48 3.15 -13.20
N ASN A 63 0.34 4.45 -13.36
CA ASN A 63 1.42 5.27 -13.89
C ASN A 63 1.64 6.52 -13.02
N ARG A 64 1.48 6.35 -11.72
CA ARG A 64 1.66 7.45 -10.79
C ARG A 64 3.14 7.53 -10.40
N PHE A 65 3.82 6.40 -10.55
CA PHE A 65 5.24 6.27 -10.24
C PHE A 65 5.46 6.36 -8.73
N LEU A 66 5.02 5.32 -8.03
CA LEU A 66 5.16 5.26 -6.58
C LEU A 66 6.62 5.08 -6.20
N TYR A 67 7.03 5.74 -5.14
CA TYR A 67 8.40 5.65 -4.67
C TYR A 67 8.57 4.44 -3.78
N LYS A 68 8.99 3.32 -4.38
CA LYS A 68 9.17 2.09 -3.62
C LYS A 68 10.21 2.26 -2.52
N GLU A 69 11.15 3.17 -2.74
CA GLU A 69 12.20 3.43 -1.77
C GLU A 69 11.58 3.90 -0.46
N GLN A 70 10.50 4.67 -0.57
CA GLN A 70 9.80 5.22 0.57
C GLN A 70 9.05 4.13 1.33
N GLU A 71 8.51 3.18 0.60
CA GLU A 71 7.77 2.08 1.21
C GLU A 71 8.72 1.04 1.78
N GLU A 72 9.81 0.80 1.06
CA GLU A 72 10.81 -0.16 1.45
C GLU A 72 11.46 0.21 2.78
N GLN A 73 11.88 1.47 2.91
CA GLN A 73 12.54 1.93 4.13
C GLN A 73 11.68 1.72 5.39
N LEU A 74 10.36 1.79 5.25
CA LEU A 74 9.48 1.59 6.40
C LEU A 74 9.21 0.10 6.57
N THR A 75 9.17 -0.63 5.47
CA THR A 75 8.93 -2.07 5.49
C THR A 75 10.14 -2.80 6.08
N GLU A 76 11.31 -2.19 5.95
CA GLU A 76 12.55 -2.76 6.46
C GLU A 76 12.42 -3.14 7.93
N LEU A 77 11.70 -2.32 8.68
CA LEU A 77 11.49 -2.56 10.11
C LEU A 77 10.76 -3.88 10.34
N ILE A 78 9.66 -4.06 9.62
CA ILE A 78 8.85 -5.28 9.76
C ILE A 78 9.51 -6.45 9.05
N ALA A 79 10.28 -6.16 8.00
CA ALA A 79 10.98 -7.20 7.23
C ALA A 79 11.87 -8.07 8.10
N SER A 80 12.37 -7.51 9.19
CA SER A 80 13.24 -8.24 10.10
C SER A 80 12.49 -9.43 10.72
N LYS A 81 11.19 -9.29 10.89
CA LYS A 81 10.37 -10.32 11.48
C LYS A 81 9.00 -10.36 10.79
N LYS A 82 9.03 -10.39 9.46
CA LYS A 82 7.79 -10.41 8.68
C LYS A 82 7.16 -11.81 8.66
N ASP A 83 6.84 -12.30 9.85
CA ASP A 83 6.21 -13.61 9.99
C ASP A 83 4.73 -13.49 9.63
N LEU A 84 4.26 -12.24 9.61
CA LEU A 84 2.87 -11.95 9.29
C LEU A 84 2.65 -12.10 7.79
N PHE A 85 1.39 -12.11 7.38
CA PHE A 85 1.07 -12.24 5.96
C PHE A 85 1.11 -10.87 5.29
N VAL A 86 2.31 -10.32 5.19
CA VAL A 86 2.51 -9.01 4.58
C VAL A 86 2.92 -9.16 3.12
N HIS A 87 2.11 -8.61 2.22
CA HIS A 87 2.39 -8.68 0.79
C HIS A 87 2.05 -7.38 0.08
N SER A 88 3.05 -6.52 -0.07
CA SER A 88 2.88 -5.24 -0.73
C SER A 88 3.28 -5.34 -2.20
N ILE A 89 2.41 -4.87 -3.08
CA ILE A 89 2.67 -4.92 -4.51
C ILE A 89 2.00 -3.75 -5.23
N ASP A 90 2.76 -3.13 -6.13
CA ASP A 90 2.27 -1.99 -6.91
C ASP A 90 1.95 -2.44 -8.34
N SER A 91 1.56 -1.50 -9.18
CA SER A 91 1.24 -1.79 -10.57
C SER A 91 1.78 -0.71 -11.50
N GLU A 92 2.92 -0.12 -11.12
CA GLU A 92 3.53 0.93 -11.92
C GLU A 92 4.46 0.35 -12.96
N VAL A 93 5.12 1.23 -13.71
CA VAL A 93 6.04 0.80 -14.73
C VAL A 93 7.46 1.23 -14.37
N ILE A 94 8.41 0.30 -14.48
CA ILE A 94 9.79 0.60 -14.15
C ILE A 94 10.58 0.99 -15.40
N THR A 95 10.92 2.27 -15.49
CA THR A 95 11.67 2.79 -16.61
C THR A 95 12.74 3.76 -16.11
N LYS A 96 13.59 4.25 -17.01
CA LYS A 96 14.64 5.18 -16.64
C LYS A 96 14.11 6.61 -16.63
N LYS A 97 14.17 7.24 -15.46
CA LYS A 97 13.71 8.61 -15.32
C LYS A 97 14.56 9.35 -14.29
N GLU A 98 14.92 10.58 -14.61
CA GLU A 98 15.74 11.40 -13.71
C GLU A 98 14.86 12.09 -12.68
N ALA A 99 14.19 11.28 -11.87
CA ALA A 99 13.31 11.78 -10.83
C ALA A 99 14.09 11.97 -9.53
N GLN A 100 14.88 13.02 -9.48
CA GLN A 100 15.68 13.31 -8.30
C GLN A 100 14.81 13.98 -7.24
N GLN A 101 14.96 13.57 -5.99
CA GLN A 101 14.18 14.14 -4.91
C GLN A 101 14.72 15.51 -4.53
N ILE A 102 14.37 16.51 -5.34
CA ILE A 102 14.79 17.87 -5.10
C ILE A 102 13.65 18.85 -5.40
N ARG A 103 12.92 19.21 -4.36
CA ARG A 103 11.80 20.14 -4.48
C ARG A 103 11.76 21.06 -3.28
N GLU A 104 11.51 22.34 -3.52
CA GLU A 104 11.44 23.32 -2.44
C GLU A 104 10.02 23.46 -1.92
N GLU A 105 9.17 22.51 -2.30
CA GLU A 105 7.78 22.52 -1.89
C GLU A 105 7.50 21.35 -0.95
N GLY A 1 -34.19 10.75 -6.53
CA GLY A 1 -33.98 9.34 -6.10
C GLY A 1 -32.52 8.95 -6.12
N SER A 2 -32.21 7.79 -5.56
CA SER A 2 -30.85 7.31 -5.52
C SER A 2 -30.41 6.77 -6.87
N HIS A 3 -29.11 6.67 -7.07
CA HIS A 3 -28.56 6.15 -8.32
C HIS A 3 -27.83 4.85 -8.05
N MET A 4 -27.81 3.98 -9.05
CA MET A 4 -27.14 2.69 -8.93
C MET A 4 -25.73 2.77 -9.46
N LYS A 5 -24.84 1.99 -8.85
CA LYS A 5 -23.44 1.97 -9.26
C LYS A 5 -23.23 0.88 -10.31
N THR A 6 -23.30 1.29 -11.57
CA THR A 6 -23.10 0.37 -12.68
C THR A 6 -21.63 0.02 -12.82
N LYS A 7 -20.80 1.05 -12.82
CA LYS A 7 -19.36 0.87 -12.93
C LYS A 7 -18.65 1.78 -11.95
N LYS A 8 -17.35 1.60 -11.79
CA LYS A 8 -16.57 2.41 -10.89
C LYS A 8 -15.38 3.02 -11.61
N GLN A 9 -14.98 4.20 -11.17
CA GLN A 9 -13.83 4.88 -11.76
C GLN A 9 -12.57 4.45 -11.04
N GLN A 10 -12.60 4.60 -9.72
CA GLN A 10 -11.47 4.24 -8.87
C GLN A 10 -11.97 3.85 -7.48
N TYR A 11 -11.84 2.58 -7.15
CA TYR A 11 -12.27 2.08 -5.87
C TYR A 11 -11.15 2.17 -4.84
N VAL A 12 -11.53 2.27 -3.58
CA VAL A 12 -10.56 2.36 -2.49
C VAL A 12 -11.19 1.84 -1.19
N THR A 13 -10.42 1.05 -0.46
CA THR A 13 -10.87 0.50 0.81
C THR A 13 -9.67 0.22 1.71
N ILE A 14 -9.85 0.45 3.00
CA ILE A 14 -8.78 0.22 3.97
C ILE A 14 -9.33 -0.49 5.21
N LYS A 15 -8.95 -1.73 5.39
CA LYS A 15 -9.40 -2.51 6.53
C LYS A 15 -8.25 -2.74 7.51
N GLY A 16 -8.44 -2.31 8.75
CA GLY A 16 -7.40 -2.47 9.75
C GLY A 16 -7.91 -2.15 11.14
N THR A 17 -8.65 -3.07 11.73
CA THR A 17 -9.19 -2.86 13.07
C THR A 17 -9.22 -4.15 13.88
N LYS A 18 -9.75 -5.22 13.28
CA LYS A 18 -9.82 -6.50 13.97
C LYS A 18 -8.82 -7.48 13.39
N ASN A 19 -8.22 -7.10 12.28
CA ASN A 19 -7.25 -7.93 11.60
C ASN A 19 -5.97 -7.12 11.40
N GLY A 20 -5.13 -7.52 10.44
CA GLY A 20 -3.90 -6.80 10.17
C GLY A 20 -4.14 -5.51 9.42
N LEU A 21 -3.78 -5.50 8.15
CA LEU A 21 -3.94 -4.31 7.32
C LEU A 21 -4.20 -4.70 5.87
N THR A 22 -5.44 -4.57 5.44
CA THR A 22 -5.83 -4.92 4.08
C THR A 22 -6.38 -3.69 3.38
N LEU A 23 -5.62 -3.15 2.43
CA LEU A 23 -6.05 -1.96 1.71
C LEU A 23 -5.83 -2.14 0.21
N HIS A 24 -6.65 -1.46 -0.57
CA HIS A 24 -6.56 -1.53 -2.01
C HIS A 24 -7.09 -0.24 -2.65
N LEU A 25 -6.28 0.34 -3.52
CA LEU A 25 -6.65 1.55 -4.24
C LEU A 25 -6.46 1.31 -5.72
N ASP A 26 -7.45 1.70 -6.51
CA ASP A 26 -7.38 1.52 -7.96
C ASP A 26 -7.42 2.86 -8.68
N ASP A 27 -6.44 3.71 -8.38
CA ASP A 27 -6.35 5.04 -8.96
C ASP A 27 -4.99 5.22 -9.66
N ALA A 28 -5.00 5.89 -10.80
CA ALA A 28 -3.78 6.11 -11.54
C ALA A 28 -3.57 7.60 -11.80
N CYS A 29 -2.32 8.03 -11.84
CA CYS A 29 -1.93 9.43 -12.08
C CYS A 29 -2.19 10.32 -10.86
N SER A 30 -3.18 9.98 -10.05
CA SER A 30 -3.49 10.75 -8.86
C SER A 30 -2.55 10.35 -7.73
N PHE A 31 -2.63 11.01 -6.58
CA PHE A 31 -1.76 10.68 -5.46
C PHE A 31 -2.57 10.00 -4.35
N ASP A 32 -1.94 9.07 -3.67
CA ASP A 32 -2.58 8.31 -2.60
C ASP A 32 -2.18 8.86 -1.23
N GLU A 33 -2.28 10.18 -1.08
CA GLU A 33 -1.92 10.85 0.16
C GLU A 33 -2.77 10.36 1.33
N LEU A 34 -4.03 10.01 1.06
CA LEU A 34 -4.93 9.53 2.11
C LEU A 34 -4.76 8.03 2.34
N LEU A 35 -4.11 7.36 1.40
CA LEU A 35 -3.90 5.93 1.53
C LEU A 35 -2.65 5.63 2.35
N ASP A 36 -1.53 6.24 1.95
CA ASP A 36 -0.27 6.04 2.65
C ASP A 36 -0.39 6.44 4.13
N GLY A 37 -1.23 7.43 4.39
CA GLY A 37 -1.44 7.89 5.75
C GLY A 37 -2.04 6.80 6.63
N LEU A 38 -3.12 6.18 6.16
CA LEU A 38 -3.78 5.11 6.91
C LEU A 38 -2.92 3.85 6.91
N GLN A 39 -2.23 3.62 5.79
CA GLN A 39 -1.36 2.46 5.64
C GLN A 39 -0.28 2.45 6.71
N ASN A 40 0.45 3.55 6.80
CA ASN A 40 1.54 3.68 7.76
C ASN A 40 1.01 3.73 9.19
N MET A 41 -0.10 4.43 9.39
CA MET A 41 -0.69 4.59 10.71
C MET A 41 -1.15 3.26 11.30
N LEU A 42 -2.02 2.54 10.60
CA LEU A 42 -2.56 1.28 11.10
C LEU A 42 -1.47 0.23 11.32
N SER A 43 -0.47 0.21 10.44
CA SER A 43 0.61 -0.76 10.54
C SER A 43 1.44 -0.57 11.82
N ILE A 44 1.43 0.64 12.35
CA ILE A 44 2.18 0.94 13.57
C ILE A 44 1.24 1.00 14.77
N GLU A 45 -0.03 1.30 14.52
CA GLU A 45 -1.03 1.40 15.58
C GLU A 45 -1.40 0.03 16.12
N GLN A 46 -2.04 -0.79 15.29
CA GLN A 46 -2.45 -2.11 15.71
C GLN A 46 -2.67 -3.03 14.52
N TYR A 47 -1.89 -4.11 14.48
CA TYR A 47 -2.00 -5.09 13.40
C TYR A 47 -1.99 -6.50 14.00
N THR A 48 -2.40 -6.57 15.26
CA THR A 48 -2.43 -7.82 15.99
C THR A 48 -3.78 -8.53 15.84
N ASP A 49 -3.87 -9.39 14.83
CA ASP A 49 -5.09 -10.14 14.58
C ASP A 49 -5.19 -11.30 15.58
N GLY A 50 -4.29 -12.26 15.45
CA GLY A 50 -4.28 -13.40 16.36
C GLY A 50 -4.41 -14.72 15.63
N LYS A 51 -5.27 -14.75 14.62
CA LYS A 51 -5.49 -15.95 13.85
C LYS A 51 -4.64 -15.96 12.60
N GLY A 52 -4.49 -14.79 12.01
CA GLY A 52 -3.71 -14.64 10.82
C GLY A 52 -3.85 -13.26 10.22
N GLN A 53 -3.14 -12.29 10.79
CA GLN A 53 -3.20 -10.90 10.33
C GLN A 53 -2.75 -10.79 8.87
N LYS A 54 -3.65 -10.31 8.04
CA LYS A 54 -3.37 -10.15 6.62
C LYS A 54 -2.90 -8.73 6.35
N ILE A 55 -1.60 -8.57 6.18
CA ILE A 55 -1.03 -7.26 5.90
C ILE A 55 -0.70 -7.17 4.42
N SER A 56 -1.74 -7.06 3.59
CA SER A 56 -1.56 -6.98 2.16
C SER A 56 -1.86 -5.59 1.62
N VAL A 57 -0.81 -4.88 1.24
CA VAL A 57 -0.95 -3.54 0.69
C VAL A 57 -1.06 -3.63 -0.83
N HIS A 58 -2.28 -3.54 -1.34
CA HIS A 58 -2.51 -3.63 -2.79
C HIS A 58 -2.66 -2.24 -3.38
N VAL A 59 -1.55 -1.65 -3.79
CA VAL A 59 -1.57 -0.32 -4.38
C VAL A 59 -1.57 -0.42 -5.90
N LYS A 60 -2.72 -0.78 -6.46
CA LYS A 60 -2.86 -0.91 -7.90
C LYS A 60 -3.03 0.47 -8.53
N LEU A 61 -2.00 1.29 -8.42
CA LEU A 61 -2.00 2.64 -8.97
C LEU A 61 -1.83 2.59 -10.48
N GLY A 62 -0.62 2.34 -10.92
CA GLY A 62 -0.34 2.28 -12.34
C GLY A 62 0.88 3.08 -12.71
N ASN A 63 0.71 4.05 -13.61
CA ASN A 63 1.83 4.89 -14.06
C ASN A 63 2.11 6.01 -13.05
N ARG A 64 1.70 5.80 -11.82
CA ARG A 64 1.91 6.78 -10.76
C ARG A 64 3.41 6.90 -10.48
N PHE A 65 4.12 5.77 -10.55
CA PHE A 65 5.56 5.73 -10.31
C PHE A 65 5.87 6.33 -8.93
N LEU A 66 5.40 5.63 -7.90
CA LEU A 66 5.63 6.07 -6.52
C LEU A 66 7.07 5.79 -6.13
N TYR A 67 7.55 6.50 -5.12
CA TYR A 67 8.91 6.31 -4.66
C TYR A 67 9.01 5.02 -3.85
N LYS A 68 9.19 3.92 -4.58
CA LYS A 68 9.31 2.59 -3.99
C LYS A 68 10.35 2.55 -2.88
N GLU A 69 11.49 3.20 -3.11
CA GLU A 69 12.59 3.22 -2.14
C GLU A 69 12.16 3.85 -0.81
N GLN A 70 11.20 4.79 -0.87
CA GLN A 70 10.73 5.46 0.33
C GLN A 70 9.87 4.52 1.17
N GLU A 71 9.07 3.70 0.49
CA GLU A 71 8.22 2.74 1.18
C GLU A 71 9.04 1.52 1.59
N GLU A 72 10.07 1.22 0.80
CA GLU A 72 10.94 0.09 1.07
C GLU A 72 11.67 0.28 2.39
N GLN A 73 12.18 1.48 2.62
CA GLN A 73 12.92 1.80 3.84
C GLN A 73 12.07 1.57 5.09
N LEU A 74 10.76 1.84 5.00
CA LEU A 74 9.89 1.64 6.15
C LEU A 74 9.49 0.18 6.25
N THR A 75 9.41 -0.49 5.09
CA THR A 75 9.06 -1.91 5.05
C THR A 75 10.18 -2.73 5.69
N GLU A 76 11.41 -2.23 5.55
CA GLU A 76 12.59 -2.90 6.10
C GLU A 76 12.41 -3.17 7.59
N LEU A 77 11.73 -2.25 8.28
CA LEU A 77 11.47 -2.39 9.71
C LEU A 77 10.69 -3.66 9.99
N ILE A 78 9.62 -3.87 9.23
CA ILE A 78 8.77 -5.04 9.39
C ILE A 78 9.42 -6.27 8.76
N ALA A 79 10.24 -6.04 7.74
CA ALA A 79 10.93 -7.11 7.04
C ALA A 79 11.89 -7.87 7.97
N SER A 80 12.25 -7.24 9.09
CA SER A 80 13.15 -7.85 10.06
C SER A 80 12.44 -9.00 10.79
N LYS A 81 11.12 -8.96 10.80
CA LYS A 81 10.31 -9.98 11.45
C LYS A 81 8.98 -10.15 10.71
N LYS A 82 9.09 -10.37 9.41
CA LYS A 82 7.91 -10.53 8.54
C LYS A 82 7.33 -11.94 8.64
N ASP A 83 6.90 -12.29 9.85
CA ASP A 83 6.32 -13.60 10.11
C ASP A 83 4.85 -13.61 9.69
N LEU A 84 4.23 -12.44 9.74
CA LEU A 84 2.82 -12.30 9.39
C LEU A 84 2.64 -12.35 7.87
N PHE A 85 1.39 -12.36 7.42
CA PHE A 85 1.10 -12.42 5.99
C PHE A 85 1.15 -11.03 5.38
N VAL A 86 2.35 -10.49 5.31
CA VAL A 86 2.56 -9.16 4.74
C VAL A 86 2.98 -9.27 3.28
N HIS A 87 2.25 -8.59 2.40
CA HIS A 87 2.53 -8.63 0.98
C HIS A 87 2.03 -7.36 0.28
N SER A 88 2.95 -6.52 -0.14
CA SER A 88 2.60 -5.28 -0.82
C SER A 88 2.92 -5.39 -2.31
N ILE A 89 2.00 -4.95 -3.14
CA ILE A 89 2.19 -5.00 -4.58
C ILE A 89 1.60 -3.77 -5.24
N ASP A 90 2.39 -3.15 -6.11
CA ASP A 90 1.96 -1.95 -6.83
C ASP A 90 1.84 -2.26 -8.32
N SER A 91 1.83 -1.24 -9.17
CA SER A 91 1.70 -1.45 -10.59
C SER A 91 2.74 -0.66 -11.41
N GLU A 92 3.95 -0.56 -10.87
CA GLU A 92 5.05 0.15 -11.55
C GLU A 92 5.32 -0.47 -12.92
N VAL A 93 5.85 0.34 -13.83
CA VAL A 93 6.16 -0.14 -15.17
C VAL A 93 7.63 -0.56 -15.28
N ILE A 94 8.53 0.23 -14.69
CA ILE A 94 9.96 -0.08 -14.74
C ILE A 94 10.59 0.13 -13.36
N THR A 95 11.49 -0.76 -13.01
CA THR A 95 12.19 -0.70 -11.73
C THR A 95 13.60 -0.14 -11.92
N LYS A 96 13.96 0.85 -11.11
CA LYS A 96 15.27 1.45 -11.17
C LYS A 96 15.81 1.70 -9.77
N LYS A 97 17.07 2.12 -9.69
CA LYS A 97 17.70 2.41 -8.40
C LYS A 97 18.08 3.88 -8.34
N GLU A 98 18.20 4.41 -7.13
CA GLU A 98 18.55 5.80 -6.94
C GLU A 98 20.06 6.01 -7.00
N ALA A 99 20.56 6.33 -8.19
CA ALA A 99 21.98 6.58 -8.37
C ALA A 99 22.26 8.07 -8.28
N GLN A 100 22.03 8.62 -7.09
CA GLN A 100 22.23 10.04 -6.84
C GLN A 100 23.70 10.38 -6.79
N GLN A 101 24.12 11.32 -7.63
CA GLN A 101 25.50 11.76 -7.66
C GLN A 101 25.75 12.79 -6.57
N ILE A 102 26.03 12.30 -5.39
CA ILE A 102 26.29 13.16 -4.24
C ILE A 102 27.66 12.87 -3.66
N ARG A 103 28.48 13.89 -3.54
CA ARG A 103 29.82 13.73 -2.98
C ARG A 103 30.05 14.75 -1.88
N GLU A 104 30.27 14.27 -0.66
CA GLU A 104 30.52 15.14 0.46
C GLU A 104 32.01 15.41 0.58
N GLU A 105 32.79 14.65 -0.17
CA GLU A 105 34.24 14.79 -0.19
C GLU A 105 34.63 16.06 -0.93
N GLY A 1 -39.93 8.53 -3.59
CA GLY A 1 -38.70 8.32 -4.36
C GLY A 1 -37.49 8.10 -3.48
N SER A 2 -36.49 8.97 -3.64
CA SER A 2 -35.26 8.92 -2.86
C SER A 2 -34.41 7.70 -3.25
N HIS A 3 -33.55 7.89 -4.24
CA HIS A 3 -32.67 6.81 -4.70
C HIS A 3 -31.24 7.09 -4.24
N MET A 4 -30.43 6.04 -4.17
CA MET A 4 -29.04 6.19 -3.75
C MET A 4 -28.12 6.17 -4.96
N LYS A 5 -26.83 6.29 -4.71
CA LYS A 5 -25.83 6.28 -5.77
C LYS A 5 -25.49 4.86 -6.21
N THR A 6 -25.03 4.73 -7.43
CA THR A 6 -24.67 3.44 -8.00
C THR A 6 -23.22 3.07 -7.70
N LYS A 7 -22.80 1.93 -8.22
CA LYS A 7 -21.43 1.43 -8.05
C LYS A 7 -20.44 2.30 -8.81
N LYS A 8 -19.16 2.07 -8.57
CA LYS A 8 -18.10 2.82 -9.24
C LYS A 8 -16.96 1.91 -9.63
N GLN A 9 -16.12 2.37 -10.55
CA GLN A 9 -15.00 1.58 -11.04
C GLN A 9 -13.72 1.93 -10.28
N GLN A 10 -13.49 3.22 -10.09
CA GLN A 10 -12.32 3.70 -9.39
C GLN A 10 -12.68 4.12 -7.98
N TYR A 11 -11.98 3.55 -7.00
CA TYR A 11 -12.24 3.87 -5.60
C TYR A 11 -11.08 3.37 -4.74
N VAL A 12 -11.20 3.60 -3.43
CA VAL A 12 -10.17 3.19 -2.49
C VAL A 12 -10.82 2.58 -1.24
N THR A 13 -10.14 1.61 -0.63
CA THR A 13 -10.64 0.95 0.57
C THR A 13 -9.47 0.60 1.49
N ILE A 14 -9.64 0.83 2.79
CA ILE A 14 -8.59 0.55 3.76
C ILE A 14 -9.17 -0.07 5.04
N LYS A 15 -8.74 -1.29 5.36
CA LYS A 15 -9.20 -1.98 6.56
C LYS A 15 -8.03 -2.31 7.47
N GLY A 16 -8.06 -1.75 8.67
CA GLY A 16 -7.00 -1.99 9.63
C GLY A 16 -7.53 -2.40 10.99
N THR A 17 -8.70 -3.03 10.99
CA THR A 17 -9.32 -3.47 12.22
C THR A 17 -9.60 -4.98 12.17
N LYS A 18 -9.55 -5.61 13.35
CA LYS A 18 -9.81 -7.05 13.49
C LYS A 18 -8.86 -7.87 12.63
N ASN A 19 -7.70 -7.30 12.30
CA ASN A 19 -6.71 -7.98 11.48
C ASN A 19 -5.43 -7.14 11.40
N GLY A 20 -4.70 -7.26 10.28
CA GLY A 20 -3.49 -6.51 10.11
C GLY A 20 -3.71 -5.24 9.32
N LEU A 21 -3.57 -5.32 8.01
CA LEU A 21 -3.75 -4.17 7.14
C LEU A 21 -4.14 -4.62 5.74
N THR A 22 -5.38 -4.36 5.37
CA THR A 22 -5.87 -4.73 4.06
C THR A 22 -6.37 -3.48 3.33
N LEU A 23 -5.57 -2.96 2.41
CA LEU A 23 -5.93 -1.77 1.68
C LEU A 23 -5.76 -1.96 0.18
N HIS A 24 -6.57 -1.25 -0.59
CA HIS A 24 -6.53 -1.34 -2.04
C HIS A 24 -6.85 0.00 -2.68
N LEU A 25 -6.01 0.42 -3.61
CA LEU A 25 -6.21 1.66 -4.35
C LEU A 25 -6.31 1.33 -5.83
N ASP A 26 -7.26 1.94 -6.51
CA ASP A 26 -7.45 1.67 -7.94
C ASP A 26 -7.54 2.96 -8.74
N ASP A 27 -6.40 3.59 -8.97
CA ASP A 27 -6.34 4.82 -9.74
C ASP A 27 -4.92 5.11 -10.19
N ALA A 28 -4.78 5.74 -11.34
CA ALA A 28 -3.45 6.05 -11.89
C ALA A 28 -3.20 7.55 -11.87
N CYS A 29 -1.91 7.91 -11.86
CA CYS A 29 -1.48 9.32 -11.84
C CYS A 29 -2.12 10.10 -10.69
N SER A 30 -2.34 9.43 -9.56
CA SER A 30 -2.97 10.06 -8.41
C SER A 30 -2.14 9.92 -7.14
N PHE A 31 -2.04 11.00 -6.38
CA PHE A 31 -1.30 11.00 -5.12
C PHE A 31 -2.27 10.74 -3.98
N ASP A 32 -2.38 9.50 -3.56
CA ASP A 32 -3.28 9.16 -2.48
C ASP A 32 -2.56 9.26 -1.15
N GLU A 33 -2.50 10.49 -0.67
CA GLU A 33 -1.86 10.79 0.61
C GLU A 33 -2.69 10.24 1.77
N LEU A 34 -3.95 9.91 1.49
CA LEU A 34 -4.83 9.35 2.50
C LEU A 34 -4.57 7.86 2.65
N LEU A 35 -4.15 7.23 1.56
CA LEU A 35 -3.88 5.81 1.57
C LEU A 35 -2.59 5.51 2.31
N ASP A 36 -1.53 6.23 1.95
CA ASP A 36 -0.23 6.05 2.58
C ASP A 36 -0.29 6.47 4.05
N GLY A 37 -1.08 7.50 4.32
CA GLY A 37 -1.25 7.99 5.67
C GLY A 37 -1.82 6.93 6.58
N LEU A 38 -2.92 6.32 6.16
CA LEU A 38 -3.56 5.27 6.95
C LEU A 38 -2.71 4.01 6.96
N GLN A 39 -2.02 3.74 5.85
CA GLN A 39 -1.14 2.57 5.75
C GLN A 39 -0.15 2.56 6.89
N ASN A 40 0.64 3.64 6.98
CA ASN A 40 1.66 3.76 8.03
C ASN A 40 1.02 3.86 9.40
N MET A 41 -0.16 4.48 9.46
CA MET A 41 -0.88 4.66 10.72
C MET A 41 -1.32 3.33 11.32
N LEU A 42 -2.07 2.55 10.55
CA LEU A 42 -2.61 1.27 11.01
C LEU A 42 -1.51 0.26 11.32
N SER A 43 -0.51 0.17 10.44
CA SER A 43 0.58 -0.78 10.62
C SER A 43 1.36 -0.51 11.91
N ILE A 44 1.38 0.76 12.32
CA ILE A 44 2.08 1.14 13.54
C ILE A 44 1.15 1.09 14.75
N GLU A 45 -0.10 1.41 14.52
CA GLU A 45 -1.10 1.43 15.57
C GLU A 45 -1.39 0.05 16.12
N GLN A 46 -1.82 -0.88 15.26
CA GLN A 46 -2.12 -2.23 15.71
C GLN A 46 -2.32 -3.18 14.53
N TYR A 47 -1.52 -4.25 14.51
CA TYR A 47 -1.63 -5.26 13.46
C TYR A 47 -1.68 -6.64 14.12
N THR A 48 -2.10 -6.63 15.37
CA THR A 48 -2.20 -7.84 16.17
C THR A 48 -3.57 -8.49 16.02
N ASP A 49 -3.68 -9.42 15.08
CA ASP A 49 -4.93 -10.14 14.83
C ASP A 49 -5.15 -11.21 15.88
N GLY A 50 -4.16 -12.10 16.02
CA GLY A 50 -4.25 -13.18 16.98
C GLY A 50 -4.54 -14.52 16.33
N LYS A 51 -5.18 -14.49 15.18
CA LYS A 51 -5.53 -15.72 14.47
C LYS A 51 -4.85 -15.77 13.11
N GLY A 52 -4.49 -14.61 12.60
CA GLY A 52 -3.82 -14.53 11.32
C GLY A 52 -3.98 -13.18 10.66
N GLN A 53 -3.12 -12.24 11.03
CA GLN A 53 -3.17 -10.90 10.48
C GLN A 53 -2.70 -10.88 9.02
N LYS A 54 -3.44 -10.17 8.18
CA LYS A 54 -3.12 -10.06 6.79
C LYS A 54 -2.71 -8.63 6.47
N ILE A 55 -1.44 -8.45 6.13
CA ILE A 55 -0.92 -7.14 5.80
C ILE A 55 -0.58 -7.11 4.31
N SER A 56 -1.60 -7.02 3.48
CA SER A 56 -1.41 -7.01 2.05
C SER A 56 -1.68 -5.64 1.45
N VAL A 57 -0.60 -4.95 1.10
CA VAL A 57 -0.69 -3.63 0.50
C VAL A 57 -0.82 -3.77 -1.01
N HIS A 58 -2.05 -3.75 -1.49
CA HIS A 58 -2.30 -3.89 -2.93
C HIS A 58 -2.55 -2.53 -3.57
N VAL A 59 -1.46 -1.89 -3.99
CA VAL A 59 -1.54 -0.57 -4.60
C VAL A 59 -1.57 -0.68 -6.12
N LYS A 60 -2.76 -0.82 -6.67
CA LYS A 60 -2.92 -0.94 -8.12
C LYS A 60 -3.04 0.44 -8.74
N LEU A 61 -1.94 1.18 -8.72
CA LEU A 61 -1.92 2.51 -9.27
C LEU A 61 -1.78 2.46 -10.79
N GLY A 62 -0.57 2.20 -11.26
CA GLY A 62 -0.34 2.11 -12.67
C GLY A 62 0.91 2.86 -13.10
N ASN A 63 0.76 3.78 -14.04
CA ASN A 63 1.89 4.53 -14.56
C ASN A 63 2.18 5.77 -13.72
N ARG A 64 1.71 5.75 -12.49
CA ARG A 64 1.93 6.87 -11.59
C ARG A 64 3.35 6.83 -11.05
N PHE A 65 3.90 5.62 -10.97
CA PHE A 65 5.25 5.41 -10.46
C PHE A 65 5.37 5.93 -9.03
N LEU A 66 4.84 5.15 -8.11
CA LEU A 66 4.86 5.51 -6.70
C LEU A 66 6.23 5.24 -6.11
N TYR A 67 6.60 6.04 -5.11
CA TYR A 67 7.89 5.89 -4.47
C TYR A 67 7.84 4.77 -3.44
N LYS A 68 7.86 3.54 -3.93
CA LYS A 68 7.81 2.36 -3.07
C LYS A 68 8.96 2.36 -2.08
N GLU A 69 10.03 3.05 -2.42
CA GLU A 69 11.20 3.13 -1.56
C GLU A 69 10.84 3.84 -0.26
N GLN A 70 9.87 4.73 -0.35
CA GLN A 70 9.41 5.49 0.81
C GLN A 70 8.70 4.56 1.80
N GLU A 71 7.96 3.60 1.28
CA GLU A 71 7.25 2.65 2.11
C GLU A 71 8.17 1.51 2.51
N GLU A 72 9.04 1.11 1.58
CA GLU A 72 9.98 0.03 1.80
C GLU A 72 10.92 0.34 2.98
N GLN A 73 11.38 1.58 3.06
CA GLN A 73 12.29 2.00 4.11
C GLN A 73 11.66 1.85 5.50
N LEU A 74 10.33 1.96 5.57
CA LEU A 74 9.65 1.82 6.84
C LEU A 74 9.23 0.37 7.05
N THR A 75 9.02 -0.35 5.95
CA THR A 75 8.63 -1.74 6.01
C THR A 75 9.83 -2.61 6.38
N GLU A 76 11.04 -2.08 6.13
CA GLU A 76 12.29 -2.78 6.42
C GLU A 76 12.35 -3.27 7.87
N LEU A 77 11.69 -2.55 8.76
CA LEU A 77 11.66 -2.91 10.18
C LEU A 77 10.95 -4.24 10.38
N ILE A 78 9.91 -4.48 9.58
CA ILE A 78 9.14 -5.70 9.68
C ILE A 78 9.61 -6.73 8.65
N ALA A 79 10.10 -6.26 7.51
CA ALA A 79 10.58 -7.13 6.44
C ALA A 79 11.70 -8.05 6.91
N SER A 80 12.54 -7.57 7.81
CA SER A 80 13.65 -8.35 8.33
C SER A 80 13.15 -9.49 9.24
N LYS A 81 11.88 -9.44 9.59
CA LYS A 81 11.26 -10.45 10.45
C LYS A 81 9.78 -10.57 10.13
N LYS A 82 9.47 -10.67 8.84
CA LYS A 82 8.09 -10.76 8.38
C LYS A 82 7.44 -12.09 8.77
N ASP A 83 6.90 -12.13 9.97
CA ASP A 83 6.23 -13.32 10.49
C ASP A 83 4.78 -13.34 10.03
N LEU A 84 4.21 -12.16 9.88
CA LEU A 84 2.82 -12.02 9.48
C LEU A 84 2.71 -12.10 7.96
N PHE A 85 1.48 -12.19 7.46
CA PHE A 85 1.25 -12.26 6.02
C PHE A 85 1.32 -10.89 5.39
N VAL A 86 2.52 -10.33 5.33
CA VAL A 86 2.73 -9.02 4.75
C VAL A 86 3.21 -9.16 3.31
N HIS A 87 2.45 -8.59 2.38
CA HIS A 87 2.78 -8.66 0.97
C HIS A 87 2.31 -7.40 0.25
N SER A 88 3.23 -6.69 -0.39
CA SER A 88 2.89 -5.48 -1.11
C SER A 88 3.14 -5.66 -2.59
N ILE A 89 2.25 -5.12 -3.42
CA ILE A 89 2.39 -5.22 -4.86
C ILE A 89 1.85 -3.97 -5.53
N ASP A 90 2.58 -3.49 -6.53
CA ASP A 90 2.20 -2.31 -7.27
C ASP A 90 2.31 -2.57 -8.76
N SER A 91 2.17 -1.54 -9.59
CA SER A 91 2.25 -1.70 -11.04
C SER A 91 3.19 -0.66 -11.65
N GLU A 92 4.37 -0.49 -11.07
CA GLU A 92 5.37 0.47 -11.57
C GLU A 92 5.85 0.10 -12.97
N VAL A 93 6.62 1.00 -13.56
CA VAL A 93 7.17 0.79 -14.89
C VAL A 93 8.69 0.68 -14.82
N ILE A 94 9.23 -0.29 -15.56
CA ILE A 94 10.67 -0.52 -15.58
C ILE A 94 11.44 0.71 -16.04
N THR A 95 12.63 0.88 -15.48
CA THR A 95 13.48 2.02 -15.80
C THR A 95 14.84 1.54 -16.31
N LYS A 96 15.34 2.22 -17.34
CA LYS A 96 16.64 1.88 -17.92
C LYS A 96 17.78 2.51 -17.11
N LYS A 97 18.22 1.79 -16.09
CA LYS A 97 19.30 2.24 -15.23
C LYS A 97 19.95 1.06 -14.54
N GLU A 98 21.27 1.14 -14.34
CA GLU A 98 22.01 0.09 -13.68
C GLU A 98 21.88 0.21 -12.17
N ALA A 99 20.86 -0.44 -11.61
CA ALA A 99 20.62 -0.39 -10.18
C ALA A 99 21.53 -1.38 -9.45
N GLN A 100 22.82 -1.16 -9.53
CA GLN A 100 23.80 -2.02 -8.88
C GLN A 100 23.85 -1.73 -7.38
N GLN A 101 23.71 -2.77 -6.58
CA GLN A 101 23.75 -2.64 -5.14
C GLN A 101 25.19 -2.64 -4.65
N ILE A 102 25.82 -1.48 -4.73
CA ILE A 102 27.19 -1.32 -4.28
C ILE A 102 27.31 -0.11 -3.36
N ARG A 103 27.92 -0.32 -2.20
CA ARG A 103 28.08 0.77 -1.24
C ARG A 103 29.46 0.69 -0.60
N GLU A 104 30.25 1.73 -0.77
CA GLU A 104 31.58 1.80 -0.18
C GLU A 104 31.45 2.25 1.27
N GLU A 105 30.26 2.71 1.61
CA GLU A 105 29.95 3.17 2.95
C GLU A 105 29.68 2.00 3.87
N GLY A 1 -35.71 12.65 -4.36
CA GLY A 1 -35.52 14.07 -3.95
C GLY A 1 -34.09 14.53 -4.12
N SER A 2 -33.22 14.05 -3.26
CA SER A 2 -31.80 14.41 -3.32
C SER A 2 -31.08 13.49 -4.29
N HIS A 3 -29.98 13.97 -4.87
CA HIS A 3 -29.21 13.18 -5.82
C HIS A 3 -28.56 11.98 -5.15
N MET A 4 -28.66 10.83 -5.80
CA MET A 4 -28.10 9.61 -5.28
C MET A 4 -26.97 9.10 -6.17
N LYS A 5 -25.91 8.60 -5.55
CA LYS A 5 -24.76 8.07 -6.29
C LYS A 5 -25.04 6.62 -6.71
N THR A 6 -24.92 6.34 -8.00
CA THR A 6 -25.18 4.99 -8.49
C THR A 6 -23.89 4.18 -8.66
N LYS A 7 -22.82 4.83 -9.08
CA LYS A 7 -21.55 4.14 -9.30
C LYS A 7 -20.38 5.11 -9.26
N LYS A 8 -19.17 4.56 -9.34
CA LYS A 8 -17.95 5.36 -9.34
C LYS A 8 -16.90 4.72 -10.24
N GLN A 9 -15.79 5.42 -10.45
CA GLN A 9 -14.71 4.91 -11.29
C GLN A 9 -13.60 4.34 -10.41
N GLN A 10 -13.07 5.19 -9.54
CA GLN A 10 -12.00 4.77 -8.65
C GLN A 10 -12.56 4.57 -7.24
N TYR A 11 -11.86 3.76 -6.46
CA TYR A 11 -12.30 3.48 -5.09
C TYR A 11 -11.11 3.11 -4.22
N VAL A 12 -11.28 3.28 -2.91
CA VAL A 12 -10.25 2.98 -1.96
C VAL A 12 -10.85 2.31 -0.72
N THR A 13 -10.26 1.22 -0.28
CA THR A 13 -10.74 0.51 0.90
C THR A 13 -9.55 0.11 1.78
N ILE A 14 -9.65 0.43 3.06
CA ILE A 14 -8.58 0.11 4.01
C ILE A 14 -9.17 -0.60 5.23
N LYS A 15 -9.10 -1.92 5.25
CA LYS A 15 -9.62 -2.71 6.35
C LYS A 15 -8.47 -3.12 7.27
N GLY A 16 -8.06 -2.20 8.13
CA GLY A 16 -6.98 -2.48 9.05
C GLY A 16 -7.45 -2.53 10.49
N THR A 17 -8.72 -2.82 10.68
CA THR A 17 -9.28 -2.90 12.02
C THR A 17 -9.53 -4.35 12.42
N LYS A 18 -9.02 -4.74 13.58
CA LYS A 18 -9.19 -6.10 14.11
C LYS A 18 -8.60 -7.15 13.17
N ASN A 19 -7.44 -6.84 12.61
CA ASN A 19 -6.74 -7.73 11.69
C ASN A 19 -5.40 -7.10 11.33
N GLY A 20 -4.75 -7.60 10.28
CA GLY A 20 -3.48 -7.04 9.87
C GLY A 20 -3.65 -5.70 9.18
N LEU A 21 -3.85 -5.73 7.87
CA LEU A 21 -4.02 -4.52 7.09
C LEU A 21 -4.37 -4.86 5.65
N THR A 22 -5.67 -4.99 5.37
CA THR A 22 -6.10 -5.31 4.02
C THR A 22 -6.58 -4.06 3.31
N LEU A 23 -5.77 -3.53 2.40
CA LEU A 23 -6.13 -2.33 1.67
C LEU A 23 -6.02 -2.55 0.17
N HIS A 24 -6.82 -1.79 -0.58
CA HIS A 24 -6.84 -1.89 -2.03
C HIS A 24 -7.18 -0.52 -2.63
N LEU A 25 -6.41 -0.13 -3.64
CA LEU A 25 -6.62 1.13 -4.32
C LEU A 25 -6.70 0.87 -5.82
N ASP A 26 -7.49 1.68 -6.52
CA ASP A 26 -7.66 1.51 -7.95
C ASP A 26 -7.72 2.88 -8.65
N ASP A 27 -6.56 3.52 -8.80
CA ASP A 27 -6.51 4.85 -9.44
C ASP A 27 -5.12 5.11 -10.02
N ALA A 28 -5.04 6.04 -10.96
CA ALA A 28 -3.77 6.38 -11.59
C ALA A 28 -3.69 7.87 -11.88
N CYS A 29 -2.45 8.38 -11.91
CA CYS A 29 -2.18 9.79 -12.18
C CYS A 29 -2.73 10.69 -11.08
N SER A 30 -2.98 10.13 -9.91
CA SER A 30 -3.50 10.89 -8.79
C SER A 30 -2.55 10.82 -7.60
N PHE A 31 -2.89 11.52 -6.53
CA PHE A 31 -2.07 11.51 -5.32
C PHE A 31 -2.73 10.58 -4.31
N ASP A 32 -2.04 9.51 -3.96
CA ASP A 32 -2.60 8.52 -3.04
C ASP A 32 -1.92 8.54 -1.68
N GLU A 33 -1.33 9.68 -1.33
CA GLU A 33 -0.64 9.80 -0.04
C GLU A 33 -1.58 9.58 1.14
N LEU A 34 -2.88 9.76 0.91
CA LEU A 34 -3.88 9.55 1.95
C LEU A 34 -3.92 8.06 2.32
N LEU A 35 -3.75 7.22 1.32
CA LEU A 35 -3.75 5.78 1.52
C LEU A 35 -2.44 5.34 2.14
N ASP A 36 -1.34 5.83 1.58
CA ASP A 36 0.00 5.50 2.08
C ASP A 36 0.13 5.88 3.55
N GLY A 37 -0.44 7.02 3.91
CA GLY A 37 -0.39 7.50 5.27
C GLY A 37 -1.05 6.53 6.24
N LEU A 38 -2.24 6.05 5.89
CA LEU A 38 -2.97 5.11 6.74
C LEU A 38 -2.29 3.75 6.72
N GLN A 39 -1.64 3.44 5.60
CA GLN A 39 -0.92 2.18 5.44
C GLN A 39 0.16 2.04 6.51
N ASN A 40 0.97 3.10 6.64
CA ASN A 40 2.06 3.13 7.60
C ASN A 40 1.53 3.32 9.03
N MET A 41 0.49 4.12 9.16
CA MET A 41 -0.10 4.41 10.47
C MET A 41 -0.72 3.17 11.12
N LEU A 42 -1.58 2.47 10.40
CA LEU A 42 -2.25 1.30 10.95
C LEU A 42 -1.32 0.12 11.21
N SER A 43 -0.34 -0.08 10.33
CA SER A 43 0.59 -1.20 10.48
C SER A 43 1.39 -1.08 11.78
N ILE A 44 1.80 0.13 12.12
CA ILE A 44 2.56 0.37 13.34
C ILE A 44 1.62 0.38 14.55
N GLU A 45 0.38 0.82 14.33
CA GLU A 45 -0.60 0.90 15.40
C GLU A 45 -1.02 -0.48 15.88
N GLN A 46 -1.58 -1.28 14.98
CA GLN A 46 -2.05 -2.60 15.33
C GLN A 46 -1.86 -3.60 14.19
N TYR A 47 -1.03 -4.61 14.42
CA TYR A 47 -0.77 -5.64 13.42
C TYR A 47 -0.78 -7.01 14.09
N THR A 48 -1.45 -7.09 15.23
CA THR A 48 -1.53 -8.31 16.00
C THR A 48 -2.94 -8.90 15.98
N ASP A 49 -3.08 -10.06 15.33
CA ASP A 49 -4.36 -10.75 15.24
C ASP A 49 -4.19 -12.19 15.69
N GLY A 50 -5.23 -12.73 16.32
CA GLY A 50 -5.18 -14.09 16.80
C GLY A 50 -5.51 -15.09 15.71
N LYS A 51 -6.33 -14.65 14.76
CA LYS A 51 -6.72 -15.51 13.65
C LYS A 51 -5.60 -15.61 12.64
N GLY A 52 -5.18 -14.47 12.14
CA GLY A 52 -4.12 -14.40 11.17
C GLY A 52 -4.05 -13.04 10.52
N GLN A 53 -3.21 -12.18 11.08
CA GLN A 53 -3.05 -10.81 10.58
C GLN A 53 -2.70 -10.79 9.09
N LYS A 54 -3.70 -10.46 8.29
CA LYS A 54 -3.55 -10.39 6.85
C LYS A 54 -3.16 -8.97 6.42
N ILE A 55 -1.89 -8.78 6.10
CA ILE A 55 -1.41 -7.49 5.67
C ILE A 55 -1.23 -7.47 4.15
N SER A 56 -2.31 -7.15 3.45
CA SER A 56 -2.27 -7.12 2.00
C SER A 56 -2.28 -5.69 1.49
N VAL A 57 -1.13 -5.24 1.02
CA VAL A 57 -0.98 -3.89 0.48
C VAL A 57 -0.97 -3.94 -1.03
N HIS A 58 -2.15 -3.91 -1.64
CA HIS A 58 -2.27 -3.96 -3.09
C HIS A 58 -2.70 -2.61 -3.64
N VAL A 59 -1.75 -1.85 -4.15
CA VAL A 59 -2.03 -0.53 -4.70
C VAL A 59 -1.99 -0.57 -6.23
N LYS A 60 -3.13 -0.76 -6.86
CA LYS A 60 -3.20 -0.80 -8.30
C LYS A 60 -3.23 0.60 -8.90
N LEU A 61 -2.05 1.12 -9.17
CA LEU A 61 -1.90 2.46 -9.73
C LEU A 61 -1.85 2.37 -11.26
N GLY A 62 -0.67 2.13 -11.79
CA GLY A 62 -0.51 2.04 -13.22
C GLY A 62 0.72 2.78 -13.73
N ASN A 63 0.61 4.10 -13.84
CA ASN A 63 1.71 4.93 -14.31
C ASN A 63 2.09 6.00 -13.30
N ARG A 64 1.53 5.93 -12.09
CA ARG A 64 1.82 6.92 -11.06
C ARG A 64 3.26 6.81 -10.59
N PHE A 65 3.81 5.59 -10.66
CA PHE A 65 5.18 5.32 -10.24
C PHE A 65 5.38 5.65 -8.77
N LEU A 66 5.12 4.68 -7.90
CA LEU A 66 5.27 4.88 -6.47
C LEU A 66 6.76 4.90 -6.10
N TYR A 67 7.10 5.72 -5.12
CA TYR A 67 8.48 5.83 -4.70
C TYR A 67 8.82 4.70 -3.73
N LYS A 68 9.21 3.56 -4.29
CA LYS A 68 9.56 2.38 -3.49
C LYS A 68 10.64 2.72 -2.46
N GLU A 69 11.57 3.59 -2.85
CA GLU A 69 12.66 3.99 -1.97
C GLU A 69 12.14 4.62 -0.68
N GLN A 70 10.96 5.23 -0.76
CA GLN A 70 10.35 5.86 0.41
C GLN A 70 9.72 4.79 1.30
N GLU A 71 8.94 3.91 0.69
CA GLU A 71 8.28 2.83 1.43
C GLU A 71 9.31 1.87 1.99
N GLU A 72 10.42 1.74 1.29
CA GLU A 72 11.50 0.85 1.69
C GLU A 72 12.00 1.19 3.08
N GLN A 73 12.22 2.47 3.35
CA GLN A 73 12.73 2.92 4.64
C GLN A 73 11.77 2.59 5.77
N LEU A 74 10.46 2.58 5.50
CA LEU A 74 9.49 2.29 6.54
C LEU A 74 9.18 0.80 6.61
N THR A 75 9.19 0.13 5.47
CA THR A 75 8.91 -1.30 5.42
C THR A 75 10.00 -2.09 6.15
N GLU A 76 11.23 -1.55 6.14
CA GLU A 76 12.36 -2.18 6.80
C GLU A 76 12.13 -2.35 8.29
N LEU A 77 11.22 -1.57 8.86
CA LEU A 77 10.93 -1.65 10.29
C LEU A 77 10.10 -2.89 10.61
N ILE A 78 9.20 -3.23 9.70
CA ILE A 78 8.34 -4.40 9.88
C ILE A 78 9.00 -5.63 9.27
N ALA A 79 9.87 -5.39 8.29
CA ALA A 79 10.60 -6.45 7.60
C ALA A 79 11.40 -7.31 8.59
N SER A 80 11.83 -6.69 9.69
CA SER A 80 12.60 -7.38 10.72
C SER A 80 11.79 -8.51 11.37
N LYS A 81 10.47 -8.48 11.19
CA LYS A 81 9.59 -9.48 11.77
C LYS A 81 8.40 -9.73 10.86
N LYS A 82 8.66 -9.84 9.56
CA LYS A 82 7.59 -10.04 8.58
C LYS A 82 7.12 -11.50 8.56
N ASP A 83 6.88 -12.05 9.74
CA ASP A 83 6.42 -13.43 9.88
C ASP A 83 4.92 -13.48 9.57
N LEU A 84 4.30 -12.32 9.64
CA LEU A 84 2.87 -12.19 9.37
C LEU A 84 2.58 -12.43 7.90
N PHE A 85 1.31 -12.46 7.55
CA PHE A 85 0.92 -12.67 6.16
C PHE A 85 0.90 -11.34 5.43
N VAL A 86 2.09 -10.79 5.20
CA VAL A 86 2.24 -9.51 4.53
C VAL A 86 2.57 -9.71 3.05
N HIS A 87 1.86 -8.99 2.19
CA HIS A 87 2.07 -9.08 0.76
C HIS A 87 1.79 -7.72 0.12
N SER A 88 2.84 -6.97 -0.13
CA SER A 88 2.71 -5.66 -0.74
C SER A 88 3.06 -5.71 -2.23
N ILE A 89 2.24 -5.08 -3.05
CA ILE A 89 2.46 -5.04 -4.49
C ILE A 89 1.68 -3.89 -5.11
N ASP A 90 2.39 -3.03 -5.82
CA ASP A 90 1.77 -1.89 -6.47
C ASP A 90 1.88 -2.04 -7.99
N SER A 91 1.30 -1.11 -8.72
CA SER A 91 1.35 -1.15 -10.17
C SER A 91 2.20 0.02 -10.70
N GLU A 92 3.45 -0.27 -11.04
CA GLU A 92 4.35 0.73 -11.57
C GLU A 92 5.00 0.23 -12.86
N VAL A 93 5.98 0.98 -13.34
CA VAL A 93 6.71 0.63 -14.53
C VAL A 93 8.21 0.69 -14.26
N ILE A 94 8.90 -0.42 -14.47
CA ILE A 94 10.34 -0.47 -14.22
C ILE A 94 11.10 0.38 -15.22
N THR A 95 11.53 1.54 -14.76
CA THR A 95 12.29 2.47 -15.58
C THR A 95 13.07 3.43 -14.68
N LYS A 96 14.35 3.58 -14.96
CA LYS A 96 15.22 4.47 -14.20
C LYS A 96 16.54 4.63 -14.93
N LYS A 97 17.40 5.49 -14.41
CA LYS A 97 18.69 5.74 -15.02
C LYS A 97 19.77 5.84 -13.96
N GLU A 98 21.02 5.91 -14.40
CA GLU A 98 22.17 5.98 -13.51
C GLU A 98 22.42 7.41 -13.03
N ALA A 99 21.34 8.16 -12.84
CA ALA A 99 21.45 9.54 -12.38
C ALA A 99 21.47 9.60 -10.87
N GLN A 100 22.35 8.82 -10.27
CA GLN A 100 22.49 8.78 -8.83
C GLN A 100 23.36 9.92 -8.34
N GLN A 101 22.79 10.75 -7.49
CA GLN A 101 23.52 11.89 -6.93
C GLN A 101 24.59 11.41 -5.96
N ILE A 102 25.77 11.15 -6.49
CA ILE A 102 26.89 10.69 -5.67
C ILE A 102 28.21 11.15 -6.30
N ARG A 103 29.13 11.56 -5.44
CA ARG A 103 30.43 12.03 -5.90
C ARG A 103 31.45 11.92 -4.76
N GLU A 104 32.14 10.79 -4.71
CA GLU A 104 33.12 10.55 -3.67
C GLU A 104 34.48 11.11 -4.08
N GLU A 105 34.56 12.43 -4.17
CA GLU A 105 35.78 13.12 -4.54
C GLU A 105 36.22 14.03 -3.41
N GLY A 1 -31.13 14.12 -6.41
CA GLY A 1 -29.95 13.33 -5.95
C GLY A 1 -30.11 12.82 -4.53
N SER A 2 -29.00 12.72 -3.82
CA SER A 2 -28.98 12.25 -2.43
C SER A 2 -29.72 10.92 -2.27
N HIS A 3 -29.34 9.93 -3.08
CA HIS A 3 -29.96 8.62 -3.02
C HIS A 3 -28.91 7.52 -3.02
N MET A 4 -29.35 6.27 -3.00
CA MET A 4 -28.45 5.13 -2.99
C MET A 4 -27.53 5.12 -4.20
N LYS A 5 -26.29 4.68 -3.99
CA LYS A 5 -25.31 4.63 -5.06
C LYS A 5 -25.20 3.22 -5.63
N THR A 6 -24.56 3.10 -6.77
CA THR A 6 -24.39 1.81 -7.42
C THR A 6 -22.98 1.25 -7.20
N LYS A 7 -22.74 0.06 -7.74
CA LYS A 7 -21.45 -0.60 -7.61
C LYS A 7 -20.43 0.04 -8.55
N LYS A 8 -19.16 -0.32 -8.37
CA LYS A 8 -18.08 0.22 -9.19
C LYS A 8 -16.90 -0.73 -9.19
N GLN A 9 -16.03 -0.59 -10.18
CA GLN A 9 -14.85 -1.44 -10.28
C GLN A 9 -13.65 -0.78 -9.61
N GLN A 10 -13.44 0.49 -9.91
CA GLN A 10 -12.33 1.22 -9.33
C GLN A 10 -12.81 2.07 -8.16
N TYR A 11 -12.30 1.78 -6.98
CA TYR A 11 -12.68 2.50 -5.77
C TYR A 11 -11.55 2.50 -4.75
N VAL A 12 -11.83 2.99 -3.55
CA VAL A 12 -10.84 3.05 -2.48
C VAL A 12 -11.39 2.45 -1.19
N THR A 13 -10.63 1.54 -0.59
CA THR A 13 -11.03 0.89 0.65
C THR A 13 -9.80 0.49 1.47
N ILE A 14 -9.88 0.67 2.78
CA ILE A 14 -8.79 0.34 3.69
C ILE A 14 -9.34 -0.33 4.95
N LYS A 15 -8.89 -1.54 5.23
CA LYS A 15 -9.34 -2.28 6.40
C LYS A 15 -8.16 -2.73 7.25
N GLY A 16 -8.03 -2.11 8.42
CA GLY A 16 -6.96 -2.45 9.34
C GLY A 16 -7.40 -2.23 10.77
N THR A 17 -8.58 -2.74 11.08
CA THR A 17 -9.14 -2.57 12.41
C THR A 17 -9.03 -3.85 13.24
N LYS A 18 -9.83 -4.86 12.88
CA LYS A 18 -9.83 -6.12 13.61
C LYS A 18 -8.97 -7.17 12.91
N ASN A 19 -7.96 -6.71 12.20
CA ASN A 19 -7.07 -7.60 11.47
C ASN A 19 -5.72 -6.91 11.31
N GLY A 20 -4.99 -7.25 10.27
CA GLY A 20 -3.69 -6.64 10.04
C GLY A 20 -3.82 -5.35 9.25
N LEU A 21 -3.60 -5.46 7.95
CA LEU A 21 -3.68 -4.31 7.06
C LEU A 21 -4.06 -4.76 5.66
N THR A 22 -5.33 -4.63 5.33
CA THR A 22 -5.82 -5.01 4.01
C THR A 22 -6.40 -3.80 3.30
N LEU A 23 -5.75 -3.36 2.23
CA LEU A 23 -6.21 -2.19 1.50
C LEU A 23 -6.11 -2.41 0.01
N HIS A 24 -7.00 -1.76 -0.73
CA HIS A 24 -7.03 -1.86 -2.18
C HIS A 24 -7.37 -0.50 -2.78
N LEU A 25 -6.37 0.11 -3.41
CA LEU A 25 -6.57 1.39 -4.06
C LEU A 25 -6.56 1.17 -5.57
N ASP A 26 -7.56 1.66 -6.25
CA ASP A 26 -7.65 1.48 -7.68
C ASP A 26 -7.84 2.82 -8.39
N ASP A 27 -6.79 3.29 -9.04
CA ASP A 27 -6.84 4.56 -9.75
C ASP A 27 -5.67 4.64 -10.73
N ALA A 28 -5.33 5.85 -11.17
CA ALA A 28 -4.23 6.04 -12.10
C ALA A 28 -3.64 7.44 -11.96
N CYS A 29 -2.31 7.50 -11.87
CA CYS A 29 -1.59 8.77 -11.74
C CYS A 29 -1.90 9.47 -10.43
N SER A 30 -2.48 8.75 -9.49
CA SER A 30 -2.83 9.31 -8.19
C SER A 30 -1.75 8.99 -7.16
N PHE A 31 -1.49 9.93 -6.27
CA PHE A 31 -0.48 9.76 -5.24
C PHE A 31 -1.08 9.04 -4.02
N ASP A 32 -0.24 8.28 -3.33
CA ASP A 32 -0.67 7.52 -2.16
C ASP A 32 -0.79 8.42 -0.92
N GLU A 33 -1.02 9.70 -1.15
CA GLU A 33 -1.15 10.68 -0.06
C GLU A 33 -2.31 10.33 0.88
N LEU A 34 -3.41 9.82 0.32
CA LEU A 34 -4.58 9.46 1.11
C LEU A 34 -4.57 7.97 1.44
N LEU A 35 -3.47 7.32 1.15
CA LEU A 35 -3.33 5.89 1.40
C LEU A 35 -2.28 5.65 2.48
N ASP A 36 -1.08 6.15 2.24
CA ASP A 36 0.03 5.98 3.16
C ASP A 36 -0.28 6.54 4.53
N GLY A 37 -1.02 7.64 4.56
CA GLY A 37 -1.39 8.26 5.82
C GLY A 37 -2.07 7.29 6.79
N LEU A 38 -2.90 6.42 6.24
CA LEU A 38 -3.60 5.43 7.03
C LEU A 38 -2.81 4.13 7.09
N GLN A 39 -2.15 3.81 5.98
CA GLN A 39 -1.34 2.60 5.87
C GLN A 39 -0.28 2.56 6.97
N ASN A 40 0.52 3.60 7.02
CA ASN A 40 1.59 3.72 8.01
C ASN A 40 1.02 3.75 9.42
N MET A 41 -0.02 4.55 9.62
CA MET A 41 -0.66 4.72 10.92
C MET A 41 -1.17 3.40 11.49
N LEU A 42 -1.97 2.67 10.71
CA LEU A 42 -2.54 1.39 11.18
C LEU A 42 -1.46 0.35 11.44
N SER A 43 -0.42 0.34 10.61
CA SER A 43 0.66 -0.63 10.75
C SER A 43 1.37 -0.47 12.11
N ILE A 44 1.34 0.73 12.66
CA ILE A 44 1.97 0.99 13.94
C ILE A 44 0.90 1.24 15.00
N GLU A 45 -0.29 0.73 14.74
CA GLU A 45 -1.41 0.88 15.66
C GLU A 45 -1.97 -0.49 16.03
N GLN A 46 -2.46 -1.21 15.03
CA GLN A 46 -3.05 -2.52 15.25
C GLN A 46 -2.73 -3.45 14.09
N TYR A 47 -1.85 -4.42 14.33
CA TYR A 47 -1.47 -5.39 13.31
C TYR A 47 -1.25 -6.76 13.95
N THR A 48 -1.90 -6.99 15.07
CA THR A 48 -1.77 -8.25 15.80
C THR A 48 -3.13 -8.75 16.26
N ASP A 49 -3.79 -9.53 15.40
CA ASP A 49 -5.10 -10.07 15.72
C ASP A 49 -4.95 -11.34 16.54
N GLY A 50 -4.07 -12.23 16.12
CA GLY A 50 -3.84 -13.46 16.85
C GLY A 50 -4.27 -14.69 16.08
N LYS A 51 -5.30 -14.56 15.25
CA LYS A 51 -5.80 -15.67 14.47
C LYS A 51 -5.14 -15.71 13.10
N GLY A 52 -4.92 -14.55 12.52
CA GLY A 52 -4.28 -14.48 11.22
C GLY A 52 -4.34 -13.10 10.61
N GLN A 53 -3.52 -12.19 11.12
CA GLN A 53 -3.48 -10.83 10.61
C GLN A 53 -2.86 -10.81 9.21
N LYS A 54 -3.59 -10.28 8.25
CA LYS A 54 -3.13 -10.21 6.88
C LYS A 54 -2.74 -8.78 6.52
N ILE A 55 -1.53 -8.61 6.02
CA ILE A 55 -1.03 -7.31 5.61
C ILE A 55 -0.75 -7.31 4.11
N SER A 56 -1.75 -6.92 3.34
CA SER A 56 -1.62 -6.90 1.89
C SER A 56 -1.95 -5.53 1.33
N VAL A 57 -0.96 -4.91 0.71
CA VAL A 57 -1.13 -3.60 0.12
C VAL A 57 -1.32 -3.71 -1.39
N HIS A 58 -2.56 -3.60 -1.85
CA HIS A 58 -2.85 -3.69 -3.25
C HIS A 58 -3.02 -2.29 -3.83
N VAL A 59 -1.90 -1.69 -4.22
CA VAL A 59 -1.90 -0.36 -4.78
C VAL A 59 -1.93 -0.40 -6.30
N LYS A 60 -3.13 -0.33 -6.85
CA LYS A 60 -3.33 -0.34 -8.29
C LYS A 60 -3.49 1.09 -8.79
N LEU A 61 -2.47 1.90 -8.59
CA LEU A 61 -2.52 3.29 -9.02
C LEU A 61 -1.78 3.49 -10.34
N GLY A 62 -1.19 2.41 -10.85
CA GLY A 62 -0.46 2.49 -12.10
C GLY A 62 0.74 3.40 -12.01
N ASN A 63 0.80 4.39 -12.90
CA ASN A 63 1.91 5.34 -12.90
C ASN A 63 1.72 6.41 -11.82
N ARG A 64 1.63 5.95 -10.57
CA ARG A 64 1.47 6.84 -9.42
C ARG A 64 2.66 7.78 -9.26
N PHE A 65 3.79 7.38 -9.85
CA PHE A 65 5.03 8.17 -9.81
C PHE A 65 5.47 8.45 -8.38
N LEU A 66 5.37 7.45 -7.53
CA LEU A 66 5.77 7.58 -6.14
C LEU A 66 7.12 6.90 -5.93
N TYR A 67 7.88 7.38 -4.95
CA TYR A 67 9.19 6.81 -4.66
C TYR A 67 9.03 5.45 -3.99
N LYS A 68 9.15 4.39 -4.78
CA LYS A 68 9.00 3.02 -4.28
C LYS A 68 10.04 2.71 -3.20
N GLU A 69 11.24 3.25 -3.37
CA GLU A 69 12.31 3.02 -2.41
C GLU A 69 11.98 3.61 -1.04
N GLN A 70 11.16 4.66 -1.03
CA GLN A 70 10.77 5.30 0.22
C GLN A 70 9.93 4.34 1.05
N GLU A 71 9.04 3.63 0.37
CA GLU A 71 8.18 2.66 1.03
C GLU A 71 9.01 1.47 1.49
N GLU A 72 9.99 1.12 0.68
CA GLU A 72 10.87 0.00 0.96
C GLU A 72 11.68 0.24 2.24
N GLN A 73 12.29 1.41 2.35
CA GLN A 73 13.13 1.74 3.51
C GLN A 73 12.36 1.68 4.84
N LEU A 74 11.05 1.96 4.80
CA LEU A 74 10.26 1.93 6.03
C LEU A 74 9.73 0.52 6.29
N THR A 75 9.44 -0.20 5.21
CA THR A 75 8.92 -1.56 5.32
C THR A 75 9.98 -2.52 5.86
N GLU A 76 11.24 -2.25 5.54
CA GLU A 76 12.36 -3.08 5.99
C GLU A 76 12.43 -3.16 7.52
N LEU A 77 11.86 -2.17 8.20
CA LEU A 77 11.84 -2.16 9.66
C LEU A 77 10.97 -3.31 10.18
N ILE A 78 9.91 -3.61 9.43
CA ILE A 78 8.99 -4.68 9.79
C ILE A 78 9.36 -5.97 9.06
N ALA A 79 10.17 -5.83 8.01
CA ALA A 79 10.60 -6.97 7.20
C ALA A 79 11.44 -7.96 8.01
N SER A 80 11.97 -7.50 9.14
CA SER A 80 12.77 -8.34 10.00
C SER A 80 11.87 -9.32 10.76
N LYS A 81 10.62 -8.92 10.97
CA LYS A 81 9.65 -9.74 11.67
C LYS A 81 8.45 -10.03 10.77
N LYS A 82 8.73 -10.30 9.50
CA LYS A 82 7.69 -10.59 8.53
C LYS A 82 7.14 -12.01 8.67
N ASP A 83 6.72 -12.35 9.87
CA ASP A 83 6.15 -13.67 10.13
C ASP A 83 4.70 -13.70 9.72
N LEU A 84 4.09 -12.51 9.67
CA LEU A 84 2.70 -12.37 9.29
C LEU A 84 2.55 -12.41 7.77
N PHE A 85 1.33 -12.49 7.30
CA PHE A 85 1.07 -12.56 5.86
C PHE A 85 1.17 -11.18 5.23
N VAL A 86 2.40 -10.75 4.97
CA VAL A 86 2.63 -9.45 4.35
C VAL A 86 2.91 -9.61 2.84
N HIS A 87 2.13 -8.91 2.03
CA HIS A 87 2.29 -8.97 0.58
C HIS A 87 1.92 -7.62 -0.05
N SER A 88 2.93 -6.87 -0.47
CA SER A 88 2.70 -5.58 -1.08
C SER A 88 3.20 -5.57 -2.52
N ILE A 89 2.34 -5.16 -3.45
CA ILE A 89 2.71 -5.12 -4.86
C ILE A 89 1.99 -3.98 -5.57
N ASP A 90 2.76 -3.11 -6.21
CA ASP A 90 2.20 -1.98 -6.93
C ASP A 90 2.36 -2.15 -8.43
N SER A 91 1.57 -1.41 -9.19
CA SER A 91 1.61 -1.47 -10.65
C SER A 91 2.63 -0.49 -11.21
N GLU A 92 3.89 -0.66 -10.80
CA GLU A 92 4.96 0.21 -11.26
C GLU A 92 5.29 -0.05 -12.73
N VAL A 93 5.78 0.99 -13.42
CA VAL A 93 6.14 0.87 -14.83
C VAL A 93 7.64 1.08 -15.00
N ILE A 94 8.35 0.02 -15.36
CA ILE A 94 9.79 0.09 -15.53
C ILE A 94 10.19 0.19 -16.99
N THR A 95 9.20 0.13 -17.87
CA THR A 95 9.43 0.20 -19.31
C THR A 95 9.51 1.64 -19.80
N LYS A 96 9.44 2.59 -18.88
CA LYS A 96 9.50 4.00 -19.25
C LYS A 96 10.56 4.72 -18.43
N LYS A 97 11.78 4.72 -18.94
CA LYS A 97 12.89 5.39 -18.27
C LYS A 97 13.12 6.77 -18.90
N GLU A 98 13.36 7.76 -18.06
CA GLU A 98 13.59 9.12 -18.54
C GLU A 98 15.07 9.33 -18.84
N ALA A 99 15.43 9.14 -20.09
CA ALA A 99 16.83 9.31 -20.51
C ALA A 99 17.12 10.79 -20.77
N GLN A 100 16.10 11.62 -20.58
CA GLN A 100 16.24 13.07 -20.78
C GLN A 100 17.08 13.67 -19.67
N GLN A 101 17.88 14.66 -20.03
CA GLN A 101 18.75 15.33 -19.07
C GLN A 101 18.01 16.49 -18.44
N ILE A 102 17.08 16.18 -17.54
CA ILE A 102 16.29 17.20 -16.88
C ILE A 102 16.94 17.61 -15.55
N ARG A 103 17.05 18.91 -15.34
CA ARG A 103 17.62 19.44 -14.11
C ARG A 103 16.72 20.55 -13.58
N GLU A 104 15.60 20.14 -13.01
CA GLU A 104 14.64 21.09 -12.47
C GLU A 104 14.80 21.17 -10.94
N GLU A 105 16.04 21.08 -10.49
CA GLU A 105 16.35 21.13 -9.09
C GLU A 105 17.01 22.45 -8.74
N GLY A 1 -31.89 -1.72 0.78
CA GLY A 1 -30.91 -2.77 1.17
C GLY A 1 -30.10 -3.25 -0.02
N SER A 2 -30.38 -4.47 -0.46
CA SER A 2 -29.67 -5.06 -1.59
C SER A 2 -29.91 -4.24 -2.86
N HIS A 3 -28.82 -3.86 -3.52
CA HIS A 3 -28.89 -3.09 -4.74
C HIS A 3 -27.75 -3.48 -5.68
N MET A 4 -28.10 -3.86 -6.90
CA MET A 4 -27.11 -4.27 -7.89
C MET A 4 -26.43 -3.04 -8.49
N LYS A 5 -25.11 -3.10 -8.61
CA LYS A 5 -24.36 -2.00 -9.18
C LYS A 5 -23.49 -2.48 -10.33
N THR A 6 -23.01 -1.52 -11.12
CA THR A 6 -22.16 -1.83 -12.26
C THR A 6 -20.70 -1.98 -11.84
N LYS A 7 -19.78 -1.87 -12.78
CA LYS A 7 -18.36 -1.99 -12.47
C LYS A 7 -17.85 -0.73 -11.75
N LYS A 8 -16.75 -0.88 -11.04
CA LYS A 8 -16.16 0.24 -10.32
C LYS A 8 -15.02 0.86 -11.12
N GLN A 9 -14.93 2.18 -11.09
CA GLN A 9 -13.88 2.89 -11.81
C GLN A 9 -12.63 3.02 -10.94
N GLN A 10 -12.77 3.68 -9.79
CA GLN A 10 -11.67 3.85 -8.86
C GLN A 10 -12.14 3.42 -7.48
N TYR A 11 -11.69 2.25 -7.03
CA TYR A 11 -12.09 1.75 -5.74
C TYR A 11 -10.95 1.80 -4.74
N VAL A 12 -11.25 2.20 -3.53
CA VAL A 12 -10.26 2.28 -2.47
C VAL A 12 -10.84 1.72 -1.16
N THR A 13 -10.05 0.91 -0.49
CA THR A 13 -10.47 0.31 0.77
C THR A 13 -9.26 0.05 1.66
N ILE A 14 -9.45 0.22 2.96
CA ILE A 14 -8.38 0.00 3.92
C ILE A 14 -8.91 -0.78 5.13
N LYS A 15 -8.66 -2.09 5.14
CA LYS A 15 -9.11 -2.94 6.23
C LYS A 15 -8.13 -2.89 7.39
N GLY A 16 -8.27 -1.88 8.22
CA GLY A 16 -7.39 -1.72 9.37
C GLY A 16 -8.18 -1.55 10.65
N THR A 17 -8.50 -2.67 11.29
CA THR A 17 -9.27 -2.65 12.53
C THR A 17 -9.14 -3.98 13.25
N LYS A 18 -9.61 -5.06 12.63
CA LYS A 18 -9.54 -6.38 13.23
C LYS A 18 -8.78 -7.31 12.30
N ASN A 19 -7.58 -6.87 11.93
CA ASN A 19 -6.71 -7.62 11.05
C ASN A 19 -5.37 -6.92 10.99
N GLY A 20 -4.53 -7.31 10.03
CA GLY A 20 -3.24 -6.69 9.90
C GLY A 20 -3.29 -5.37 9.14
N LEU A 21 -3.16 -5.44 7.83
CA LEU A 21 -3.19 -4.25 7.00
C LEU A 21 -3.50 -4.62 5.55
N THR A 22 -4.77 -4.66 5.21
CA THR A 22 -5.18 -5.01 3.86
C THR A 22 -5.82 -3.81 3.17
N LEU A 23 -5.02 -3.09 2.39
CA LEU A 23 -5.50 -1.93 1.68
C LEU A 23 -5.36 -2.12 0.18
N HIS A 24 -6.29 -1.55 -0.57
CA HIS A 24 -6.29 -1.66 -2.02
C HIS A 24 -6.75 -0.35 -2.65
N LEU A 25 -5.93 0.20 -3.55
CA LEU A 25 -6.27 1.44 -4.23
C LEU A 25 -6.19 1.24 -5.74
N ASP A 26 -7.29 1.49 -6.43
CA ASP A 26 -7.33 1.34 -7.88
C ASP A 26 -7.45 2.71 -8.53
N ASP A 27 -6.39 3.49 -8.44
CA ASP A 27 -6.36 4.83 -9.00
C ASP A 27 -5.00 5.10 -9.66
N ALA A 28 -5.03 5.66 -10.86
CA ALA A 28 -3.80 5.93 -11.60
C ALA A 28 -3.73 7.40 -12.02
N CYS A 29 -2.52 7.86 -12.30
CA CYS A 29 -2.28 9.25 -12.73
C CYS A 29 -2.81 10.27 -11.73
N SER A 30 -2.48 10.08 -10.45
CA SER A 30 -2.94 10.98 -9.41
C SER A 30 -2.09 10.82 -8.15
N PHE A 31 -2.50 11.47 -7.07
CA PHE A 31 -1.80 11.41 -5.79
C PHE A 31 -2.75 11.09 -4.66
N ASP A 32 -2.20 10.73 -3.51
CA ASP A 32 -2.99 10.40 -2.32
C ASP A 32 -2.07 10.21 -1.12
N GLU A 33 -1.94 11.25 -0.32
CA GLU A 33 -1.09 11.20 0.87
C GLU A 33 -1.87 10.70 2.09
N LEU A 34 -3.11 10.27 1.88
CA LEU A 34 -3.93 9.79 2.97
C LEU A 34 -3.77 8.27 3.10
N LEU A 35 -3.67 7.61 1.96
CA LEU A 35 -3.51 6.16 1.90
C LEU A 35 -2.28 5.69 2.69
N ASP A 36 -1.13 6.27 2.37
CA ASP A 36 0.12 5.91 3.05
C ASP A 36 0.10 6.34 4.51
N GLY A 37 -0.57 7.45 4.78
CA GLY A 37 -0.66 7.96 6.14
C GLY A 37 -1.39 6.98 7.04
N LEU A 38 -2.54 6.51 6.59
CA LEU A 38 -3.35 5.57 7.34
C LEU A 38 -2.63 4.22 7.43
N GLN A 39 -2.05 3.82 6.30
CA GLN A 39 -1.32 2.55 6.20
C GLN A 39 -0.21 2.46 7.25
N ASN A 40 0.59 3.50 7.33
CA ASN A 40 1.70 3.54 8.27
C ASN A 40 1.20 3.63 9.71
N MET A 41 0.15 4.41 9.94
CA MET A 41 -0.41 4.58 11.27
C MET A 41 -1.02 3.28 11.80
N LEU A 42 -1.86 2.63 10.99
CA LEU A 42 -2.52 1.39 11.39
C LEU A 42 -1.52 0.31 11.80
N SER A 43 -0.45 0.18 11.02
CA SER A 43 0.58 -0.82 11.30
C SER A 43 1.23 -0.58 12.66
N ILE A 44 1.41 0.68 13.01
CA ILE A 44 2.01 1.04 14.28
C ILE A 44 0.99 0.93 15.42
N GLU A 45 -0.28 1.14 15.07
CA GLU A 45 -1.37 1.06 16.05
C GLU A 45 -1.51 -0.37 16.58
N GLN A 46 -2.01 -1.26 15.73
CA GLN A 46 -2.20 -2.65 16.11
C GLN A 46 -2.43 -3.54 14.89
N TYR A 47 -1.39 -4.24 14.47
CA TYR A 47 -1.52 -5.14 13.33
C TYR A 47 -1.76 -6.57 13.83
N THR A 48 -1.71 -6.74 15.15
CA THR A 48 -1.90 -8.04 15.77
C THR A 48 -3.38 -8.32 16.03
N ASP A 49 -3.97 -9.17 15.20
CA ASP A 49 -5.37 -9.55 15.35
C ASP A 49 -5.47 -10.98 15.86
N GLY A 50 -6.67 -11.53 15.89
CA GLY A 50 -6.87 -12.89 16.35
C GLY A 50 -7.42 -13.78 15.26
N LYS A 51 -7.14 -13.43 14.01
CA LYS A 51 -7.62 -14.22 12.88
C LYS A 51 -6.48 -14.55 11.93
N GLY A 52 -5.79 -13.51 11.47
CA GLY A 52 -4.69 -13.70 10.54
C GLY A 52 -4.29 -12.38 9.90
N GLN A 53 -3.35 -11.71 10.53
CA GLN A 53 -2.86 -10.41 10.08
C GLN A 53 -2.39 -10.43 8.63
N LYS A 54 -3.29 -10.04 7.74
CA LYS A 54 -2.99 -9.99 6.32
C LYS A 54 -2.46 -8.62 5.94
N ILE A 55 -1.15 -8.48 6.00
CA ILE A 55 -0.49 -7.22 5.65
C ILE A 55 -0.14 -7.25 4.16
N SER A 56 -1.16 -7.29 3.33
CA SER A 56 -0.94 -7.36 1.89
C SER A 56 -1.33 -6.06 1.22
N VAL A 57 -0.33 -5.22 0.97
CA VAL A 57 -0.55 -3.96 0.31
C VAL A 57 -0.68 -4.20 -1.19
N HIS A 58 -1.91 -4.29 -1.66
CA HIS A 58 -2.16 -4.55 -3.08
C HIS A 58 -2.74 -3.32 -3.75
N VAL A 59 -1.88 -2.55 -4.38
CA VAL A 59 -2.31 -1.33 -5.06
C VAL A 59 -2.22 -1.49 -6.58
N LYS A 60 -3.10 -0.79 -7.27
CA LYS A 60 -3.13 -0.82 -8.72
C LYS A 60 -2.93 0.60 -9.22
N LEU A 61 -1.73 1.10 -9.02
CA LEU A 61 -1.39 2.47 -9.41
C LEU A 61 -0.97 2.54 -10.87
N GLY A 62 -0.41 1.45 -11.36
CA GLY A 62 0.02 1.39 -12.75
C GLY A 62 1.19 2.31 -13.05
N ASN A 63 0.91 3.45 -13.64
CA ASN A 63 1.94 4.42 -13.98
C ASN A 63 1.84 5.65 -13.09
N ARG A 64 1.13 5.48 -11.98
CA ARG A 64 0.94 6.57 -11.01
C ARG A 64 2.29 7.03 -10.46
N PHE A 65 3.20 6.06 -10.33
CA PHE A 65 4.55 6.31 -9.83
C PHE A 65 4.53 6.83 -8.39
N LEU A 66 4.47 5.90 -7.45
CA LEU A 66 4.45 6.25 -6.04
C LEU A 66 5.88 6.23 -5.50
N TYR A 67 6.11 6.92 -4.39
CA TYR A 67 7.42 6.96 -3.79
C TYR A 67 7.73 5.66 -3.05
N LYS A 68 8.04 4.63 -3.83
CA LYS A 68 8.37 3.30 -3.31
C LYS A 68 9.50 3.39 -2.29
N GLU A 69 10.39 4.36 -2.48
CA GLU A 69 11.53 4.56 -1.60
C GLU A 69 11.08 4.69 -0.15
N GLN A 70 9.98 5.41 0.07
CA GLN A 70 9.46 5.61 1.41
C GLN A 70 8.90 4.30 1.98
N GLU A 71 8.17 3.58 1.16
CA GLU A 71 7.57 2.32 1.57
C GLU A 71 8.65 1.28 1.86
N GLU A 72 9.67 1.23 1.02
CA GLU A 72 10.75 0.26 1.19
C GLU A 72 11.53 0.51 2.48
N GLN A 73 11.87 1.76 2.75
CA GLN A 73 12.64 2.10 3.94
C GLN A 73 11.87 1.81 5.23
N LEU A 74 10.54 1.94 5.20
CA LEU A 74 9.74 1.66 6.39
C LEU A 74 9.45 0.17 6.52
N THR A 75 9.34 -0.51 5.38
CA THR A 75 9.06 -1.94 5.38
C THR A 75 10.25 -2.71 5.94
N GLU A 76 11.46 -2.19 5.76
CA GLU A 76 12.67 -2.83 6.25
C GLU A 76 12.61 -3.14 7.74
N LEU A 77 11.86 -2.32 8.47
CA LEU A 77 11.71 -2.51 9.91
C LEU A 77 10.92 -3.78 10.21
N ILE A 78 9.94 -4.07 9.38
CA ILE A 78 9.10 -5.25 9.56
C ILE A 78 9.65 -6.41 8.73
N ALA A 79 10.48 -6.10 7.74
CA ALA A 79 11.07 -7.12 6.87
C ALA A 79 11.94 -8.09 7.66
N SER A 80 12.62 -7.57 8.68
CA SER A 80 13.49 -8.40 9.52
C SER A 80 12.67 -9.39 10.35
N LYS A 81 11.38 -9.12 10.48
CA LYS A 81 10.48 -9.97 11.23
C LYS A 81 9.21 -10.22 10.43
N LYS A 82 9.39 -10.44 9.13
CA LYS A 82 8.25 -10.67 8.24
C LYS A 82 7.69 -12.08 8.41
N ASP A 83 7.31 -12.40 9.64
CA ASP A 83 6.73 -13.70 9.97
C ASP A 83 5.23 -13.65 9.72
N LEU A 84 4.72 -12.42 9.61
CA LEU A 84 3.31 -12.19 9.36
C LEU A 84 3.02 -12.37 7.87
N PHE A 85 1.75 -12.34 7.50
CA PHE A 85 1.37 -12.52 6.10
C PHE A 85 1.46 -11.20 5.35
N VAL A 86 2.68 -10.78 5.07
CA VAL A 86 2.93 -9.53 4.36
C VAL A 86 3.16 -9.79 2.88
N HIS A 87 2.57 -8.93 2.04
CA HIS A 87 2.70 -9.06 0.59
C HIS A 87 2.38 -7.73 -0.09
N SER A 88 3.39 -6.90 -0.25
CA SER A 88 3.22 -5.60 -0.89
C SER A 88 3.53 -5.68 -2.38
N ILE A 89 2.64 -5.15 -3.22
CA ILE A 89 2.83 -5.18 -4.66
C ILE A 89 2.01 -4.09 -5.36
N ASP A 90 2.54 -3.60 -6.47
CA ASP A 90 1.88 -2.58 -7.27
C ASP A 90 1.86 -3.04 -8.72
N SER A 91 0.88 -2.57 -9.48
CA SER A 91 0.75 -2.93 -10.88
C SER A 91 1.62 -2.02 -11.74
N GLU A 92 2.90 -1.96 -11.37
CA GLU A 92 3.89 -1.14 -12.04
C GLU A 92 3.83 -1.25 -13.57
N VAL A 93 3.87 -0.11 -14.24
CA VAL A 93 3.84 -0.05 -15.68
C VAL A 93 5.13 -0.62 -16.27
N ILE A 94 5.08 -1.04 -17.53
CA ILE A 94 6.26 -1.60 -18.19
C ILE A 94 7.31 -0.52 -18.42
N THR A 95 8.55 -0.95 -18.61
CA THR A 95 9.66 -0.02 -18.84
C THR A 95 9.84 0.91 -17.65
N LYS A 96 9.99 0.32 -16.47
CA LYS A 96 10.18 1.06 -15.23
C LYS A 96 11.36 0.48 -14.47
N LYS A 97 12.51 1.13 -14.56
CA LYS A 97 13.70 0.64 -13.89
C LYS A 97 14.28 1.69 -12.95
N GLU A 98 14.62 1.27 -11.75
CA GLU A 98 15.21 2.16 -10.75
C GLU A 98 16.73 2.20 -10.91
N ALA A 99 17.19 2.63 -12.07
CA ALA A 99 18.61 2.71 -12.34
C ALA A 99 19.10 4.14 -12.22
N GLN A 100 19.42 4.56 -10.99
CA GLN A 100 19.90 5.91 -10.75
C GLN A 100 21.05 5.89 -9.76
N GLN A 101 21.90 6.90 -9.83
CA GLN A 101 23.03 7.00 -8.92
C GLN A 101 22.56 7.55 -7.59
N ILE A 102 22.29 6.67 -6.64
CA ILE A 102 21.85 7.07 -5.32
C ILE A 102 22.19 5.99 -4.30
N ARG A 103 22.53 6.41 -3.09
CA ARG A 103 22.87 5.49 -2.02
C ARG A 103 22.50 6.10 -0.68
N GLU A 104 22.02 5.29 0.25
CA GLU A 104 21.65 5.79 1.57
C GLU A 104 22.84 5.76 2.52
N GLU A 105 24.01 5.51 1.96
CA GLU A 105 25.24 5.45 2.72
C GLU A 105 26.41 5.86 1.83
N GLY A 1 -32.46 3.36 1.16
CA GLY A 1 -31.58 2.18 1.28
C GLY A 1 -30.34 2.31 0.41
N SER A 2 -29.68 1.18 0.14
CA SER A 2 -28.48 1.18 -0.68
C SER A 2 -28.84 0.85 -2.13
N HIS A 3 -27.81 0.80 -2.98
CA HIS A 3 -27.99 0.49 -4.39
C HIS A 3 -26.71 -0.11 -4.94
N MET A 4 -26.83 -1.24 -5.62
CA MET A 4 -25.67 -1.91 -6.19
C MET A 4 -25.02 -1.06 -7.27
N LYS A 5 -23.80 -0.61 -7.01
CA LYS A 5 -23.06 0.21 -7.95
C LYS A 5 -22.66 -0.60 -9.18
N THR A 6 -22.63 0.06 -10.33
CA THR A 6 -22.26 -0.59 -11.57
C THR A 6 -20.73 -0.68 -11.69
N LYS A 7 -20.23 -0.71 -12.92
CA LYS A 7 -18.79 -0.80 -13.17
C LYS A 7 -18.05 0.41 -12.57
N LYS A 8 -16.84 0.16 -12.08
CA LYS A 8 -16.01 1.20 -11.49
C LYS A 8 -14.56 0.99 -11.91
N GLN A 9 -13.83 2.08 -12.09
CA GLN A 9 -12.45 1.99 -12.53
C GLN A 9 -11.46 2.32 -11.41
N GLN A 10 -11.78 3.30 -10.57
CA GLN A 10 -10.88 3.68 -9.49
C GLN A 10 -11.61 3.68 -8.15
N TYR A 11 -11.32 2.68 -7.32
CA TYR A 11 -11.95 2.56 -6.01
C TYR A 11 -10.88 2.35 -4.94
N VAL A 12 -11.23 2.66 -3.70
CA VAL A 12 -10.30 2.51 -2.59
C VAL A 12 -11.03 2.03 -1.34
N THR A 13 -10.37 1.17 -0.58
CA THR A 13 -10.93 0.64 0.65
C THR A 13 -9.80 0.19 1.57
N ILE A 14 -9.96 0.41 2.87
CA ILE A 14 -8.95 0.04 3.85
C ILE A 14 -9.62 -0.69 5.02
N LYS A 15 -9.01 -1.78 5.46
CA LYS A 15 -9.52 -2.56 6.57
C LYS A 15 -8.42 -2.82 7.60
N GLY A 16 -8.33 -1.96 8.59
CA GLY A 16 -7.32 -2.11 9.62
C GLY A 16 -7.88 -1.82 11.00
N THR A 17 -8.69 -2.74 11.50
CA THR A 17 -9.29 -2.59 12.81
C THR A 17 -9.37 -3.94 13.53
N LYS A 18 -10.24 -4.82 13.04
CA LYS A 18 -10.39 -6.15 13.61
C LYS A 18 -9.67 -7.16 12.73
N ASN A 19 -8.63 -6.68 12.06
CA ASN A 19 -7.82 -7.48 11.15
C ASN A 19 -6.43 -6.90 11.11
N GLY A 20 -5.59 -7.39 10.21
CA GLY A 20 -4.25 -6.86 10.08
C GLY A 20 -4.23 -5.54 9.33
N LEU A 21 -3.80 -5.57 8.08
CA LEU A 21 -3.75 -4.36 7.27
C LEU A 21 -4.08 -4.68 5.83
N THR A 22 -5.36 -4.67 5.50
CA THR A 22 -5.80 -4.95 4.15
C THR A 22 -6.25 -3.64 3.47
N LEU A 23 -5.50 -3.20 2.48
CA LEU A 23 -5.83 -1.97 1.78
C LEU A 23 -5.81 -2.19 0.27
N HIS A 24 -6.74 -1.54 -0.42
CA HIS A 24 -6.85 -1.65 -1.85
C HIS A 24 -6.96 -0.27 -2.47
N LEU A 25 -6.04 0.08 -3.34
CA LEU A 25 -6.05 1.37 -4.01
C LEU A 25 -5.90 1.16 -5.52
N ASP A 26 -6.88 1.63 -6.28
CA ASP A 26 -6.85 1.49 -7.73
C ASP A 26 -6.89 2.86 -8.40
N ASP A 27 -6.19 3.82 -7.81
CA ASP A 27 -6.13 5.17 -8.33
C ASP A 27 -4.80 5.41 -9.04
N ALA A 28 -4.87 5.81 -10.29
CA ALA A 28 -3.67 6.07 -11.07
C ALA A 28 -3.39 7.56 -11.17
N CYS A 29 -2.13 7.94 -10.92
CA CYS A 29 -1.70 9.33 -10.97
C CYS A 29 -2.51 10.22 -10.03
N SER A 30 -2.77 9.72 -8.83
CA SER A 30 -3.53 10.46 -7.84
C SER A 30 -2.74 10.60 -6.54
N PHE A 31 -3.34 11.28 -5.56
CA PHE A 31 -2.70 11.47 -4.26
C PHE A 31 -2.87 10.23 -3.39
N ASP A 32 -1.78 9.49 -3.21
CA ASP A 32 -1.78 8.26 -2.42
C ASP A 32 -1.56 8.56 -0.94
N GLU A 33 -1.35 9.82 -0.60
CA GLU A 33 -1.11 10.24 0.78
C GLU A 33 -2.25 9.76 1.69
N LEU A 34 -3.49 9.85 1.19
CA LEU A 34 -4.65 9.45 1.96
C LEU A 34 -4.67 7.94 2.21
N LEU A 35 -3.89 7.21 1.43
CA LEU A 35 -3.79 5.78 1.57
C LEU A 35 -2.64 5.41 2.50
N ASP A 36 -1.46 5.95 2.19
CA ASP A 36 -0.25 5.70 2.97
C ASP A 36 -0.43 6.09 4.44
N GLY A 37 -1.11 7.20 4.66
CA GLY A 37 -1.35 7.68 6.02
C GLY A 37 -1.98 6.63 6.89
N LEU A 38 -3.12 6.10 6.45
CA LEU A 38 -3.83 5.06 7.20
C LEU A 38 -3.02 3.77 7.21
N GLN A 39 -2.38 3.47 6.08
CA GLN A 39 -1.57 2.28 5.94
C GLN A 39 -0.50 2.21 7.03
N ASN A 40 0.30 3.25 7.13
CA ASN A 40 1.36 3.32 8.12
C ASN A 40 0.79 3.38 9.53
N MET A 41 -0.25 4.17 9.69
CA MET A 41 -0.90 4.34 10.99
C MET A 41 -1.42 3.02 11.56
N LEU A 42 -2.28 2.34 10.81
CA LEU A 42 -2.88 1.09 11.25
C LEU A 42 -1.82 -0.01 11.42
N SER A 43 -0.75 0.06 10.64
CA SER A 43 0.32 -0.94 10.72
C SER A 43 1.02 -0.90 12.08
N ILE A 44 0.78 0.16 12.84
CA ILE A 44 1.37 0.31 14.16
C ILE A 44 0.27 0.38 15.22
N GLU A 45 -0.84 1.00 14.85
CA GLU A 45 -1.98 1.17 15.75
C GLU A 45 -2.60 -0.18 16.13
N GLN A 46 -2.92 -0.99 15.13
CA GLN A 46 -3.53 -2.29 15.36
C GLN A 46 -3.20 -3.24 14.22
N TYR A 47 -2.33 -4.21 14.49
CA TYR A 47 -1.94 -5.19 13.49
C TYR A 47 -1.84 -6.57 14.12
N THR A 48 -2.57 -6.77 15.21
CA THR A 48 -2.57 -8.05 15.90
C THR A 48 -4.00 -8.50 16.22
N ASP A 49 -4.56 -9.30 15.34
CA ASP A 49 -5.91 -9.80 15.53
C ASP A 49 -5.90 -11.10 16.32
N GLY A 50 -4.93 -11.95 16.02
CA GLY A 50 -4.81 -13.23 16.70
C GLY A 50 -4.09 -14.27 15.86
N LYS A 51 -2.83 -13.96 15.52
CA LYS A 51 -2.00 -14.86 14.72
C LYS A 51 -2.58 -15.09 13.32
N GLY A 52 -3.35 -14.13 12.83
CA GLY A 52 -3.94 -14.26 11.50
C GLY A 52 -4.06 -12.91 10.83
N GLN A 53 -3.13 -12.02 11.16
CA GLN A 53 -3.13 -10.68 10.60
C GLN A 53 -2.67 -10.68 9.14
N LYS A 54 -3.56 -10.25 8.25
CA LYS A 54 -3.26 -10.18 6.84
C LYS A 54 -2.86 -8.75 6.44
N ILE A 55 -1.61 -8.58 6.06
CA ILE A 55 -1.11 -7.28 5.66
C ILE A 55 -0.89 -7.27 4.15
N SER A 56 -1.98 -7.18 3.41
CA SER A 56 -1.92 -7.17 1.96
C SER A 56 -1.98 -5.76 1.42
N VAL A 57 -0.84 -5.25 0.98
CA VAL A 57 -0.76 -3.92 0.43
C VAL A 57 -0.99 -3.96 -1.08
N HIS A 58 -2.23 -3.74 -1.49
CA HIS A 58 -2.58 -3.76 -2.90
C HIS A 58 -2.58 -2.35 -3.46
N VAL A 59 -1.40 -1.84 -3.74
CA VAL A 59 -1.25 -0.49 -4.28
C VAL A 59 -1.19 -0.52 -5.80
N LYS A 60 -2.34 -0.38 -6.42
CA LYS A 60 -2.45 -0.38 -7.87
C LYS A 60 -2.45 1.04 -8.40
N LEU A 61 -1.35 1.75 -8.14
CA LEU A 61 -1.19 3.15 -8.57
C LEU A 61 -0.94 3.26 -10.06
N GLY A 62 -0.69 2.13 -10.71
CA GLY A 62 -0.44 2.14 -12.13
C GLY A 62 0.84 2.89 -12.49
N ASN A 63 0.77 3.70 -13.54
CA ASN A 63 1.92 4.47 -14.00
C ASN A 63 2.03 5.80 -13.26
N ARG A 64 1.66 5.80 -11.98
CA ARG A 64 1.72 6.99 -11.15
C ARG A 64 3.17 7.43 -10.95
N PHE A 65 4.08 6.45 -10.94
CA PHE A 65 5.50 6.69 -10.75
C PHE A 65 5.78 7.31 -9.38
N LEU A 66 5.90 6.45 -8.39
CA LEU A 66 6.16 6.88 -7.02
C LEU A 66 7.52 6.36 -6.58
N TYR A 67 8.11 6.99 -5.56
CA TYR A 67 9.41 6.57 -5.05
C TYR A 67 9.26 5.27 -4.26
N LYS A 68 9.22 4.17 -4.99
CA LYS A 68 9.08 2.84 -4.42
C LYS A 68 10.14 2.54 -3.37
N GLU A 69 11.37 2.96 -3.65
CA GLU A 69 12.47 2.73 -2.72
C GLU A 69 12.21 3.37 -1.36
N GLN A 70 11.68 4.59 -1.36
CA GLN A 70 11.40 5.31 -0.12
C GLN A 70 10.26 4.68 0.65
N GLU A 71 9.30 4.11 -0.06
CA GLU A 71 8.18 3.47 0.59
C GLU A 71 8.59 2.09 1.08
N GLU A 72 9.52 1.49 0.35
CA GLU A 72 10.02 0.16 0.70
C GLU A 72 10.95 0.22 1.91
N GLN A 73 11.81 1.25 1.95
CA GLN A 73 12.77 1.38 3.05
C GLN A 73 12.08 1.43 4.42
N LEU A 74 10.92 2.09 4.50
CA LEU A 74 10.20 2.17 5.76
C LEU A 74 9.53 0.83 6.05
N THR A 75 9.17 0.13 4.98
CA THR A 75 8.53 -1.16 5.10
C THR A 75 9.54 -2.21 5.55
N GLU A 76 10.80 -1.99 5.21
CA GLU A 76 11.89 -2.90 5.57
C GLU A 76 11.95 -3.12 7.09
N LEU A 77 11.48 -2.14 7.85
CA LEU A 77 11.44 -2.25 9.30
C LEU A 77 10.61 -3.45 9.72
N ILE A 78 9.49 -3.64 9.05
CA ILE A 78 8.60 -4.75 9.34
C ILE A 78 8.96 -5.94 8.46
N ALA A 79 9.47 -5.66 7.26
CA ALA A 79 9.85 -6.70 6.32
C ALA A 79 10.97 -7.58 6.87
N SER A 80 11.86 -7.00 7.68
CA SER A 80 12.96 -7.75 8.27
C SER A 80 12.44 -8.79 9.27
N LYS A 81 11.18 -8.64 9.64
CA LYS A 81 10.54 -9.57 10.58
C LYS A 81 9.14 -9.90 10.06
N LYS A 82 9.06 -10.19 8.77
CA LYS A 82 7.81 -10.51 8.09
C LYS A 82 7.28 -11.90 8.48
N ASP A 83 7.05 -12.09 9.76
CA ASP A 83 6.53 -13.37 10.26
C ASP A 83 5.02 -13.42 10.10
N LEU A 84 4.45 -12.27 9.78
CA LEU A 84 3.01 -12.15 9.57
C LEU A 84 2.69 -12.34 8.10
N PHE A 85 1.41 -12.44 7.76
CA PHE A 85 0.99 -12.63 6.39
C PHE A 85 0.99 -11.29 5.65
N VAL A 86 2.17 -10.82 5.31
CA VAL A 86 2.32 -9.55 4.60
C VAL A 86 2.64 -9.77 3.12
N HIS A 87 1.90 -9.09 2.26
CA HIS A 87 2.10 -9.20 0.82
C HIS A 87 1.88 -7.86 0.13
N SER A 88 2.97 -7.20 -0.21
CA SER A 88 2.90 -5.91 -0.87
C SER A 88 3.09 -6.08 -2.38
N ILE A 89 2.19 -5.48 -3.16
CA ILE A 89 2.28 -5.57 -4.60
C ILE A 89 1.89 -4.24 -5.25
N ASP A 90 2.84 -3.66 -5.97
CA ASP A 90 2.62 -2.39 -6.66
C ASP A 90 2.37 -2.64 -8.14
N SER A 91 2.08 -1.59 -8.88
CA SER A 91 1.83 -1.71 -10.31
C SER A 91 2.96 -1.10 -11.13
N GLU A 92 4.18 -1.38 -10.72
CA GLU A 92 5.35 -0.88 -11.44
C GLU A 92 5.36 -1.45 -12.86
N VAL A 93 5.57 -0.58 -13.84
CA VAL A 93 5.58 -1.01 -15.23
C VAL A 93 6.98 -0.90 -15.83
N ILE A 94 7.27 -1.78 -16.79
CA ILE A 94 8.59 -1.79 -17.42
C ILE A 94 8.61 -0.89 -18.65
N THR A 95 7.53 -0.16 -18.89
CA THR A 95 7.46 0.74 -20.02
C THR A 95 8.22 2.02 -19.72
N LYS A 96 9.52 2.00 -19.98
CA LYS A 96 10.36 3.14 -19.73
C LYS A 96 11.13 3.52 -20.99
N LYS A 97 11.36 4.80 -21.18
CA LYS A 97 12.09 5.28 -22.34
C LYS A 97 13.50 5.67 -21.92
N GLU A 98 14.41 5.67 -22.87
CA GLU A 98 15.79 6.03 -22.59
C GLU A 98 15.90 7.50 -22.19
N ALA A 99 16.61 7.74 -21.10
CA ALA A 99 16.79 9.09 -20.59
C ALA A 99 18.09 9.18 -19.78
N GLN A 100 19.21 9.03 -20.47
CA GLN A 100 20.51 9.09 -19.83
C GLN A 100 20.85 10.55 -19.48
N GLN A 101 21.25 10.78 -18.25
CA GLN A 101 21.58 12.12 -17.81
C GLN A 101 23.00 12.48 -18.20
N ILE A 102 23.15 13.04 -19.39
CA ILE A 102 24.45 13.43 -19.90
C ILE A 102 24.35 14.76 -20.65
N ARG A 103 24.99 15.79 -20.12
CA ARG A 103 24.97 17.11 -20.74
C ARG A 103 26.38 17.64 -20.93
N GLU A 104 26.81 17.78 -22.18
CA GLU A 104 28.14 18.29 -22.49
C GLU A 104 28.11 19.82 -22.50
N GLU A 105 27.36 20.39 -21.57
CA GLU A 105 27.23 21.82 -21.46
C GLU A 105 28.04 22.34 -20.29
N GLY A 1 -35.51 3.88 -20.19
CA GLY A 1 -36.05 3.95 -18.80
C GLY A 1 -34.99 4.36 -17.80
N SER A 2 -34.31 3.38 -17.24
CA SER A 2 -33.26 3.65 -16.27
C SER A 2 -31.91 3.20 -16.79
N HIS A 3 -30.88 3.38 -15.99
CA HIS A 3 -29.52 2.98 -16.35
C HIS A 3 -28.67 2.86 -15.10
N MET A 4 -28.16 1.67 -14.85
CA MET A 4 -27.34 1.43 -13.67
C MET A 4 -25.86 1.50 -14.02
N LYS A 5 -25.02 1.41 -12.99
CA LYS A 5 -23.58 1.47 -13.17
C LYS A 5 -22.99 0.08 -13.29
N THR A 6 -22.45 -0.22 -14.47
CA THR A 6 -21.86 -1.52 -14.74
C THR A 6 -20.43 -1.59 -14.20
N LYS A 7 -19.61 -0.62 -14.56
CA LYS A 7 -18.22 -0.60 -14.10
C LYS A 7 -17.91 0.71 -13.37
N LYS A 8 -16.91 0.67 -12.51
CA LYS A 8 -16.51 1.84 -11.75
C LYS A 8 -15.08 2.23 -12.13
N GLN A 9 -14.77 3.51 -11.99
CA GLN A 9 -13.45 4.02 -12.34
C GLN A 9 -12.51 4.03 -11.14
N GLN A 10 -12.89 4.76 -10.11
CA GLN A 10 -12.08 4.88 -8.91
C GLN A 10 -12.70 4.10 -7.76
N TYR A 11 -11.89 3.33 -7.06
CA TYR A 11 -12.36 2.54 -5.93
C TYR A 11 -11.35 2.56 -4.81
N VAL A 12 -11.82 2.73 -3.58
CA VAL A 12 -10.94 2.76 -2.43
C VAL A 12 -11.57 2.04 -1.24
N THR A 13 -10.75 1.28 -0.52
CA THR A 13 -11.19 0.54 0.66
C THR A 13 -10.00 0.24 1.55
N ILE A 14 -10.11 0.60 2.83
CA ILE A 14 -9.02 0.37 3.77
C ILE A 14 -9.54 -0.38 5.01
N LYS A 15 -8.72 -1.28 5.51
CA LYS A 15 -9.07 -2.06 6.69
C LYS A 15 -7.80 -2.39 7.48
N GLY A 16 -7.96 -2.75 8.74
CA GLY A 16 -6.81 -3.07 9.58
C GLY A 16 -7.20 -3.23 11.03
N THR A 17 -8.14 -2.41 11.48
CA THR A 17 -8.63 -2.44 12.85
C THR A 17 -9.11 -3.83 13.29
N LYS A 18 -9.38 -4.71 12.33
CA LYS A 18 -9.83 -6.06 12.65
C LYS A 18 -8.94 -7.11 11.98
N ASN A 19 -7.67 -6.77 11.84
CA ASN A 19 -6.68 -7.67 11.23
C ASN A 19 -5.29 -6.99 11.27
N GLY A 20 -4.51 -7.15 10.22
CA GLY A 20 -3.20 -6.54 10.17
C GLY A 20 -3.21 -5.27 9.33
N LEU A 21 -3.28 -5.44 8.02
CA LEU A 21 -3.31 -4.31 7.11
C LEU A 21 -3.91 -4.74 5.78
N THR A 22 -5.12 -4.26 5.49
CA THR A 22 -5.80 -4.61 4.25
C THR A 22 -6.21 -3.34 3.51
N LEU A 23 -5.45 -2.97 2.49
CA LEU A 23 -5.76 -1.77 1.72
C LEU A 23 -5.78 -2.06 0.23
N HIS A 24 -6.77 -1.48 -0.45
CA HIS A 24 -6.95 -1.66 -1.88
C HIS A 24 -7.34 -0.33 -2.51
N LEU A 25 -6.59 0.11 -3.51
CA LEU A 25 -6.87 1.37 -4.18
C LEU A 25 -6.84 1.20 -5.71
N ASP A 26 -7.92 1.65 -6.37
CA ASP A 26 -8.04 1.56 -7.82
C ASP A 26 -8.10 2.95 -8.43
N ASP A 27 -7.01 3.38 -9.05
CA ASP A 27 -6.94 4.70 -9.68
C ASP A 27 -5.72 4.74 -10.60
N ALA A 28 -5.35 5.92 -11.09
CA ALA A 28 -4.21 6.06 -11.97
C ALA A 28 -3.73 7.51 -12.02
N CYS A 29 -2.41 7.69 -11.97
CA CYS A 29 -1.78 9.02 -12.02
C CYS A 29 -2.12 9.87 -10.78
N SER A 30 -2.71 9.24 -9.78
CA SER A 30 -3.08 9.93 -8.55
C SER A 30 -2.10 9.61 -7.43
N PHE A 31 -2.03 10.50 -6.45
CA PHE A 31 -1.14 10.33 -5.32
C PHE A 31 -1.75 9.40 -4.28
N ASP A 32 -0.95 8.53 -3.71
CA ASP A 32 -1.41 7.58 -2.71
C ASP A 32 -1.09 8.05 -1.29
N GLU A 33 -0.84 9.35 -1.14
CA GLU A 33 -0.54 9.93 0.17
C GLU A 33 -1.67 9.69 1.15
N LEU A 34 -2.90 9.79 0.65
CA LEU A 34 -4.09 9.58 1.49
C LEU A 34 -4.19 8.12 1.91
N LEU A 35 -3.57 7.25 1.12
CA LEU A 35 -3.57 5.83 1.40
C LEU A 35 -2.46 5.50 2.40
N ASP A 36 -1.29 6.12 2.19
CA ASP A 36 -0.14 5.92 3.06
C ASP A 36 -0.47 6.34 4.48
N GLY A 37 -1.24 7.43 4.62
CA GLY A 37 -1.63 7.91 5.94
C GLY A 37 -2.21 6.80 6.80
N LEU A 38 -3.14 6.05 6.23
CA LEU A 38 -3.77 4.94 6.93
C LEU A 38 -2.82 3.76 7.03
N GLN A 39 -2.11 3.49 5.93
CA GLN A 39 -1.17 2.39 5.85
C GLN A 39 -0.12 2.50 6.97
N ASN A 40 0.44 3.69 7.10
CA ASN A 40 1.46 3.94 8.11
C ASN A 40 0.88 3.87 9.51
N MET A 41 -0.24 4.55 9.71
CA MET A 41 -0.91 4.61 11.00
C MET A 41 -1.32 3.23 11.52
N LEU A 42 -2.09 2.51 10.72
CA LEU A 42 -2.59 1.18 11.11
C LEU A 42 -1.48 0.19 11.45
N SER A 43 -0.45 0.14 10.61
CA SER A 43 0.67 -0.78 10.81
C SER A 43 1.36 -0.56 12.16
N ILE A 44 1.35 0.67 12.65
CA ILE A 44 1.99 0.99 13.92
C ILE A 44 0.97 0.98 15.06
N GLU A 45 -0.29 1.25 14.72
CA GLU A 45 -1.35 1.30 15.72
C GLU A 45 -1.82 -0.10 16.12
N GLN A 46 -2.29 -0.88 15.16
CA GLN A 46 -2.77 -2.22 15.46
C GLN A 46 -2.57 -3.16 14.28
N TYR A 47 -1.44 -3.83 14.26
CA TYR A 47 -1.12 -4.77 13.20
C TYR A 47 -1.36 -6.20 13.69
N THR A 48 -1.65 -6.33 14.97
CA THR A 48 -1.89 -7.62 15.59
C THR A 48 -3.33 -8.06 15.39
N ASP A 49 -3.52 -9.26 14.85
CA ASP A 49 -4.86 -9.80 14.62
C ASP A 49 -5.17 -10.87 15.65
N GLY A 50 -4.29 -11.85 15.75
CA GLY A 50 -4.48 -12.92 16.72
C GLY A 50 -4.86 -14.22 16.07
N LYS A 51 -5.51 -14.14 14.92
CA LYS A 51 -5.92 -15.33 14.19
C LYS A 51 -5.03 -15.50 12.96
N GLY A 52 -4.86 -14.42 12.23
CA GLY A 52 -4.03 -14.43 11.05
C GLY A 52 -3.95 -13.06 10.41
N GLN A 53 -3.09 -12.21 10.97
CA GLN A 53 -2.93 -10.86 10.47
C GLN A 53 -2.30 -10.85 9.07
N LYS A 54 -3.02 -10.31 8.11
CA LYS A 54 -2.54 -10.24 6.74
C LYS A 54 -2.24 -8.79 6.37
N ILE A 55 -1.09 -8.58 5.76
CA ILE A 55 -0.67 -7.26 5.34
C ILE A 55 -0.63 -7.22 3.82
N SER A 56 -1.81 -7.14 3.22
CA SER A 56 -1.93 -7.13 1.78
C SER A 56 -2.05 -5.71 1.24
N VAL A 57 -1.00 -5.25 0.57
CA VAL A 57 -0.99 -3.93 -0.02
C VAL A 57 -1.23 -4.04 -1.51
N HIS A 58 -2.48 -3.85 -1.90
CA HIS A 58 -2.87 -3.96 -3.31
C HIS A 58 -3.19 -2.59 -3.91
N VAL A 59 -2.24 -2.04 -4.65
CA VAL A 59 -2.41 -0.75 -5.29
C VAL A 59 -2.44 -0.91 -6.81
N LYS A 60 -3.54 -0.54 -7.42
CA LYS A 60 -3.68 -0.66 -8.86
C LYS A 60 -3.57 0.70 -9.53
N LEU A 61 -2.73 1.56 -8.95
CA LEU A 61 -2.53 2.90 -9.47
C LEU A 61 -1.76 2.88 -10.79
N GLY A 62 -0.94 1.87 -10.97
CA GLY A 62 -0.18 1.74 -12.19
C GLY A 62 1.01 2.69 -12.26
N ASN A 63 0.74 3.92 -12.66
CA ASN A 63 1.79 4.92 -12.79
C ASN A 63 1.71 5.96 -11.68
N ARG A 64 1.67 5.47 -10.44
CA ARG A 64 1.61 6.37 -9.28
C ARG A 64 2.92 7.13 -9.13
N PHE A 65 4.00 6.53 -9.62
CA PHE A 65 5.34 7.12 -9.57
C PHE A 65 5.74 7.50 -8.15
N LEU A 66 5.39 6.64 -7.19
CA LEU A 66 5.75 6.89 -5.80
C LEU A 66 7.13 6.34 -5.52
N TYR A 67 7.90 7.04 -4.71
CA TYR A 67 9.24 6.62 -4.36
C TYR A 67 9.20 5.35 -3.51
N LYS A 68 9.54 4.22 -4.11
CA LYS A 68 9.54 2.95 -3.39
C LYS A 68 10.51 3.00 -2.22
N GLU A 69 11.46 3.92 -2.29
CA GLU A 69 12.46 4.09 -1.24
C GLU A 69 11.78 4.47 0.07
N GLN A 70 10.71 5.25 -0.03
CA GLN A 70 9.97 5.69 1.15
C GLN A 70 9.29 4.53 1.82
N GLU A 71 8.74 3.64 1.02
CA GLU A 71 8.05 2.47 1.54
C GLU A 71 9.06 1.46 2.03
N GLU A 72 10.16 1.33 1.30
CA GLU A 72 11.23 0.40 1.65
C GLU A 72 11.80 0.71 3.04
N GLN A 73 12.20 1.96 3.25
CA GLN A 73 12.78 2.39 4.52
C GLN A 73 11.88 2.10 5.72
N LEU A 74 10.57 2.16 5.53
CA LEU A 74 9.65 1.90 6.65
C LEU A 74 9.33 0.42 6.75
N THR A 75 9.32 -0.26 5.61
CA THR A 75 9.03 -1.69 5.58
C THR A 75 10.15 -2.49 6.24
N GLU A 76 11.37 -1.96 6.16
CA GLU A 76 12.55 -2.63 6.74
C GLU A 76 12.30 -3.03 8.20
N LEU A 77 11.54 -2.21 8.91
CA LEU A 77 11.23 -2.46 10.31
C LEU A 77 10.45 -3.77 10.46
N ILE A 78 9.51 -3.99 9.57
CA ILE A 78 8.69 -5.20 9.61
C ILE A 78 9.36 -6.33 8.80
N ALA A 79 10.09 -5.96 7.76
CA ALA A 79 10.77 -6.93 6.91
C ALA A 79 11.74 -7.80 7.70
N SER A 80 12.35 -7.21 8.72
CA SER A 80 13.31 -7.93 9.56
C SER A 80 12.60 -8.96 10.44
N LYS A 81 11.28 -8.97 10.39
CA LYS A 81 10.46 -9.90 11.17
C LYS A 81 9.13 -10.11 10.45
N LYS A 82 9.21 -10.34 9.14
CA LYS A 82 8.01 -10.52 8.32
C LYS A 82 7.42 -11.92 8.46
N ASP A 83 7.01 -12.26 9.68
CA ASP A 83 6.40 -13.54 9.96
C ASP A 83 4.91 -13.48 9.60
N LEU A 84 4.40 -12.26 9.54
CA LEU A 84 3.00 -12.03 9.20
C LEU A 84 2.78 -12.26 7.72
N PHE A 85 1.53 -12.47 7.32
CA PHE A 85 1.21 -12.72 5.92
C PHE A 85 1.18 -11.39 5.15
N VAL A 86 2.36 -10.91 4.81
CA VAL A 86 2.49 -9.65 4.08
C VAL A 86 2.64 -9.90 2.58
N HIS A 87 2.05 -9.02 1.79
CA HIS A 87 2.11 -9.10 0.33
C HIS A 87 1.80 -7.75 -0.29
N SER A 88 2.85 -7.01 -0.63
CA SER A 88 2.70 -5.70 -1.24
C SER A 88 3.01 -5.76 -2.73
N ILE A 89 2.07 -5.30 -3.56
CA ILE A 89 2.28 -5.33 -5.00
C ILE A 89 1.45 -4.26 -5.71
N ASP A 90 2.10 -3.54 -6.60
CA ASP A 90 1.44 -2.51 -7.39
C ASP A 90 1.80 -2.73 -8.86
N SER A 91 0.84 -2.47 -9.74
CA SER A 91 1.05 -2.67 -11.17
C SER A 91 2.01 -1.64 -11.78
N GLU A 92 3.29 -1.91 -11.65
CA GLU A 92 4.30 -1.01 -12.20
C GLU A 92 4.55 -1.32 -13.67
N VAL A 93 4.74 -0.28 -14.47
CA VAL A 93 5.01 -0.44 -15.88
C VAL A 93 6.51 -0.31 -16.12
N ILE A 94 7.20 0.19 -15.12
CA ILE A 94 8.64 0.38 -15.16
C ILE A 94 9.17 0.62 -13.75
N THR A 95 10.30 0.02 -13.43
CA THR A 95 10.88 0.16 -12.10
C THR A 95 11.72 1.44 -11.98
N LYS A 96 12.44 1.78 -13.05
CA LYS A 96 13.27 2.96 -13.03
C LYS A 96 13.20 3.69 -14.37
N LYS A 97 12.82 4.97 -14.32
CA LYS A 97 12.71 5.79 -15.52
C LYS A 97 13.01 7.23 -15.14
N GLU A 98 14.06 7.79 -15.71
CA GLU A 98 14.45 9.15 -15.42
C GLU A 98 13.71 10.15 -16.30
N ALA A 99 12.52 10.51 -15.86
CA ALA A 99 11.70 11.47 -16.58
C ALA A 99 11.73 12.81 -15.88
N GLN A 100 12.61 13.69 -16.33
CA GLN A 100 12.74 15.01 -15.74
C GLN A 100 11.59 15.90 -16.21
N GLN A 101 10.78 16.36 -15.27
CA GLN A 101 9.65 17.23 -15.59
C GLN A 101 10.15 18.57 -16.11
N ILE A 102 9.98 18.80 -17.41
CA ILE A 102 10.39 20.05 -18.01
C ILE A 102 9.42 20.44 -19.11
N ARG A 103 9.04 21.70 -19.15
CA ARG A 103 8.13 22.20 -20.16
C ARG A 103 8.76 23.35 -20.92
N GLU A 104 8.53 23.39 -22.22
CA GLU A 104 9.05 24.44 -23.08
C GLU A 104 7.92 25.35 -23.53
N GLU A 105 6.80 25.22 -22.86
CA GLU A 105 5.61 25.99 -23.17
C GLU A 105 5.50 27.18 -22.22
N GLY A 1 -30.24 10.82 -3.32
CA GLY A 1 -30.98 10.06 -2.28
C GLY A 1 -30.38 8.70 -2.02
N SER A 2 -30.94 7.95 -1.08
CA SER A 2 -30.44 6.63 -0.74
C SER A 2 -30.71 5.64 -1.87
N HIS A 3 -29.65 5.06 -2.39
CA HIS A 3 -29.75 4.09 -3.48
C HIS A 3 -28.52 3.20 -3.48
N MET A 4 -28.58 2.09 -4.22
CA MET A 4 -27.47 1.16 -4.30
C MET A 4 -26.38 1.71 -5.23
N LYS A 5 -25.14 1.34 -4.93
CA LYS A 5 -24.01 1.77 -5.73
C LYS A 5 -23.67 0.75 -6.79
N THR A 6 -23.64 1.17 -8.03
CA THR A 6 -23.31 0.29 -9.14
C THR A 6 -21.80 0.17 -9.32
N LYS A 7 -21.36 -0.45 -10.41
CA LYS A 7 -19.95 -0.64 -10.67
C LYS A 7 -19.24 0.70 -10.89
N LYS A 8 -17.94 0.72 -10.63
CA LYS A 8 -17.14 1.92 -10.78
C LYS A 8 -15.70 1.54 -11.15
N GLN A 9 -14.94 2.51 -11.66
CA GLN A 9 -13.55 2.25 -12.07
C GLN A 9 -12.58 2.74 -10.99
N GLN A 10 -12.67 4.02 -10.67
CA GLN A 10 -11.81 4.61 -9.65
C GLN A 10 -12.45 4.47 -8.28
N TYR A 11 -11.79 3.74 -7.39
CA TYR A 11 -12.28 3.55 -6.05
C TYR A 11 -11.14 3.12 -5.13
N VAL A 12 -11.44 3.09 -3.83
CA VAL A 12 -10.45 2.71 -2.83
C VAL A 12 -11.13 2.04 -1.65
N THR A 13 -10.40 1.15 -0.98
CA THR A 13 -10.91 0.46 0.19
C THR A 13 -9.76 0.14 1.14
N ILE A 14 -10.00 0.29 2.43
CA ILE A 14 -8.99 0.03 3.44
C ILE A 14 -9.57 -0.82 4.56
N LYS A 15 -9.13 -2.06 4.66
CA LYS A 15 -9.61 -2.97 5.69
C LYS A 15 -8.53 -3.17 6.75
N GLY A 16 -8.59 -2.37 7.80
CA GLY A 16 -7.62 -2.47 8.87
C GLY A 16 -8.28 -2.39 10.22
N THR A 17 -9.01 -3.44 10.57
CA THR A 17 -9.71 -3.49 11.85
C THR A 17 -9.72 -4.91 12.40
N LYS A 18 -9.19 -5.07 13.61
CA LYS A 18 -9.12 -6.37 14.30
C LYS A 18 -8.39 -7.42 13.44
N ASN A 19 -7.47 -6.95 12.61
CA ASN A 19 -6.70 -7.82 11.74
C ASN A 19 -5.43 -7.09 11.33
N GLY A 20 -4.95 -7.36 10.13
CA GLY A 20 -3.75 -6.71 9.65
C GLY A 20 -4.06 -5.44 8.90
N LEU A 21 -3.75 -5.42 7.62
CA LEU A 21 -3.98 -4.26 6.78
C LEU A 21 -4.16 -4.68 5.33
N THR A 22 -5.40 -4.81 4.91
CA THR A 22 -5.71 -5.19 3.55
C THR A 22 -6.39 -4.02 2.85
N LEU A 23 -5.61 -3.29 2.08
CA LEU A 23 -6.11 -2.14 1.37
C LEU A 23 -5.72 -2.19 -0.09
N HIS A 24 -6.51 -1.54 -0.93
CA HIS A 24 -6.27 -1.53 -2.36
C HIS A 24 -6.87 -0.27 -2.98
N LEU A 25 -6.04 0.43 -3.75
CA LEU A 25 -6.47 1.64 -4.42
C LEU A 25 -6.43 1.44 -5.93
N ASP A 26 -7.43 1.96 -6.63
CA ASP A 26 -7.50 1.85 -8.07
C ASP A 26 -7.58 3.23 -8.68
N ASP A 27 -6.42 3.85 -8.86
CA ASP A 27 -6.34 5.19 -9.43
C ASP A 27 -4.92 5.48 -9.90
N ALA A 28 -4.79 5.87 -11.15
CA ALA A 28 -3.49 6.19 -11.72
C ALA A 28 -3.30 7.70 -11.82
N CYS A 29 -2.06 8.15 -11.74
CA CYS A 29 -1.69 9.57 -11.83
C CYS A 29 -2.07 10.36 -10.58
N SER A 30 -2.71 9.72 -9.62
CA SER A 30 -3.12 10.39 -8.39
C SER A 30 -2.29 9.90 -7.22
N PHE A 31 -2.09 10.75 -6.23
CA PHE A 31 -1.32 10.40 -5.05
C PHE A 31 -2.21 9.77 -3.98
N ASP A 32 -1.72 8.69 -3.39
CA ASP A 32 -2.44 7.96 -2.36
C ASP A 32 -2.15 8.53 -0.97
N GLU A 33 -2.30 9.84 -0.82
CA GLU A 33 -2.05 10.51 0.45
C GLU A 33 -2.97 10.02 1.55
N LEU A 34 -4.13 9.49 1.16
CA LEU A 34 -5.09 8.99 2.13
C LEU A 34 -4.89 7.50 2.36
N LEU A 35 -3.93 6.93 1.65
CA LEU A 35 -3.63 5.52 1.76
C LEU A 35 -2.39 5.32 2.63
N ASP A 36 -1.33 6.06 2.32
CA ASP A 36 -0.07 5.97 3.06
C ASP A 36 -0.30 6.30 4.53
N GLY A 37 -1.19 7.26 4.80
CA GLY A 37 -1.49 7.66 6.16
C GLY A 37 -2.06 6.51 6.96
N LEU A 38 -3.05 5.84 6.40
CA LEU A 38 -3.70 4.71 7.07
C LEU A 38 -2.72 3.54 7.19
N GLN A 39 -1.97 3.32 6.13
CA GLN A 39 -0.99 2.25 6.07
C GLN A 39 0.02 2.35 7.21
N ASN A 40 0.62 3.52 7.36
CA ASN A 40 1.63 3.74 8.38
C ASN A 40 1.01 3.81 9.77
N MET A 41 -0.14 4.46 9.87
CA MET A 41 -0.83 4.63 11.15
C MET A 41 -1.20 3.28 11.78
N LEU A 42 -1.86 2.42 11.01
CA LEU A 42 -2.30 1.13 11.53
C LEU A 42 -1.13 0.22 11.85
N SER A 43 -0.08 0.26 11.04
CA SER A 43 1.10 -0.58 11.25
C SER A 43 1.87 -0.17 12.50
N ILE A 44 1.56 1.00 13.04
CA ILE A 44 2.24 1.48 14.23
C ILE A 44 1.32 1.40 15.45
N GLU A 45 0.03 1.60 15.24
CA GLU A 45 -0.94 1.56 16.33
C GLU A 45 -1.23 0.13 16.77
N GLN A 46 -1.90 -0.63 15.91
CA GLN A 46 -2.26 -2.01 16.24
C GLN A 46 -2.34 -2.86 14.98
N TYR A 47 -1.47 -3.85 14.89
CA TYR A 47 -1.45 -4.76 13.76
C TYR A 47 -1.39 -6.20 14.25
N THR A 48 -1.56 -6.37 15.55
CA THR A 48 -1.54 -7.69 16.15
C THR A 48 -2.95 -8.19 16.42
N ASP A 49 -3.52 -8.88 15.44
CA ASP A 49 -4.87 -9.42 15.56
C ASP A 49 -4.87 -10.62 16.51
N GLY A 50 -3.87 -11.49 16.36
CA GLY A 50 -3.75 -12.64 17.25
C GLY A 50 -4.07 -13.97 16.58
N LYS A 51 -4.57 -13.95 15.35
CA LYS A 51 -4.92 -15.19 14.66
C LYS A 51 -4.43 -15.20 13.22
N GLY A 52 -3.40 -14.43 12.93
CA GLY A 52 -2.87 -14.37 11.59
C GLY A 52 -3.38 -13.15 10.83
N GLN A 53 -2.71 -12.04 11.04
CA GLN A 53 -3.07 -10.78 10.40
C GLN A 53 -2.61 -10.75 8.94
N LYS A 54 -3.46 -10.22 8.08
CA LYS A 54 -3.17 -10.13 6.67
C LYS A 54 -2.82 -8.70 6.28
N ILE A 55 -1.54 -8.46 6.01
CA ILE A 55 -1.06 -7.14 5.63
C ILE A 55 -0.72 -7.11 4.14
N SER A 56 -1.73 -7.28 3.31
CA SER A 56 -1.54 -7.27 1.86
C SER A 56 -1.82 -5.88 1.28
N VAL A 57 -0.76 -5.14 1.02
CA VAL A 57 -0.87 -3.80 0.48
C VAL A 57 -0.90 -3.85 -1.05
N HIS A 58 -2.10 -3.81 -1.61
CA HIS A 58 -2.25 -3.85 -3.06
C HIS A 58 -2.47 -2.45 -3.64
N VAL A 59 -1.37 -1.79 -4.02
CA VAL A 59 -1.45 -0.45 -4.58
C VAL A 59 -1.46 -0.51 -6.12
N LYS A 60 -2.62 -0.79 -6.67
CA LYS A 60 -2.77 -0.89 -8.12
C LYS A 60 -3.02 0.48 -8.74
N LEU A 61 -1.99 1.32 -8.72
CA LEU A 61 -2.09 2.66 -9.30
C LEU A 61 -1.91 2.60 -10.82
N GLY A 62 -0.65 2.51 -11.25
CA GLY A 62 -0.36 2.44 -12.66
C GLY A 62 0.92 3.17 -13.01
N ASN A 63 0.79 4.33 -13.61
CA ASN A 63 1.94 5.12 -14.02
C ASN A 63 2.22 6.25 -13.02
N ARG A 64 1.79 6.06 -11.78
CA ARG A 64 1.99 7.06 -10.75
C ARG A 64 3.46 7.12 -10.34
N PHE A 65 4.11 5.96 -10.39
CA PHE A 65 5.52 5.83 -10.03
C PHE A 65 5.75 6.32 -8.61
N LEU A 66 5.12 5.65 -7.67
CA LEU A 66 5.23 6.00 -6.26
C LEU A 66 6.66 5.73 -5.77
N TYR A 67 7.07 6.42 -4.72
CA TYR A 67 8.40 6.26 -4.17
C TYR A 67 8.52 4.93 -3.44
N LYS A 68 8.84 3.89 -4.20
CA LYS A 68 9.00 2.54 -3.66
C LYS A 68 9.98 2.52 -2.50
N GLU A 69 11.11 3.19 -2.69
CA GLU A 69 12.16 3.28 -1.68
C GLU A 69 11.61 3.79 -0.34
N GLN A 70 10.67 4.72 -0.41
CA GLN A 70 10.07 5.30 0.79
C GLN A 70 9.25 4.28 1.57
N GLU A 71 8.44 3.52 0.85
CA GLU A 71 7.61 2.51 1.50
C GLU A 71 8.47 1.34 1.93
N GLU A 72 9.50 1.06 1.16
CA GLU A 72 10.40 -0.04 1.46
C GLU A 72 11.16 0.21 2.76
N GLN A 73 11.75 1.41 2.90
CA GLN A 73 12.52 1.75 4.09
C GLN A 73 11.70 1.63 5.37
N LEU A 74 10.40 1.90 5.30
CA LEU A 74 9.55 1.81 6.49
C LEU A 74 9.11 0.35 6.70
N THR A 75 8.94 -0.37 5.61
CA THR A 75 8.54 -1.77 5.68
C THR A 75 9.71 -2.64 6.15
N GLU A 76 10.92 -2.17 5.86
CA GLU A 76 12.16 -2.87 6.22
C GLU A 76 12.16 -3.28 7.70
N LEU A 77 11.60 -2.42 8.55
CA LEU A 77 11.53 -2.70 9.98
C LEU A 77 10.76 -3.98 10.25
N ILE A 78 9.56 -4.06 9.68
CA ILE A 78 8.70 -5.22 9.86
C ILE A 78 9.18 -6.39 9.01
N ALA A 79 9.79 -6.08 7.87
CA ALA A 79 10.29 -7.10 6.95
C ALA A 79 11.36 -7.97 7.59
N SER A 80 12.02 -7.45 8.62
CA SER A 80 13.06 -8.19 9.33
C SER A 80 12.46 -9.40 10.05
N LYS A 81 11.21 -9.27 10.46
CA LYS A 81 10.52 -10.33 11.17
C LYS A 81 9.09 -10.45 10.63
N LYS A 82 8.98 -10.48 9.32
CA LYS A 82 7.68 -10.58 8.66
C LYS A 82 7.08 -11.97 8.83
N ASP A 83 6.52 -12.21 10.00
CA ASP A 83 5.88 -13.49 10.30
C ASP A 83 4.41 -13.42 9.93
N LEU A 84 4.00 -12.23 9.49
CA LEU A 84 2.61 -11.98 9.10
C LEU A 84 2.46 -12.15 7.60
N PHE A 85 1.23 -12.11 7.12
CA PHE A 85 0.96 -12.24 5.69
C PHE A 85 1.07 -10.87 5.02
N VAL A 86 2.28 -10.34 4.98
CA VAL A 86 2.53 -9.03 4.40
C VAL A 86 3.08 -9.14 2.98
N HIS A 87 2.38 -8.51 2.03
CA HIS A 87 2.80 -8.54 0.63
C HIS A 87 2.25 -7.32 -0.09
N SER A 88 3.15 -6.58 -0.73
CA SER A 88 2.75 -5.37 -1.46
C SER A 88 3.07 -5.54 -2.95
N ILE A 89 2.17 -5.03 -3.78
CA ILE A 89 2.34 -5.11 -5.23
C ILE A 89 1.72 -3.90 -5.90
N ASP A 90 2.44 -3.32 -6.86
CA ASP A 90 1.94 -2.15 -7.58
C ASP A 90 1.64 -2.53 -9.03
N SER A 91 1.34 -1.55 -9.88
CA SER A 91 1.03 -1.83 -11.27
C SER A 91 1.86 -0.98 -12.21
N GLU A 92 3.18 -1.07 -12.09
CA GLU A 92 4.09 -0.32 -12.93
C GLU A 92 4.11 -0.87 -14.36
N VAL A 93 4.77 -0.15 -15.26
CA VAL A 93 4.86 -0.56 -16.65
C VAL A 93 6.32 -0.72 -17.07
N ILE A 94 7.21 -0.08 -16.34
CA ILE A 94 8.63 -0.15 -16.64
C ILE A 94 9.45 -0.04 -15.35
N THR A 95 10.26 -1.04 -15.09
CA THR A 95 11.10 -1.06 -13.91
C THR A 95 12.43 -0.40 -14.18
N LYS A 96 12.62 0.82 -13.67
CA LYS A 96 13.86 1.54 -13.87
C LYS A 96 14.06 2.58 -12.77
N LYS A 97 15.32 2.82 -12.42
CA LYS A 97 15.66 3.80 -11.41
C LYS A 97 17.01 4.41 -11.75
N GLU A 98 17.05 5.73 -11.79
CA GLU A 98 18.27 6.46 -12.11
C GLU A 98 19.29 6.37 -10.98
N ALA A 99 20.17 5.38 -11.07
CA ALA A 99 21.19 5.17 -10.06
C ALA A 99 22.40 6.05 -10.34
N GLN A 100 22.20 7.35 -10.21
CA GLN A 100 23.27 8.32 -10.44
C GLN A 100 24.06 8.54 -9.15
N GLN A 101 25.36 8.78 -9.29
CA GLN A 101 26.22 8.99 -8.14
C GLN A 101 26.06 10.41 -7.58
N ILE A 102 25.03 10.60 -6.77
CA ILE A 102 24.77 11.88 -6.14
C ILE A 102 24.42 11.67 -4.66
N ARG A 103 25.37 12.01 -3.80
CA ARG A 103 25.18 11.82 -2.36
C ARG A 103 25.08 13.16 -1.64
N GLU A 104 23.99 13.35 -0.92
CA GLU A 104 23.78 14.57 -0.15
C GLU A 104 24.54 14.47 1.17
N GLU A 105 24.84 13.25 1.58
CA GLU A 105 25.58 13.00 2.80
C GLU A 105 26.99 12.58 2.48
N GLY A 1 -26.40 -4.56 4.67
CA GLY A 1 -25.46 -5.60 4.21
C GLY A 1 -26.08 -6.53 3.19
N SER A 2 -25.32 -7.54 2.77
CA SER A 2 -25.76 -8.52 1.78
C SER A 2 -26.17 -7.84 0.48
N HIS A 3 -25.19 -7.24 -0.19
CA HIS A 3 -25.45 -6.54 -1.45
C HIS A 3 -24.39 -6.93 -2.48
N MET A 4 -24.76 -6.88 -3.75
CA MET A 4 -23.84 -7.23 -4.82
C MET A 4 -22.96 -6.04 -5.17
N LYS A 5 -21.74 -6.33 -5.62
CA LYS A 5 -20.81 -5.29 -6.00
C LYS A 5 -20.65 -5.29 -7.52
N THR A 6 -21.06 -4.20 -8.15
CA THR A 6 -20.98 -4.07 -9.60
C THR A 6 -19.62 -3.53 -10.04
N LYS A 7 -19.37 -3.59 -11.34
CA LYS A 7 -18.12 -3.11 -11.92
C LYS A 7 -17.95 -1.60 -11.71
N LYS A 8 -16.71 -1.15 -11.63
CA LYS A 8 -16.42 0.26 -11.42
C LYS A 8 -15.12 0.65 -12.14
N GLN A 9 -14.88 1.95 -12.28
CA GLN A 9 -13.66 2.42 -12.94
C GLN A 9 -12.60 2.78 -11.91
N GLN A 10 -13.04 3.13 -10.70
CA GLN A 10 -12.13 3.49 -9.62
C GLN A 10 -12.76 3.13 -8.28
N TYR A 11 -11.95 2.65 -7.35
CA TYR A 11 -12.45 2.28 -6.03
C TYR A 11 -11.35 2.39 -4.99
N VAL A 12 -11.75 2.61 -3.75
CA VAL A 12 -10.80 2.72 -2.64
C VAL A 12 -11.38 2.06 -1.39
N THR A 13 -10.55 1.31 -0.69
CA THR A 13 -10.98 0.63 0.53
C THR A 13 -9.79 0.37 1.44
N ILE A 14 -9.99 0.51 2.74
CA ILE A 14 -8.95 0.29 3.73
C ILE A 14 -9.50 -0.50 4.91
N LYS A 15 -8.92 -1.66 5.18
CA LYS A 15 -9.35 -2.49 6.29
C LYS A 15 -8.17 -2.83 7.19
N GLY A 16 -8.07 -2.12 8.31
CA GLY A 16 -6.99 -2.37 9.25
C GLY A 16 -7.50 -2.56 10.66
N THR A 17 -8.71 -3.08 10.78
CA THR A 17 -9.32 -3.32 12.07
C THR A 17 -9.67 -4.79 12.23
N LYS A 18 -9.44 -5.33 13.43
CA LYS A 18 -9.71 -6.74 13.75
C LYS A 18 -8.99 -7.68 12.79
N ASN A 19 -7.80 -7.27 12.38
CA ASN A 19 -6.98 -8.05 11.45
C ASN A 19 -5.63 -7.35 11.27
N GLY A 20 -5.12 -7.35 10.04
CA GLY A 20 -3.87 -6.70 9.77
C GLY A 20 -4.05 -5.38 9.08
N LEU A 21 -3.84 -5.37 7.77
CA LEU A 21 -3.97 -4.15 6.98
C LEU A 21 -4.18 -4.48 5.51
N THR A 22 -5.42 -4.47 5.08
CA THR A 22 -5.75 -4.76 3.70
C THR A 22 -6.28 -3.49 3.03
N LEU A 23 -5.54 -2.99 2.05
CA LEU A 23 -5.93 -1.79 1.34
C LEU A 23 -5.78 -1.98 -0.16
N HIS A 24 -6.63 -1.29 -0.92
CA HIS A 24 -6.61 -1.40 -2.37
C HIS A 24 -7.27 -0.17 -3.00
N LEU A 25 -6.54 0.47 -3.90
CA LEU A 25 -7.05 1.64 -4.61
C LEU A 25 -6.89 1.41 -6.11
N ASP A 26 -7.94 1.67 -6.88
CA ASP A 26 -7.91 1.49 -8.33
C ASP A 26 -8.00 2.83 -9.05
N ASP A 27 -6.87 3.51 -9.16
CA ASP A 27 -6.80 4.80 -9.84
C ASP A 27 -5.40 4.99 -10.42
N ALA A 28 -5.32 5.21 -11.72
CA ALA A 28 -4.04 5.37 -12.39
C ALA A 28 -3.52 6.81 -12.36
N CYS A 29 -2.20 6.93 -12.21
CA CYS A 29 -1.52 8.22 -12.18
C CYS A 29 -2.07 9.16 -11.11
N SER A 30 -1.87 8.79 -9.86
CA SER A 30 -2.33 9.60 -8.73
C SER A 30 -1.38 9.50 -7.55
N PHE A 31 -1.63 10.31 -6.53
CA PHE A 31 -0.81 10.29 -5.33
C PHE A 31 -1.65 9.76 -4.17
N ASP A 32 -1.44 8.50 -3.84
CA ASP A 32 -2.17 7.85 -2.75
C ASP A 32 -1.55 8.17 -1.41
N GLU A 33 -1.24 9.45 -1.19
CA GLU A 33 -0.64 9.91 0.04
C GLU A 33 -1.51 9.58 1.24
N LEU A 34 -2.83 9.67 1.06
CA LEU A 34 -3.78 9.38 2.13
C LEU A 34 -3.78 7.88 2.43
N LEU A 35 -3.57 7.08 1.39
CA LEU A 35 -3.54 5.63 1.55
C LEU A 35 -2.27 5.23 2.30
N ASP A 36 -1.14 5.78 1.86
CA ASP A 36 0.15 5.52 2.47
C ASP A 36 0.16 6.01 3.93
N GLY A 37 -0.44 7.17 4.15
CA GLY A 37 -0.51 7.73 5.49
C GLY A 37 -1.24 6.81 6.44
N LEU A 38 -2.39 6.32 6.03
CA LEU A 38 -3.18 5.41 6.85
C LEU A 38 -2.44 4.10 7.04
N GLN A 39 -1.74 3.67 5.99
CA GLN A 39 -0.95 2.45 6.03
C GLN A 39 0.09 2.51 7.15
N ASN A 40 0.80 3.63 7.22
CA ASN A 40 1.83 3.83 8.24
C ASN A 40 1.19 3.95 9.61
N MET A 41 0.13 4.76 9.69
CA MET A 41 -0.59 4.99 10.94
C MET A 41 -1.10 3.69 11.57
N LEU A 42 -1.87 2.94 10.80
CA LEU A 42 -2.45 1.68 11.28
C LEU A 42 -1.38 0.67 11.66
N SER A 43 -0.31 0.61 10.90
CA SER A 43 0.78 -0.33 11.16
C SER A 43 1.40 -0.08 12.54
N ILE A 44 1.48 1.19 12.94
CA ILE A 44 2.04 1.55 14.24
C ILE A 44 1.00 1.40 15.34
N GLU A 45 -0.25 1.70 15.02
CA GLU A 45 -1.34 1.61 15.98
C GLU A 45 -1.55 0.18 16.49
N GLN A 46 -2.00 -0.70 15.62
CA GLN A 46 -2.26 -2.08 16.02
C GLN A 46 -2.26 -3.02 14.83
N TYR A 47 -1.49 -4.10 14.95
CA TYR A 47 -1.41 -5.11 13.90
C TYR A 47 -1.56 -6.50 14.50
N THR A 48 -1.97 -6.53 15.76
CA THR A 48 -2.15 -7.76 16.49
C THR A 48 -3.55 -8.35 16.27
N ASP A 49 -3.69 -9.16 15.23
CA ASP A 49 -4.97 -9.80 14.94
C ASP A 49 -5.28 -10.86 15.99
N GLY A 50 -4.41 -11.84 16.13
CA GLY A 50 -4.64 -12.89 17.10
C GLY A 50 -4.45 -14.28 16.52
N LYS A 51 -4.85 -14.45 15.27
CA LYS A 51 -4.73 -15.75 14.61
C LYS A 51 -4.20 -15.60 13.18
N GLY A 52 -3.41 -14.56 12.97
CA GLY A 52 -2.84 -14.31 11.65
C GLY A 52 -3.48 -13.10 10.99
N GLN A 53 -2.67 -12.08 10.78
CA GLN A 53 -3.13 -10.84 10.17
C GLN A 53 -2.69 -10.74 8.72
N LYS A 54 -3.52 -10.11 7.90
CA LYS A 54 -3.23 -9.93 6.49
C LYS A 54 -2.79 -8.51 6.19
N ILE A 55 -1.49 -8.32 5.97
CA ILE A 55 -0.95 -7.01 5.64
C ILE A 55 -0.68 -6.94 4.14
N SER A 56 -1.75 -6.97 3.38
CA SER A 56 -1.65 -6.93 1.93
C SER A 56 -1.86 -5.52 1.38
N VAL A 57 -0.77 -4.85 1.07
CA VAL A 57 -0.82 -3.50 0.52
C VAL A 57 -0.96 -3.58 -1.00
N HIS A 58 -2.19 -3.59 -1.48
CA HIS A 58 -2.44 -3.70 -2.91
C HIS A 58 -2.68 -2.31 -3.53
N VAL A 59 -1.61 -1.62 -3.82
CA VAL A 59 -1.70 -0.29 -4.43
C VAL A 59 -1.80 -0.42 -5.94
N LYS A 60 -2.95 -0.86 -6.40
CA LYS A 60 -3.20 -1.05 -7.82
C LYS A 60 -3.52 0.26 -8.51
N LEU A 61 -2.59 1.20 -8.46
CA LEU A 61 -2.78 2.49 -9.09
C LEU A 61 -2.50 2.40 -10.58
N GLY A 62 -1.22 2.39 -10.93
CA GLY A 62 -0.86 2.31 -12.33
C GLY A 62 -0.06 3.50 -12.78
N ASN A 63 1.27 3.35 -12.77
CA ASN A 63 2.19 4.41 -13.18
C ASN A 63 2.03 5.64 -12.28
N ARG A 64 2.01 5.37 -10.98
CA ARG A 64 1.86 6.43 -9.98
C ARG A 64 3.21 7.07 -9.69
N PHE A 65 4.27 6.25 -9.77
CA PHE A 65 5.63 6.71 -9.53
C PHE A 65 5.73 7.42 -8.17
N LEU A 66 5.44 6.67 -7.11
CA LEU A 66 5.48 7.22 -5.76
C LEU A 66 6.87 7.07 -5.14
N TYR A 67 6.95 7.34 -3.85
CA TYR A 67 8.22 7.26 -3.12
C TYR A 67 8.48 5.84 -2.63
N LYS A 68 8.97 4.99 -3.53
CA LYS A 68 9.27 3.60 -3.18
C LYS A 68 10.29 3.52 -2.06
N GLU A 69 11.19 4.48 -2.02
CA GLU A 69 12.22 4.53 -0.99
C GLU A 69 11.58 4.60 0.39
N GLN A 70 10.55 5.42 0.52
CA GLN A 70 9.85 5.59 1.79
C GLN A 70 9.12 4.30 2.16
N GLU A 71 8.51 3.67 1.17
CA GLU A 71 7.77 2.44 1.39
C GLU A 71 8.71 1.33 1.86
N GLU A 72 9.81 1.15 1.13
CA GLU A 72 10.78 0.10 1.44
C GLU A 72 11.44 0.30 2.80
N GLN A 73 11.85 1.52 3.13
CA GLN A 73 12.51 1.78 4.42
C GLN A 73 11.62 1.41 5.60
N LEU A 74 10.33 1.70 5.50
CA LEU A 74 9.41 1.39 6.59
C LEU A 74 9.10 -0.10 6.61
N THR A 75 9.06 -0.71 5.43
CA THR A 75 8.77 -2.13 5.32
C THR A 75 9.92 -2.96 5.87
N GLU A 76 11.15 -2.45 5.74
CA GLU A 76 12.33 -3.15 6.22
C GLU A 76 12.25 -3.44 7.72
N LEU A 77 11.62 -2.52 8.47
CA LEU A 77 11.46 -2.69 9.91
C LEU A 77 10.63 -3.93 10.23
N ILE A 78 9.73 -4.27 9.32
CA ILE A 78 8.87 -5.44 9.50
C ILE A 78 9.40 -6.63 8.71
N ALA A 79 10.15 -6.36 7.65
CA ALA A 79 10.72 -7.41 6.81
C ALA A 79 11.70 -8.28 7.57
N SER A 80 12.27 -7.72 8.63
CA SER A 80 13.24 -8.43 9.46
C SER A 80 12.53 -9.51 10.29
N LYS A 81 11.20 -9.42 10.31
CA LYS A 81 10.37 -10.36 11.04
C LYS A 81 9.04 -10.51 10.31
N LYS A 82 9.12 -10.68 8.99
CA LYS A 82 7.94 -10.81 8.15
C LYS A 82 7.25 -12.17 8.32
N ASP A 83 6.82 -12.46 9.53
CA ASP A 83 6.12 -13.70 9.82
C ASP A 83 4.64 -13.52 9.54
N LEU A 84 4.24 -12.27 9.34
CA LEU A 84 2.87 -11.93 9.05
C LEU A 84 2.60 -12.10 7.56
N PHE A 85 1.35 -12.03 7.15
CA PHE A 85 1.02 -12.20 5.74
C PHE A 85 1.06 -10.85 5.02
N VAL A 86 2.26 -10.35 4.83
CA VAL A 86 2.46 -9.07 4.17
C VAL A 86 2.82 -9.27 2.70
N HIS A 87 2.20 -8.47 1.84
CA HIS A 87 2.46 -8.56 0.40
C HIS A 87 1.95 -7.31 -0.31
N SER A 88 2.87 -6.49 -0.79
CA SER A 88 2.54 -5.26 -1.50
C SER A 88 2.67 -5.47 -3.00
N ILE A 89 1.87 -4.77 -3.79
CA ILE A 89 1.93 -4.89 -5.24
C ILE A 89 1.53 -3.59 -5.92
N ASP A 90 2.35 -3.16 -6.86
CA ASP A 90 2.10 -1.93 -7.61
C ASP A 90 1.56 -2.28 -8.99
N SER A 91 1.13 -1.29 -9.74
CA SER A 91 0.59 -1.53 -11.08
C SER A 91 1.33 -0.70 -12.12
N GLU A 92 2.61 -0.48 -11.88
CA GLU A 92 3.43 0.29 -12.79
C GLU A 92 3.90 -0.62 -13.93
N VAL A 93 4.10 -0.05 -15.11
CA VAL A 93 4.54 -0.83 -16.26
C VAL A 93 6.07 -0.91 -16.32
N ILE A 94 6.71 -0.10 -15.49
CA ILE A 94 8.17 -0.04 -15.43
C ILE A 94 8.73 -1.30 -14.77
N THR A 95 9.43 -2.11 -15.55
CA THR A 95 10.01 -3.35 -15.06
C THR A 95 11.51 -3.20 -14.82
N LYS A 96 12.06 -2.05 -15.21
CA LYS A 96 13.49 -1.79 -15.03
C LYS A 96 13.79 -1.31 -13.62
N LYS A 97 15.07 -1.20 -13.30
CA LYS A 97 15.52 -0.75 -11.99
C LYS A 97 16.70 0.19 -12.16
N GLU A 98 16.75 1.24 -11.35
CA GLU A 98 17.83 2.21 -11.42
C GLU A 98 18.96 1.82 -10.49
N ALA A 99 20.05 1.32 -11.07
CA ALA A 99 21.21 0.91 -10.29
C ALA A 99 22.11 2.11 -9.99
N GLN A 100 21.56 3.10 -9.32
CA GLN A 100 22.32 4.30 -8.97
C GLN A 100 22.63 4.29 -7.47
N GLN A 101 23.86 4.65 -7.14
CA GLN A 101 24.28 4.69 -5.75
C GLN A 101 23.97 6.05 -5.13
N ILE A 102 22.71 6.25 -4.79
CA ILE A 102 22.27 7.49 -4.18
C ILE A 102 21.80 7.21 -2.76
N ARG A 103 22.58 7.65 -1.80
CA ARG A 103 22.27 7.44 -0.40
C ARG A 103 22.60 8.67 0.42
N GLU A 104 21.58 9.21 1.10
CA GLU A 104 21.76 10.38 1.94
C GLU A 104 21.99 9.96 3.39
N GLU A 105 22.25 8.68 3.56
CA GLU A 105 22.49 8.12 4.89
C GLU A 105 23.98 8.05 5.16
N GLY A 1 -32.20 -6.12 -1.10
CA GLY A 1 -31.47 -6.50 -2.32
C GLY A 1 -30.02 -6.80 -2.05
N SER A 2 -29.62 -8.04 -2.25
CA SER A 2 -28.23 -8.45 -2.03
C SER A 2 -27.40 -8.18 -3.28
N HIS A 3 -26.37 -7.38 -3.15
CA HIS A 3 -25.51 -7.04 -4.27
C HIS A 3 -24.09 -7.57 -4.04
N MET A 4 -23.56 -8.27 -5.03
CA MET A 4 -22.22 -8.82 -4.94
C MET A 4 -21.19 -7.77 -5.39
N LYS A 5 -19.92 -8.01 -5.08
CA LYS A 5 -18.88 -7.08 -5.45
C LYS A 5 -18.33 -7.41 -6.84
N THR A 6 -18.94 -6.84 -7.86
CA THR A 6 -18.52 -7.06 -9.23
C THR A 6 -17.31 -6.19 -9.59
N LYS A 7 -16.95 -6.15 -10.88
CA LYS A 7 -15.80 -5.36 -11.32
C LYS A 7 -16.16 -3.87 -11.37
N LYS A 8 -15.14 -3.03 -11.39
CA LYS A 8 -15.34 -1.59 -11.42
C LYS A 8 -14.21 -0.90 -12.19
N GLN A 9 -14.34 0.40 -12.36
CA GLN A 9 -13.34 1.18 -13.06
C GLN A 9 -12.34 1.74 -12.06
N GLN A 10 -12.80 2.65 -11.21
CA GLN A 10 -11.96 3.25 -10.17
C GLN A 10 -12.59 3.06 -8.81
N TYR A 11 -11.77 2.80 -7.79
CA TYR A 11 -12.27 2.59 -6.44
C TYR A 11 -11.14 2.59 -5.42
N VAL A 12 -11.50 2.68 -4.14
CA VAL A 12 -10.53 2.66 -3.05
C VAL A 12 -11.19 2.09 -1.79
N THR A 13 -10.46 1.21 -1.10
CA THR A 13 -10.97 0.58 0.10
C THR A 13 -9.82 0.28 1.07
N ILE A 14 -10.03 0.59 2.36
CA ILE A 14 -9.02 0.36 3.38
C ILE A 14 -9.61 -0.45 4.53
N LYS A 15 -8.88 -1.47 4.96
CA LYS A 15 -9.32 -2.33 6.06
C LYS A 15 -8.14 -2.59 7.01
N GLY A 16 -8.17 -1.96 8.17
CA GLY A 16 -7.11 -2.15 9.14
C GLY A 16 -7.61 -2.09 10.57
N THR A 17 -8.41 -3.08 10.95
CA THR A 17 -8.94 -3.14 12.30
C THR A 17 -9.12 -4.58 12.73
N LYS A 18 -8.52 -4.93 13.88
CA LYS A 18 -8.58 -6.29 14.42
C LYS A 18 -8.00 -7.28 13.42
N ASN A 19 -7.00 -6.82 12.68
CA ASN A 19 -6.34 -7.62 11.67
C ASN A 19 -5.02 -6.95 11.28
N GLY A 20 -4.49 -7.27 10.11
CA GLY A 20 -3.25 -6.67 9.68
C GLY A 20 -3.47 -5.38 8.93
N LEU A 21 -3.48 -5.46 7.62
CA LEU A 21 -3.66 -4.28 6.79
C LEU A 21 -4.00 -4.70 5.35
N THR A 22 -5.27 -4.58 4.99
CA THR A 22 -5.71 -4.94 3.65
C THR A 22 -6.36 -3.74 2.98
N LEU A 23 -5.75 -3.27 1.91
CA LEU A 23 -6.28 -2.12 1.19
C LEU A 23 -5.93 -2.19 -0.28
N HIS A 24 -6.59 -1.35 -1.08
CA HIS A 24 -6.34 -1.29 -2.50
C HIS A 24 -6.90 -0.01 -3.08
N LEU A 25 -6.12 0.60 -3.97
CA LEU A 25 -6.52 1.82 -4.63
C LEU A 25 -6.42 1.58 -6.13
N ASP A 26 -7.53 1.75 -6.83
CA ASP A 26 -7.58 1.52 -8.26
C ASP A 26 -7.81 2.82 -9.00
N ASP A 27 -6.75 3.56 -9.24
CA ASP A 27 -6.79 4.83 -9.95
C ASP A 27 -5.40 5.21 -10.40
N ALA A 28 -5.24 5.45 -11.70
CA ALA A 28 -3.94 5.80 -12.25
C ALA A 28 -3.71 7.31 -12.25
N CYS A 29 -2.43 7.69 -12.29
CA CYS A 29 -2.04 9.09 -12.31
C CYS A 29 -2.54 9.86 -11.09
N SER A 30 -2.21 9.38 -9.91
CA SER A 30 -2.63 10.02 -8.68
C SER A 30 -1.60 9.76 -7.57
N PHE A 31 -1.72 10.49 -6.47
CA PHE A 31 -0.82 10.33 -5.35
C PHE A 31 -1.55 9.73 -4.17
N ASP A 32 -1.19 8.49 -3.84
CA ASP A 32 -1.80 7.75 -2.75
C ASP A 32 -1.19 8.15 -1.40
N GLU A 33 -1.06 9.45 -1.18
CA GLU A 33 -0.49 9.98 0.05
C GLU A 33 -1.34 9.63 1.27
N LEU A 34 -2.66 9.79 1.14
CA LEU A 34 -3.57 9.48 2.24
C LEU A 34 -3.56 8.00 2.55
N LEU A 35 -3.42 7.19 1.50
CA LEU A 35 -3.39 5.74 1.65
C LEU A 35 -2.18 5.33 2.47
N ASP A 36 -1.02 5.89 2.11
CA ASP A 36 0.23 5.62 2.80
C ASP A 36 0.13 6.01 4.28
N GLY A 37 -0.55 7.12 4.54
CA GLY A 37 -0.73 7.59 5.90
C GLY A 37 -1.46 6.57 6.75
N LEU A 38 -2.49 5.96 6.16
CA LEU A 38 -3.28 4.96 6.86
C LEU A 38 -2.41 3.73 7.16
N GLN A 39 -1.61 3.33 6.18
CA GLN A 39 -0.72 2.18 6.32
C GLN A 39 0.16 2.34 7.54
N ASN A 40 0.81 3.49 7.63
CA ASN A 40 1.72 3.79 8.74
C ASN A 40 0.98 3.84 10.07
N MET A 41 -0.06 4.66 10.14
CA MET A 41 -0.85 4.82 11.36
C MET A 41 -1.38 3.50 11.90
N LEU A 42 -2.01 2.72 11.03
CA LEU A 42 -2.60 1.44 11.43
C LEU A 42 -1.54 0.46 11.95
N SER A 43 -0.39 0.41 11.29
CA SER A 43 0.68 -0.50 11.68
C SER A 43 1.21 -0.16 13.09
N ILE A 44 1.29 1.13 13.40
CA ILE A 44 1.78 1.56 14.70
C ILE A 44 0.66 1.47 15.74
N GLU A 45 -0.58 1.49 15.27
CA GLU A 45 -1.74 1.42 16.12
C GLU A 45 -1.98 0.00 16.61
N GLN A 46 -2.01 -0.96 15.69
CA GLN A 46 -2.23 -2.35 16.03
C GLN A 46 -1.61 -3.27 15.00
N TYR A 47 -1.31 -4.48 15.41
CA TYR A 47 -0.71 -5.47 14.51
C TYR A 47 -1.04 -6.88 14.96
N THR A 48 -1.19 -7.09 16.26
CA THR A 48 -1.51 -8.40 16.79
C THR A 48 -3.02 -8.64 16.72
N ASP A 49 -3.48 -9.21 15.61
CA ASP A 49 -4.90 -9.49 15.42
C ASP A 49 -5.38 -10.56 16.41
N GLY A 50 -4.67 -11.69 16.43
CA GLY A 50 -5.02 -12.76 17.34
C GLY A 50 -5.26 -14.09 16.65
N LYS A 51 -5.34 -14.09 15.31
CA LYS A 51 -5.57 -15.34 14.60
C LYS A 51 -4.98 -15.32 13.19
N GLY A 52 -3.91 -14.56 12.99
CA GLY A 52 -3.26 -14.47 11.70
C GLY A 52 -3.66 -13.22 10.95
N GLN A 53 -2.86 -12.18 11.10
CA GLN A 53 -3.11 -10.90 10.46
C GLN A 53 -2.63 -10.89 9.00
N LYS A 54 -3.46 -10.32 8.15
CA LYS A 54 -3.16 -10.24 6.73
C LYS A 54 -2.82 -8.81 6.34
N ILE A 55 -1.57 -8.60 5.96
CA ILE A 55 -1.09 -7.28 5.55
C ILE A 55 -0.85 -7.25 4.04
N SER A 56 -1.91 -7.43 3.28
CA SER A 56 -1.82 -7.43 1.83
C SER A 56 -1.98 -6.01 1.28
N VAL A 57 -0.87 -5.33 1.09
CA VAL A 57 -0.86 -3.97 0.56
C VAL A 57 -0.85 -4.03 -0.96
N HIS A 58 -2.02 -3.98 -1.56
CA HIS A 58 -2.14 -4.05 -3.01
C HIS A 58 -2.52 -2.69 -3.60
N VAL A 59 -1.60 -2.10 -4.34
CA VAL A 59 -1.86 -0.82 -4.98
C VAL A 59 -2.00 -1.01 -6.48
N LYS A 60 -3.18 -0.71 -7.00
CA LYS A 60 -3.45 -0.87 -8.42
C LYS A 60 -3.63 0.50 -9.08
N LEU A 61 -2.71 1.40 -8.79
CA LEU A 61 -2.77 2.75 -9.34
C LEU A 61 -2.34 2.74 -10.80
N GLY A 62 -1.03 2.67 -11.01
CA GLY A 62 -0.50 2.68 -12.35
C GLY A 62 0.17 4.00 -12.66
N ASN A 63 1.46 3.92 -13.02
CA ASN A 63 2.28 5.08 -13.36
C ASN A 63 2.09 6.24 -12.37
N ARG A 64 1.97 5.90 -11.09
CA ARG A 64 1.79 6.91 -10.04
C ARG A 64 3.08 7.70 -9.84
N PHE A 65 4.20 7.06 -10.20
CA PHE A 65 5.54 7.66 -10.08
C PHE A 65 5.83 8.10 -8.65
N LEU A 66 5.27 7.37 -7.69
CA LEU A 66 5.49 7.69 -6.29
C LEU A 66 6.82 7.12 -5.83
N TYR A 67 7.39 7.73 -4.79
CA TYR A 67 8.66 7.30 -4.24
C TYR A 67 8.48 5.99 -3.47
N LYS A 68 8.43 4.89 -4.22
CA LYS A 68 8.24 3.53 -3.68
C LYS A 68 9.21 3.21 -2.53
N GLU A 69 10.35 3.87 -2.52
CA GLU A 69 11.36 3.65 -1.49
C GLU A 69 10.85 4.13 -0.12
N GLN A 70 9.85 5.01 -0.10
CA GLN A 70 9.32 5.55 1.14
C GLN A 70 8.63 4.48 1.97
N GLU A 71 7.76 3.70 1.35
CA GLU A 71 7.06 2.64 2.06
C GLU A 71 8.03 1.51 2.38
N GLU A 72 9.01 1.33 1.52
CA GLU A 72 10.00 0.29 1.68
C GLU A 72 10.88 0.51 2.91
N GLN A 73 11.37 1.73 3.08
CA GLN A 73 12.24 2.04 4.22
C GLN A 73 11.57 1.78 5.57
N LEU A 74 10.24 1.85 5.61
CA LEU A 74 9.53 1.60 6.86
C LEU A 74 9.14 0.12 6.97
N THR A 75 8.83 -0.50 5.83
CA THR A 75 8.44 -1.91 5.81
C THR A 75 9.63 -2.81 6.11
N GLU A 76 10.82 -2.36 5.73
CA GLU A 76 12.05 -3.14 5.97
C GLU A 76 12.28 -3.37 7.46
N LEU A 77 11.72 -2.51 8.29
CA LEU A 77 11.84 -2.63 9.74
C LEU A 77 11.00 -3.80 10.23
N ILE A 78 10.01 -4.17 9.44
CA ILE A 78 9.12 -5.28 9.76
C ILE A 78 9.54 -6.52 8.98
N ALA A 79 10.28 -6.29 7.90
CA ALA A 79 10.76 -7.37 7.04
C ALA A 79 11.73 -8.29 7.77
N SER A 80 12.34 -7.78 8.83
CA SER A 80 13.29 -8.55 9.62
C SER A 80 12.55 -9.63 10.42
N LYS A 81 11.24 -9.47 10.52
CA LYS A 81 10.39 -10.41 11.23
C LYS A 81 9.07 -10.55 10.48
N LYS A 82 9.18 -10.71 9.17
CA LYS A 82 8.01 -10.84 8.29
C LYS A 82 7.28 -12.19 8.48
N ASP A 83 6.68 -12.36 9.64
CA ASP A 83 5.92 -13.58 9.94
C ASP A 83 4.45 -13.35 9.62
N LEU A 84 4.11 -12.10 9.36
CA LEU A 84 2.74 -11.72 9.03
C LEU A 84 2.47 -12.04 7.57
N PHE A 85 1.20 -12.13 7.20
CA PHE A 85 0.85 -12.41 5.82
C PHE A 85 0.89 -11.11 5.01
N VAL A 86 2.06 -10.53 4.94
CA VAL A 86 2.28 -9.29 4.23
C VAL A 86 2.64 -9.55 2.77
N HIS A 87 2.10 -8.72 1.88
CA HIS A 87 2.36 -8.85 0.45
C HIS A 87 1.99 -7.57 -0.28
N SER A 88 3.00 -6.81 -0.68
CA SER A 88 2.80 -5.57 -1.40
C SER A 88 2.96 -5.77 -2.91
N ILE A 89 2.25 -4.99 -3.70
CA ILE A 89 2.33 -5.08 -5.15
C ILE A 89 1.74 -3.82 -5.80
N ASP A 90 2.35 -3.35 -6.88
CA ASP A 90 1.89 -2.15 -7.58
C ASP A 90 1.77 -2.42 -9.07
N SER A 91 1.13 -1.52 -9.80
CA SER A 91 0.95 -1.68 -11.22
C SER A 91 1.93 -0.80 -11.99
N GLU A 92 3.02 -1.41 -12.46
CA GLU A 92 4.03 -0.69 -13.22
C GLU A 92 4.10 -1.22 -14.65
N VAL A 93 4.46 -0.35 -15.57
CA VAL A 93 4.57 -0.72 -16.97
C VAL A 93 6.02 -0.64 -17.45
N ILE A 94 6.90 -0.21 -16.56
CA ILE A 94 8.31 -0.07 -16.86
C ILE A 94 9.13 -0.11 -15.57
N THR A 95 10.39 -0.52 -15.68
CA THR A 95 11.28 -0.60 -14.54
C THR A 95 11.75 0.80 -14.14
N LYS A 96 12.34 0.90 -12.95
CA LYS A 96 12.83 2.17 -12.45
C LYS A 96 14.35 2.23 -12.53
N LYS A 97 14.89 3.44 -12.58
CA LYS A 97 16.34 3.64 -12.67
C LYS A 97 16.97 3.57 -11.27
N GLU A 98 18.26 3.83 -11.18
CA GLU A 98 18.95 3.81 -9.90
C GLU A 98 18.68 5.10 -9.15
N ALA A 99 18.29 4.96 -7.89
CA ALA A 99 18.00 6.10 -7.06
C ALA A 99 18.29 5.76 -5.61
N GLN A 100 19.57 5.61 -5.28
CA GLN A 100 19.97 5.28 -3.93
C GLN A 100 20.02 6.53 -3.07
N GLN A 101 19.78 6.37 -1.78
CA GLN A 101 19.79 7.50 -0.85
C GLN A 101 21.21 7.81 -0.39
N ILE A 102 22.05 8.24 -1.31
CA ILE A 102 23.42 8.59 -1.01
C ILE A 102 23.57 10.11 -1.08
N ARG A 103 23.68 10.74 0.08
CA ARG A 103 23.82 12.18 0.16
C ARG A 103 24.83 12.57 1.21
N GLU A 104 25.80 13.39 0.82
CA GLU A 104 26.84 13.84 1.75
C GLU A 104 26.58 15.29 2.15
N GLU A 105 25.49 15.84 1.64
CA GLU A 105 25.12 17.21 1.92
C GLU A 105 23.92 17.24 2.86
N GLY A 1 -36.54 7.14 -8.40
CA GLY A 1 -35.95 6.22 -7.40
C GLY A 1 -35.16 5.12 -8.05
N SER A 2 -35.22 3.93 -7.47
CA SER A 2 -34.51 2.75 -7.98
C SER A 2 -33.00 3.01 -8.05
N HIS A 3 -32.40 3.28 -6.91
CA HIS A 3 -30.96 3.51 -6.85
C HIS A 3 -30.25 2.17 -6.70
N MET A 4 -28.97 2.11 -7.04
CA MET A 4 -28.22 0.86 -6.94
C MET A 4 -26.75 1.12 -6.73
N LYS A 5 -26.13 0.28 -5.90
CA LYS A 5 -24.70 0.39 -5.62
C LYS A 5 -23.91 -0.34 -6.70
N THR A 6 -23.78 0.30 -7.84
CA THR A 6 -23.08 -0.27 -8.98
C THR A 6 -21.57 -0.16 -8.85
N LYS A 7 -20.86 -0.76 -9.81
CA LYS A 7 -19.42 -0.72 -9.83
C LYS A 7 -18.94 0.62 -10.37
N LYS A 8 -17.66 0.88 -10.21
CA LYS A 8 -17.07 2.13 -10.66
C LYS A 8 -15.65 1.90 -11.15
N GLN A 9 -15.11 2.88 -11.87
CA GLN A 9 -13.76 2.78 -12.40
C GLN A 9 -12.74 3.11 -11.33
N GLN A 10 -12.98 4.19 -10.61
CA GLN A 10 -12.09 4.61 -9.54
C GLN A 10 -12.73 4.37 -8.18
N TYR A 11 -12.08 3.55 -7.37
CA TYR A 11 -12.58 3.23 -6.05
C TYR A 11 -11.41 2.93 -5.11
N VAL A 12 -11.67 2.94 -3.81
CA VAL A 12 -10.65 2.69 -2.82
C VAL A 12 -11.27 2.27 -1.49
N THR A 13 -10.61 1.35 -0.79
CA THR A 13 -11.08 0.87 0.50
C THR A 13 -9.93 0.30 1.31
N ILE A 14 -9.83 0.75 2.56
CA ILE A 14 -8.80 0.29 3.46
C ILE A 14 -9.42 -0.43 4.66
N LYS A 15 -8.99 -1.65 4.91
CA LYS A 15 -9.51 -2.43 6.01
C LYS A 15 -8.39 -2.83 6.96
N GLY A 16 -8.31 -2.13 8.08
CA GLY A 16 -7.28 -2.41 9.06
C GLY A 16 -7.86 -2.59 10.45
N THR A 17 -8.91 -3.40 10.56
CA THR A 17 -9.55 -3.65 11.84
C THR A 17 -9.66 -5.15 12.08
N LYS A 18 -9.28 -5.59 13.29
CA LYS A 18 -9.33 -7.00 13.67
C LYS A 18 -8.56 -7.85 12.66
N ASN A 19 -7.39 -7.34 12.27
CA ASN A 19 -6.53 -8.02 11.31
C ASN A 19 -5.23 -7.23 11.16
N GLY A 20 -4.66 -7.23 9.97
CA GLY A 20 -3.43 -6.49 9.73
C GLY A 20 -3.68 -5.22 8.95
N LEU A 21 -3.60 -5.33 7.63
CA LEU A 21 -3.79 -4.17 6.77
C LEU A 21 -4.09 -4.61 5.33
N THR A 22 -5.36 -4.60 4.98
CA THR A 22 -5.78 -4.99 3.64
C THR A 22 -6.43 -3.81 2.93
N LEU A 23 -5.80 -3.32 1.87
CA LEU A 23 -6.34 -2.18 1.14
C LEU A 23 -6.10 -2.33 -0.35
N HIS A 24 -6.79 -1.50 -1.13
CA HIS A 24 -6.67 -1.51 -2.57
C HIS A 24 -7.20 -0.20 -3.15
N LEU A 25 -6.55 0.29 -4.19
CA LEU A 25 -6.95 1.53 -4.85
C LEU A 25 -6.94 1.35 -6.36
N ASP A 26 -7.89 1.98 -7.04
CA ASP A 26 -7.99 1.87 -8.50
C ASP A 26 -8.04 3.25 -9.14
N ASP A 27 -6.87 3.76 -9.50
CA ASP A 27 -6.74 5.07 -10.15
C ASP A 27 -5.29 5.26 -10.60
N ALA A 28 -5.11 5.41 -11.90
CA ALA A 28 -3.78 5.57 -12.47
C ALA A 28 -3.33 7.02 -12.47
N CYS A 29 -2.01 7.22 -12.39
CA CYS A 29 -1.39 8.55 -12.42
C CYS A 29 -1.89 9.43 -11.27
N SER A 30 -1.88 8.88 -10.06
CA SER A 30 -2.32 9.61 -8.88
C SER A 30 -1.38 9.34 -7.71
N PHE A 31 -1.21 10.34 -6.87
CA PHE A 31 -0.35 10.21 -5.69
C PHE A 31 -1.16 9.75 -4.50
N ASP A 32 -1.10 8.46 -4.22
CA ASP A 32 -1.83 7.87 -3.10
C ASP A 32 -1.11 8.08 -1.77
N GLU A 33 -0.54 9.27 -1.62
CA GLU A 33 0.18 9.63 -0.40
C GLU A 33 -0.72 9.57 0.83
N LEU A 34 -2.03 9.70 0.60
CA LEU A 34 -3.00 9.66 1.69
C LEU A 34 -3.12 8.24 2.25
N LEU A 35 -2.80 7.25 1.43
CA LEU A 35 -2.87 5.86 1.85
C LEU A 35 -1.79 5.57 2.87
N ASP A 36 -0.67 6.28 2.76
CA ASP A 36 0.44 6.12 3.67
C ASP A 36 0.01 6.49 5.09
N GLY A 37 -0.85 7.48 5.20
CA GLY A 37 -1.34 7.92 6.49
C GLY A 37 -1.96 6.80 7.28
N LEU A 38 -2.90 6.09 6.67
CA LEU A 38 -3.56 4.97 7.33
C LEU A 38 -2.61 3.79 7.47
N GLN A 39 -1.85 3.53 6.42
CA GLN A 39 -0.89 2.43 6.41
C GLN A 39 0.12 2.57 7.55
N ASN A 40 0.68 3.76 7.68
CA ASN A 40 1.67 4.05 8.71
C ASN A 40 1.04 4.01 10.10
N MET A 41 -0.08 4.72 10.27
CA MET A 41 -0.76 4.78 11.55
C MET A 41 -1.19 3.40 12.05
N LEU A 42 -1.76 2.60 11.16
CA LEU A 42 -2.23 1.26 11.54
C LEU A 42 -1.08 0.35 11.98
N SER A 43 0.08 0.51 11.34
CA SER A 43 1.25 -0.28 11.69
C SER A 43 1.68 0.00 13.13
N ILE A 44 1.51 1.24 13.57
CA ILE A 44 1.85 1.62 14.93
C ILE A 44 0.71 1.29 15.88
N GLU A 45 -0.52 1.41 15.37
CA GLU A 45 -1.73 1.14 16.14
C GLU A 45 -1.79 -0.29 16.64
N GLN A 46 -1.95 -1.23 15.71
CA GLN A 46 -2.05 -2.64 16.08
C GLN A 46 -1.56 -3.55 14.97
N TYR A 47 -0.80 -4.56 15.35
CA TYR A 47 -0.27 -5.53 14.39
C TYR A 47 -0.59 -6.95 14.85
N THR A 48 -1.01 -7.08 16.11
CA THR A 48 -1.33 -8.37 16.67
C THR A 48 -2.82 -8.65 16.61
N ASP A 49 -3.27 -9.21 15.49
CA ASP A 49 -4.68 -9.56 15.32
C ASP A 49 -5.12 -10.54 16.40
N GLY A 50 -4.33 -11.59 16.56
CA GLY A 50 -4.64 -12.60 17.53
C GLY A 50 -4.18 -13.97 17.06
N LYS A 51 -4.65 -14.38 15.88
CA LYS A 51 -4.30 -15.68 15.33
C LYS A 51 -4.06 -15.62 13.83
N GLY A 52 -3.68 -14.46 13.33
CA GLY A 52 -3.42 -14.31 11.91
C GLY A 52 -3.79 -12.95 11.36
N GLN A 53 -2.77 -12.17 11.00
CA GLN A 53 -2.97 -10.85 10.44
C GLN A 53 -2.52 -10.82 8.99
N LYS A 54 -3.33 -10.20 8.13
CA LYS A 54 -3.03 -10.11 6.71
C LYS A 54 -2.75 -8.68 6.28
N ILE A 55 -1.54 -8.44 5.83
CA ILE A 55 -1.13 -7.13 5.37
C ILE A 55 -0.91 -7.16 3.85
N SER A 56 -1.99 -7.39 3.13
CA SER A 56 -1.92 -7.44 1.67
C SER A 56 -2.23 -6.08 1.06
N VAL A 57 -1.20 -5.24 0.98
CA VAL A 57 -1.35 -3.91 0.41
C VAL A 57 -1.32 -3.98 -1.11
N HIS A 58 -2.50 -3.97 -1.72
CA HIS A 58 -2.58 -4.06 -3.17
C HIS A 58 -2.94 -2.71 -3.78
N VAL A 59 -1.95 -2.05 -4.35
CA VAL A 59 -2.16 -0.75 -4.97
C VAL A 59 -2.19 -0.90 -6.49
N LYS A 60 -3.39 -0.91 -7.06
CA LYS A 60 -3.54 -1.05 -8.50
C LYS A 60 -3.69 0.31 -9.16
N LEU A 61 -2.68 1.15 -9.00
CA LEU A 61 -2.71 2.47 -9.57
C LEU A 61 -2.09 2.48 -10.96
N GLY A 62 -0.79 2.28 -10.99
CA GLY A 62 -0.08 2.28 -12.24
C GLY A 62 0.63 3.60 -12.44
N ASN A 63 1.95 3.55 -12.49
CA ASN A 63 2.80 4.73 -12.65
C ASN A 63 2.35 5.87 -11.72
N ARG A 64 2.08 5.51 -10.47
CA ARG A 64 1.63 6.47 -9.46
C ARG A 64 2.71 7.50 -9.16
N PHE A 65 3.93 7.18 -9.55
CA PHE A 65 5.09 8.06 -9.36
C PHE A 65 5.43 8.25 -7.89
N LEU A 66 4.87 7.40 -7.03
CA LEU A 66 5.15 7.49 -5.62
C LEU A 66 6.50 6.85 -5.34
N TYR A 67 7.18 7.36 -4.32
CA TYR A 67 8.50 6.87 -3.96
C TYR A 67 8.41 5.43 -3.45
N LYS A 68 8.88 4.49 -4.27
CA LYS A 68 8.85 3.08 -3.91
C LYS A 68 9.67 2.84 -2.64
N GLU A 69 10.81 3.50 -2.56
CA GLU A 69 11.71 3.38 -1.43
C GLU A 69 11.02 3.85 -0.13
N GLN A 70 10.00 4.70 -0.27
CA GLN A 70 9.27 5.19 0.89
C GLN A 70 8.54 4.04 1.57
N GLU A 71 8.01 3.14 0.75
CA GLU A 71 7.31 1.97 1.25
C GLU A 71 8.30 0.99 1.85
N GLU A 72 9.46 0.87 1.20
CA GLU A 72 10.51 -0.01 1.64
C GLU A 72 11.08 0.41 3.00
N GLN A 73 11.39 1.70 3.14
CA GLN A 73 11.96 2.21 4.39
C GLN A 73 11.01 2.03 5.58
N LEU A 74 9.70 2.04 5.34
CA LEU A 74 8.76 1.89 6.44
C LEU A 74 8.53 0.40 6.73
N THR A 75 8.58 -0.43 5.71
CA THR A 75 8.37 -1.86 5.89
C THR A 75 9.65 -2.52 6.40
N GLU A 76 10.77 -1.80 6.32
CA GLU A 76 12.07 -2.29 6.77
C GLU A 76 12.06 -2.64 8.26
N LEU A 77 11.33 -1.87 9.05
CA LEU A 77 11.25 -2.11 10.49
C LEU A 77 10.61 -3.46 10.76
N ILE A 78 9.72 -3.88 9.88
CA ILE A 78 9.03 -5.14 10.02
C ILE A 78 9.66 -6.20 9.13
N ALA A 79 10.59 -5.78 8.28
CA ALA A 79 11.26 -6.69 7.34
C ALA A 79 12.10 -7.74 8.07
N SER A 80 12.60 -7.37 9.23
CA SER A 80 13.43 -8.26 10.03
C SER A 80 12.57 -9.33 10.73
N LYS A 81 11.25 -9.19 10.59
CA LYS A 81 10.33 -10.13 11.20
C LYS A 81 9.01 -10.16 10.44
N LYS A 82 9.10 -10.10 9.11
CA LYS A 82 7.92 -10.11 8.26
C LYS A 82 7.39 -11.53 8.12
N ASP A 83 6.91 -12.07 9.22
CA ASP A 83 6.37 -13.43 9.26
C ASP A 83 4.85 -13.37 9.18
N LEU A 84 4.34 -12.25 8.71
CA LEU A 84 2.90 -12.05 8.57
C LEU A 84 2.48 -12.29 7.13
N PHE A 85 1.19 -12.17 6.86
CA PHE A 85 0.68 -12.36 5.51
C PHE A 85 0.72 -11.04 4.75
N VAL A 86 1.94 -10.59 4.48
CA VAL A 86 2.15 -9.33 3.78
C VAL A 86 2.39 -9.55 2.29
N HIS A 87 1.80 -8.70 1.47
CA HIS A 87 1.94 -8.79 0.02
C HIS A 87 1.57 -7.46 -0.64
N SER A 88 2.57 -6.77 -1.18
CA SER A 88 2.33 -5.49 -1.83
C SER A 88 2.66 -5.59 -3.32
N ILE A 89 1.93 -4.85 -4.14
CA ILE A 89 2.16 -4.85 -5.58
C ILE A 89 1.40 -3.71 -6.26
N ASP A 90 2.02 -3.09 -7.25
CA ASP A 90 1.43 -1.99 -8.01
C ASP A 90 1.43 -2.34 -9.50
N SER A 91 0.73 -1.56 -10.29
CA SER A 91 0.67 -1.80 -11.73
C SER A 91 1.92 -1.22 -12.40
N GLU A 92 3.05 -1.90 -12.18
CA GLU A 92 4.33 -1.49 -12.73
C GLU A 92 4.43 -1.86 -14.22
N VAL A 93 4.34 -0.87 -15.08
CA VAL A 93 4.45 -1.08 -16.51
C VAL A 93 5.85 -0.70 -16.99
N ILE A 94 6.68 -0.28 -16.05
CA ILE A 94 8.04 0.13 -16.33
C ILE A 94 9.00 -1.01 -16.01
N THR A 95 9.83 -1.37 -16.97
CA THR A 95 10.79 -2.45 -16.79
C THR A 95 12.02 -1.95 -16.02
N LYS A 96 11.86 -1.80 -14.71
CA LYS A 96 12.93 -1.34 -13.85
C LYS A 96 13.78 -2.51 -13.38
N LYS A 97 15.09 -2.36 -13.50
CA LYS A 97 16.02 -3.41 -13.07
C LYS A 97 16.08 -3.46 -11.54
N GLU A 98 16.39 -4.63 -11.02
CA GLU A 98 16.47 -4.82 -9.57
C GLU A 98 17.80 -4.31 -9.03
N ALA A 99 17.73 -3.47 -8.01
CA ALA A 99 18.91 -2.92 -7.39
C ALA A 99 18.94 -3.26 -5.91
N GLN A 100 19.56 -4.38 -5.59
CA GLN A 100 19.66 -4.83 -4.21
C GLN A 100 20.85 -4.16 -3.52
N GLN A 101 20.64 -3.74 -2.28
CA GLN A 101 21.68 -3.08 -1.53
C GLN A 101 22.60 -4.10 -0.85
N ILE A 102 23.45 -4.72 -1.65
CA ILE A 102 24.41 -5.70 -1.16
C ILE A 102 25.82 -5.22 -1.44
N ARG A 103 26.52 -4.83 -0.40
CA ARG A 103 27.89 -4.34 -0.55
C ARG A 103 28.84 -5.18 0.28
N GLU A 104 30.03 -5.39 -0.25
CA GLU A 104 31.05 -6.17 0.43
C GLU A 104 31.89 -5.25 1.33
N GLU A 105 31.46 -4.01 1.41
CA GLU A 105 32.12 -3.00 2.22
C GLU A 105 31.65 -3.11 3.67
#